data_3GG8
#
_entry.id   3GG8
#
_cell.length_a   109.023
_cell.length_b   92.311
_cell.length_c   112.443
_cell.angle_alpha   90.00
_cell.angle_beta   105.57
_cell.angle_gamma   90.00
#
_symmetry.space_group_name_H-M   'P 1 21 1'
#
loop_
_entity.id
_entity.type
_entity.pdbx_description
1 polymer 'Pyruvate kinase'
2 non-polymer 'SULFATE ION'
3 non-polymer GLYCEROL
4 water water
#
_entity_poly.entity_id   1
_entity_poly.type   'polypeptide(L)'
_entity_poly.pdbx_seq_one_letter_code
;MHHHHHHSSGRENLYFQGIRMSQILEPRSEEDWTAHRTRIVCTMGPACWNVDTLVKMIDAGMNVCRLNFSHGDHETHART
VQNIQEAMKQRPEARLAILLDTKGPEIRTGFLKDHKPITLQQGATLKIVTDYNLIGDETTIACSYGALPQSVKPGNTILI
ADGSLSVKVVEVGSDYVITQAQNTATIGERKNMNLPNVKVQLPVIGEKDKHDILNFGIPMGCNFIAASFVQSADDVRYIR
GLLGPRGRHIRIIPKIENVEGLVNFDEILAEADGIMIARGDLGMEIPPEKVFLAQKMMIAKCNVVGKPVITATQMLESMI
KNPRPTRAEAADVANAVLDGTDCVMLSGETANGEFPVITVETMARICYEAETCVDYPALYRAMCLAVPPPISTQEAVARA
AVETAECVNAAIILALTETGQTARLIAKYRPMQPILALSASESTIKHLQVIRGVTTMQVPSFQGTDHVIRNAIVVAKERE
LVTEGESIVAVHGMKEEVAGSSNLLKVLTVE
;
_entity_poly.pdbx_strand_id   A,B,C,D
#
# COMPACT_ATOMS: atom_id res chain seq x y z
N MET A 21 -15.74 16.47 -17.18
CA MET A 21 -15.39 15.95 -18.54
C MET A 21 -14.58 16.95 -19.36
N SER A 22 -15.00 18.22 -19.34
CA SER A 22 -14.47 19.24 -20.25
C SER A 22 -12.95 19.44 -20.22
N GLN A 23 -12.28 18.90 -19.22
CA GLN A 23 -10.82 18.84 -19.21
C GLN A 23 -10.34 17.97 -20.38
N ILE A 24 -11.09 16.90 -20.66
CA ILE A 24 -10.88 16.03 -21.82
C ILE A 24 -11.10 16.78 -23.14
N LEU A 25 -12.10 17.66 -23.17
CA LEU A 25 -12.50 18.44 -24.34
C LEU A 25 -11.70 19.73 -24.58
N GLU A 26 -10.57 19.89 -23.89
CA GLU A 26 -9.69 21.03 -24.12
C GLU A 26 -9.04 20.90 -25.50
N PRO A 27 -9.41 21.79 -26.43
CA PRO A 27 -8.84 21.86 -27.78
C PRO A 27 -7.32 22.13 -27.70
N ARG A 28 -6.51 21.17 -28.14
CA ARG A 28 -5.06 21.20 -27.90
C ARG A 28 -4.30 22.08 -28.87
N SER A 29 -3.40 22.90 -28.33
CA SER A 29 -2.56 23.77 -29.16
C SER A 29 -1.42 22.98 -29.81
N GLU A 30 -0.77 23.58 -30.80
CA GLU A 30 0.38 22.94 -31.45
C GLU A 30 1.46 22.67 -30.42
N GLU A 31 1.61 23.60 -29.47
CA GLU A 31 2.56 23.51 -28.35
C GLU A 31 2.35 22.24 -27.51
N ASP A 32 1.09 21.85 -27.32
CA ASP A 32 0.72 20.63 -26.59
C ASP A 32 1.08 19.34 -27.32
N TRP A 33 0.43 19.08 -28.47
CA TRP A 33 0.58 17.80 -29.15
C TRP A 33 1.94 17.57 -29.79
N THR A 34 2.71 18.65 -29.95
CA THR A 34 4.09 18.52 -30.40
C THR A 34 5.01 17.93 -29.30
N ALA A 35 4.54 17.97 -28.06
CA ALA A 35 5.28 17.41 -26.90
C ALA A 35 4.92 15.95 -26.54
N HIS A 36 4.37 15.20 -27.49
CA HIS A 36 3.99 13.81 -27.22
C HIS A 36 5.25 12.96 -27.03
N ARG A 37 5.12 11.91 -26.21
CA ARG A 37 6.26 11.12 -25.74
C ARG A 37 6.58 9.96 -26.69
N THR A 38 5.52 9.36 -27.25
CA THR A 38 5.59 8.26 -28.19
C THR A 38 6.29 8.68 -29.48
N ARG A 39 7.21 7.85 -29.96
CA ARG A 39 7.96 8.14 -31.19
C ARG A 39 7.18 7.73 -32.44
N ILE A 40 7.43 8.42 -33.56
CA ILE A 40 6.71 8.16 -34.81
C ILE A 40 7.65 7.77 -35.95
N VAL A 41 7.41 6.56 -36.48
CA VAL A 41 8.13 6.05 -37.63
C VAL A 41 7.27 6.27 -38.84
N CYS A 42 7.83 6.93 -39.85
CA CYS A 42 7.17 7.09 -41.13
C CYS A 42 7.90 6.29 -42.22
N THR A 43 7.15 5.71 -43.13
CA THR A 43 7.71 4.93 -44.22
C THR A 43 7.92 5.85 -45.39
N MET A 44 9.10 5.76 -46.00
CA MET A 44 9.43 6.63 -47.12
C MET A 44 8.82 6.10 -48.39
N GLY A 45 8.43 7.01 -49.27
CA GLY A 45 7.79 6.64 -50.53
C GLY A 45 7.57 7.85 -51.41
N PRO A 46 7.12 7.63 -52.66
CA PRO A 46 6.93 8.70 -53.65
C PRO A 46 6.03 9.86 -53.18
N ALA A 47 5.16 9.58 -52.21
CA ALA A 47 4.23 10.58 -51.72
C ALA A 47 4.87 11.59 -50.75
N CYS A 48 6.04 11.27 -50.21
CA CYS A 48 6.61 12.05 -49.11
C CYS A 48 8.12 12.33 -49.18
N TRP A 49 8.84 11.62 -50.04
CA TRP A 49 10.30 11.63 -49.97
C TRP A 49 10.99 12.91 -50.47
N ASN A 50 10.22 13.88 -50.96
CA ASN A 50 10.78 15.17 -51.38
CA ASN A 50 10.76 15.18 -51.38
C ASN A 50 11.15 16.02 -50.18
N VAL A 51 12.24 16.78 -50.30
CA VAL A 51 12.82 17.54 -49.18
C VAL A 51 11.80 18.36 -48.40
N ASP A 52 10.95 19.10 -49.09
CA ASP A 52 9.99 20.00 -48.46
C ASP A 52 8.92 19.26 -47.65
N THR A 53 8.46 18.13 -48.17
CA THR A 53 7.46 17.32 -47.46
C THR A 53 8.10 16.68 -46.22
N LEU A 54 9.31 16.16 -46.37
CA LEU A 54 10.08 15.59 -45.27
C LEU A 54 10.29 16.59 -44.12
N VAL A 55 10.52 17.86 -44.49
CA VAL A 55 10.67 18.95 -43.51
C VAL A 55 9.38 19.16 -42.72
N LYS A 56 8.26 19.30 -43.43
CA LYS A 56 6.92 19.40 -42.82
C LYS A 56 6.65 18.18 -41.94
N MET A 57 7.19 17.03 -42.34
CA MET A 57 7.04 15.82 -41.55
C MET A 57 7.84 15.85 -40.26
N ILE A 58 9.07 16.37 -40.30
CA ILE A 58 9.84 16.59 -39.08
C ILE A 58 9.06 17.48 -38.10
N ASP A 59 8.59 18.63 -38.58
CA ASP A 59 7.80 19.55 -37.73
C ASP A 59 6.54 18.88 -37.16
N ALA A 60 6.01 17.90 -37.89
CA ALA A 60 4.78 17.22 -37.53
C ALA A 60 4.96 16.14 -36.46
N GLY A 61 6.18 15.65 -36.30
CA GLY A 61 6.44 14.64 -35.28
C GLY A 61 7.30 13.45 -35.68
N MET A 62 7.56 13.30 -36.98
CA MET A 62 8.39 12.20 -37.51
C MET A 62 9.76 12.12 -36.84
N ASN A 63 10.11 10.92 -36.37
CA ASN A 63 11.33 10.69 -35.60
C ASN A 63 12.26 9.69 -36.29
N VAL A 64 11.68 8.79 -37.10
CA VAL A 64 12.41 7.71 -37.76
C VAL A 64 11.90 7.54 -39.17
N CYS A 65 12.82 7.39 -40.12
CA CYS A 65 12.48 7.14 -41.51
C CYS A 65 12.73 5.67 -41.91
N ARG A 66 11.64 4.97 -42.23
CA ARG A 66 11.66 3.58 -42.72
C ARG A 66 11.75 3.48 -44.24
N LEU A 67 12.79 2.79 -44.69
CA LEU A 67 13.01 2.46 -46.09
C LEU A 67 12.58 1.01 -46.21
N ASN A 68 11.48 0.80 -46.93
CA ASN A 68 10.94 -0.53 -47.13
C ASN A 68 11.61 -1.22 -48.31
N PHE A 69 12.53 -2.13 -48.02
CA PHE A 69 13.28 -2.83 -49.06
C PHE A 69 12.55 -3.96 -49.76
N SER A 70 11.28 -4.14 -49.42
CA SER A 70 10.37 -5.01 -50.18
C SER A 70 10.19 -4.50 -51.61
N HIS A 71 10.35 -3.19 -51.79
CA HIS A 71 10.20 -2.51 -53.09
C HIS A 71 11.43 -1.64 -53.38
N GLY A 72 11.45 -1.05 -54.57
CA GLY A 72 12.52 -0.12 -54.96
C GLY A 72 13.88 -0.77 -55.14
N ASP A 73 14.80 -0.03 -55.75
CA ASP A 73 16.19 -0.47 -55.90
C ASP A 73 17.09 0.37 -55.01
N HIS A 74 18.38 0.09 -55.05
CA HIS A 74 19.35 0.78 -54.20
C HIS A 74 19.43 2.26 -54.55
N GLU A 75 19.16 2.58 -55.82
CA GLU A 75 19.13 3.96 -56.31
C GLU A 75 18.02 4.79 -55.68
N THR A 76 16.80 4.25 -55.67
CA THR A 76 15.63 4.92 -55.11
C THR A 76 15.77 5.22 -53.62
N HIS A 77 16.17 4.22 -52.85
CA HIS A 77 16.44 4.38 -51.40
C HIS A 77 17.65 5.28 -51.09
N ALA A 78 18.65 5.29 -51.98
CA ALA A 78 19.82 6.18 -51.88
C ALA A 78 19.44 7.65 -52.01
N ARG A 79 18.60 7.97 -52.99
CA ARG A 79 18.11 9.33 -53.20
C ARG A 79 17.16 9.74 -52.07
N THR A 80 16.40 8.79 -51.55
CA THR A 80 15.58 8.99 -50.36
C THR A 80 16.45 9.41 -49.18
N VAL A 81 17.45 8.57 -48.84
CA VAL A 81 18.46 8.90 -47.83
C VAL A 81 19.05 10.30 -48.07
N GLN A 82 19.43 10.59 -49.31
CA GLN A 82 20.00 11.91 -49.67
C GLN A 82 19.01 13.04 -49.37
N ASN A 83 17.73 12.79 -49.62
CA ASN A 83 16.66 13.76 -49.33
C ASN A 83 16.40 13.98 -47.84
N ILE A 84 16.69 12.96 -47.04
CA ILE A 84 16.56 13.02 -45.59
C ILE A 84 17.70 13.87 -44.99
N GLN A 85 18.91 13.70 -45.50
CA GLN A 85 20.07 14.47 -45.06
C GLN A 85 19.92 15.96 -45.36
N GLU A 86 19.32 16.25 -46.52
CA GLU A 86 19.06 17.64 -46.91
C GLU A 86 17.98 18.26 -46.02
N ALA A 87 16.93 17.49 -45.73
CA ALA A 87 15.88 17.91 -44.79
C ALA A 87 16.42 18.22 -43.40
N MET A 88 17.38 17.40 -42.95
CA MET A 88 18.05 17.63 -41.67
C MET A 88 18.88 18.91 -41.66
N LYS A 89 19.31 19.36 -42.84
CA LYS A 89 20.00 20.65 -42.97
C LYS A 89 19.05 21.80 -42.65
N GLN A 90 17.79 21.65 -43.04
CA GLN A 90 16.77 22.65 -42.75
C GLN A 90 16.32 22.56 -41.29
N ARG A 91 16.66 21.45 -40.64
CA ARG A 91 16.35 21.24 -39.22
C ARG A 91 17.56 20.67 -38.45
N PRO A 92 18.51 21.56 -38.05
CA PRO A 92 19.78 21.12 -37.46
C PRO A 92 19.61 20.42 -36.12
N GLU A 93 18.59 20.80 -35.35
CA GLU A 93 18.34 20.15 -34.06
C GLU A 93 17.76 18.75 -34.21
N ALA A 94 17.12 18.49 -35.35
CA ALA A 94 16.53 17.17 -35.63
C ALA A 94 17.60 16.16 -36.01
N ARG A 95 17.41 14.93 -35.55
CA ARG A 95 18.34 13.84 -35.84
C ARG A 95 17.52 12.62 -36.15
N LEU A 96 17.22 12.44 -37.43
CA LEU A 96 16.37 11.34 -37.85
C LEU A 96 17.18 10.05 -37.89
N ALA A 97 16.57 8.98 -37.37
CA ALA A 97 17.14 7.66 -37.47
C ALA A 97 16.60 7.04 -38.74
N ILE A 98 17.41 6.20 -39.37
CA ILE A 98 16.98 5.53 -40.58
C ILE A 98 16.97 4.03 -40.30
N LEU A 99 15.87 3.42 -40.73
CA LEU A 99 15.58 2.02 -40.47
C LEU A 99 15.38 1.34 -41.81
N LEU A 100 16.20 0.34 -42.09
CA LEU A 100 16.09 -0.49 -43.30
C LEU A 100 15.19 -1.68 -42.98
N ASP A 101 14.07 -1.79 -43.67
CA ASP A 101 13.09 -2.83 -43.40
C ASP A 101 13.21 -3.86 -44.51
N THR A 102 13.66 -5.07 -44.17
CA THR A 102 14.09 -6.03 -45.19
C THR A 102 12.93 -6.62 -46.00
N LYS A 103 13.24 -7.12 -47.18
CA LYS A 103 12.27 -7.93 -47.94
C LYS A 103 12.02 -9.27 -47.23
N GLY A 104 13.10 -9.98 -46.93
CA GLY A 104 13.02 -11.26 -46.26
C GLY A 104 12.32 -12.36 -47.05
N PRO A 105 12.05 -13.50 -46.40
CA PRO A 105 11.45 -14.63 -47.09
C PRO A 105 10.10 -14.33 -47.75
N GLU A 106 9.87 -14.94 -48.91
CA GLU A 106 8.59 -14.82 -49.62
C GLU A 106 8.21 -16.16 -50.22
N ILE A 107 6.91 -16.44 -50.23
CA ILE A 107 6.38 -17.53 -51.05
C ILE A 107 5.47 -16.93 -52.13
N ARG A 108 5.55 -17.47 -53.34
CA ARG A 108 4.80 -16.93 -54.46
C ARG A 108 4.20 -18.08 -55.26
N THR A 109 2.99 -17.87 -55.78
CA THR A 109 2.38 -18.74 -56.79
C THR A 109 3.08 -18.57 -58.14
N GLY A 110 2.91 -19.56 -59.03
CA GLY A 110 3.51 -19.52 -60.37
C GLY A 110 2.70 -18.72 -61.37
N PHE A 111 2.74 -19.14 -62.63
CA PHE A 111 2.11 -18.38 -63.72
C PHE A 111 0.67 -18.78 -64.04
N PRO A 117 -6.32 -14.53 -65.25
CA PRO A 117 -6.56 -14.89 -63.83
C PRO A 117 -7.64 -15.97 -63.70
N ILE A 118 -7.41 -16.91 -62.78
CA ILE A 118 -8.28 -18.08 -62.63
C ILE A 118 -9.17 -18.01 -61.40
N THR A 119 -10.46 -18.30 -61.59
CA THR A 119 -11.43 -18.39 -60.49
C THR A 119 -11.60 -19.84 -60.09
N LEU A 120 -11.64 -20.08 -58.78
CA LEU A 120 -12.09 -21.37 -58.25
C LEU A 120 -13.09 -21.19 -57.11
N GLN A 121 -14.27 -21.78 -57.32
CA GLN A 121 -15.39 -21.68 -56.39
C GLN A 121 -15.15 -22.50 -55.13
N GLN A 122 -16.01 -22.30 -54.14
CA GLN A 122 -15.93 -22.98 -52.85
C GLN A 122 -16.11 -24.49 -53.00
N GLY A 123 -15.26 -25.25 -52.31
CA GLY A 123 -15.31 -26.71 -52.34
C GLY A 123 -14.47 -27.38 -53.43
N ALA A 124 -14.05 -26.59 -54.42
CA ALA A 124 -13.28 -27.10 -55.55
C ALA A 124 -11.86 -27.53 -55.16
N THR A 125 -11.43 -28.66 -55.71
CA THR A 125 -10.07 -29.15 -55.47
C THR A 125 -9.05 -28.25 -56.16
N LEU A 126 -7.96 -27.96 -55.47
CA LEU A 126 -6.81 -27.29 -56.08
C LEU A 126 -5.52 -28.03 -55.70
N LYS A 127 -4.73 -28.35 -56.72
CA LYS A 127 -3.43 -28.98 -56.53
C LYS A 127 -2.40 -27.86 -56.49
N ILE A 128 -1.44 -27.97 -55.58
CA ILE A 128 -0.30 -27.07 -55.56
C ILE A 128 1.00 -27.90 -55.65
N VAL A 129 1.84 -27.59 -56.65
CA VAL A 129 3.02 -28.40 -56.96
C VAL A 129 4.33 -27.66 -56.72
N THR A 130 5.43 -28.41 -56.58
CA THR A 130 6.76 -27.86 -56.35
C THR A 130 7.51 -27.54 -57.65
N ASP A 131 7.04 -28.11 -58.77
CA ASP A 131 7.59 -27.82 -60.09
C ASP A 131 7.23 -26.38 -60.49
N TYR A 132 8.14 -25.43 -60.23
CA TYR A 132 7.88 -24.01 -60.49
C TYR A 132 7.88 -23.60 -61.98
N ASN A 133 8.27 -24.53 -62.85
CA ASN A 133 8.23 -24.26 -64.28
C ASN A 133 6.90 -24.67 -64.91
N LEU A 134 6.04 -25.30 -64.12
CA LEU A 134 4.68 -25.63 -64.55
C LEU A 134 3.82 -24.37 -64.65
N ILE A 135 3.23 -24.16 -65.82
CA ILE A 135 2.22 -23.12 -66.05
C ILE A 135 0.87 -23.62 -65.50
N GLY A 136 0.23 -22.80 -64.66
CA GLY A 136 -0.93 -23.25 -63.90
C GLY A 136 -2.29 -23.11 -64.55
N ASP A 137 -3.28 -23.77 -63.95
CA ASP A 137 -4.69 -23.63 -64.33
C ASP A 137 -5.61 -23.83 -63.11
N GLU A 138 -6.92 -23.90 -63.37
CA GLU A 138 -7.95 -24.05 -62.35
C GLU A 138 -7.68 -25.18 -61.35
N THR A 139 -7.15 -26.31 -61.83
CA THR A 139 -6.95 -27.50 -61.01
C THR A 139 -5.57 -27.58 -60.35
N THR A 140 -4.51 -27.26 -61.10
CA THR A 140 -3.14 -27.37 -60.61
C THR A 140 -2.39 -26.05 -60.75
N ILE A 141 -1.72 -25.65 -59.67
CA ILE A 141 -0.96 -24.40 -59.63
C ILE A 141 0.46 -24.64 -59.06
N ALA A 142 1.45 -23.84 -59.48
CA ALA A 142 2.81 -23.95 -58.96
C ALA A 142 3.11 -23.03 -57.76
N CYS A 143 3.97 -23.51 -56.86
CA CYS A 143 4.43 -22.77 -55.69
C CYS A 143 5.96 -22.61 -55.71
N SER A 144 6.42 -21.41 -55.37
CA SER A 144 7.86 -21.10 -55.34
C SER A 144 8.58 -21.79 -54.17
N TYR A 145 7.80 -22.26 -53.19
CA TYR A 145 8.35 -22.84 -51.99
C TYR A 145 8.47 -24.35 -52.14
N GLY A 146 9.69 -24.80 -52.40
CA GLY A 146 9.96 -26.20 -52.73
C GLY A 146 9.81 -27.20 -51.59
N ALA A 147 9.86 -26.70 -50.36
CA ALA A 147 9.72 -27.56 -49.20
C ALA A 147 8.30 -27.44 -48.61
N LEU A 148 7.34 -27.08 -49.47
CA LEU A 148 5.95 -26.96 -49.04
C LEU A 148 5.37 -28.27 -48.49
N PRO A 149 5.58 -29.40 -49.20
CA PRO A 149 5.16 -30.70 -48.66
C PRO A 149 5.76 -31.04 -47.28
N GLN A 150 7.02 -30.66 -47.07
CA GLN A 150 7.71 -30.90 -45.79
C GLN A 150 7.14 -30.07 -44.63
N SER A 151 6.53 -28.94 -44.95
CA SER A 151 6.05 -27.99 -43.93
C SER A 151 4.58 -28.15 -43.58
N VAL A 152 3.82 -28.65 -44.55
CA VAL A 152 2.38 -28.61 -44.46
C VAL A 152 1.88 -30.05 -44.24
N LYS A 153 0.63 -30.19 -43.81
CA LYS A 153 -0.01 -31.51 -43.60
C LYS A 153 -1.54 -31.40 -43.71
N PRO A 154 -2.23 -32.53 -43.93
CA PRO A 154 -3.70 -32.53 -43.88
C PRO A 154 -4.22 -31.76 -42.66
N GLY A 155 -5.08 -30.77 -42.92
CA GLY A 155 -5.62 -29.94 -41.85
C GLY A 155 -5.21 -28.50 -41.97
N ASN A 156 -3.93 -28.27 -42.28
CA ASN A 156 -3.37 -26.92 -42.42
C ASN A 156 -4.11 -26.06 -43.44
N THR A 157 -4.11 -24.75 -43.21
CA THR A 157 -4.64 -23.77 -44.16
C THR A 157 -3.51 -23.11 -44.96
N ILE A 158 -3.79 -22.82 -46.23
CA ILE A 158 -2.88 -22.07 -47.11
C ILE A 158 -3.59 -20.86 -47.72
N LEU A 159 -2.98 -19.69 -47.53
CA LEU A 159 -3.56 -18.42 -47.93
C LEU A 159 -2.88 -17.90 -49.20
N ILE A 160 -3.67 -17.36 -50.12
CA ILE A 160 -3.14 -16.93 -51.42
C ILE A 160 -3.65 -15.53 -51.78
N ALA A 161 -2.71 -14.69 -52.25
CA ALA A 161 -3.02 -13.34 -52.75
C ALA A 161 -3.60 -12.43 -51.66
N ASP A 162 -2.77 -12.18 -50.65
CA ASP A 162 -3.13 -11.34 -49.48
C ASP A 162 -4.35 -11.88 -48.72
N GLY A 163 -4.40 -13.20 -48.53
CA GLY A 163 -5.47 -13.88 -47.81
C GLY A 163 -6.83 -13.84 -48.48
N SER A 164 -6.86 -13.42 -49.76
CA SER A 164 -8.11 -13.31 -50.52
C SER A 164 -8.66 -14.68 -50.88
N LEU A 165 -7.77 -15.63 -51.07
CA LEU A 165 -8.16 -17.03 -51.21
C LEU A 165 -7.58 -17.86 -50.07
N SER A 166 -8.46 -18.62 -49.43
CA SER A 166 -8.07 -19.56 -48.40
C SER A 166 -8.39 -21.00 -48.84
N VAL A 167 -7.36 -21.84 -48.89
CA VAL A 167 -7.51 -23.26 -49.20
C VAL A 167 -7.08 -24.15 -48.02
N LYS A 168 -7.67 -25.33 -47.92
CA LYS A 168 -7.36 -26.31 -46.86
C LYS A 168 -6.67 -27.57 -47.43
N VAL A 169 -5.49 -27.90 -46.91
CA VAL A 169 -4.75 -29.10 -47.35
C VAL A 169 -5.48 -30.38 -46.94
N VAL A 170 -5.69 -31.26 -47.91
CA VAL A 170 -6.28 -32.58 -47.65
C VAL A 170 -5.25 -33.72 -47.70
N GLU A 171 -4.34 -33.70 -48.67
CA GLU A 171 -3.26 -34.69 -48.73
C GLU A 171 -1.95 -34.14 -49.29
N VAL A 172 -0.85 -34.74 -48.86
CA VAL A 172 0.49 -34.29 -49.22
C VAL A 172 1.27 -35.41 -49.93
N GLY A 173 1.78 -35.09 -51.13
CA GLY A 173 2.74 -35.96 -51.81
C GLY A 173 4.14 -35.39 -51.63
N SER A 174 5.14 -36.06 -52.21
CA SER A 174 6.52 -35.62 -52.04
C SER A 174 6.84 -34.30 -52.76
N ASP A 175 6.12 -34.03 -53.85
CA ASP A 175 6.38 -32.83 -54.67
C ASP A 175 5.10 -32.06 -55.01
N TYR A 176 4.04 -32.34 -54.25
CA TYR A 176 2.74 -31.75 -54.50
C TYR A 176 1.92 -31.68 -53.22
N VAL A 177 0.84 -30.91 -53.28
CA VAL A 177 -0.11 -30.76 -52.17
C VAL A 177 -1.49 -30.61 -52.81
N ILE A 178 -2.47 -31.37 -52.32
CA ILE A 178 -3.85 -31.28 -52.79
C ILE A 178 -4.72 -30.57 -51.76
N THR A 179 -5.43 -29.53 -52.19
CA THR A 179 -6.19 -28.66 -51.29
C THR A 179 -7.65 -28.45 -51.72
N GLN A 180 -8.45 -27.90 -50.80
CA GLN A 180 -9.86 -27.60 -51.05
C GLN A 180 -10.13 -26.13 -50.73
N ALA A 181 -10.71 -25.40 -51.68
CA ALA A 181 -11.00 -23.98 -51.49
C ALA A 181 -12.13 -23.72 -50.50
N GLN A 182 -11.89 -22.79 -49.57
CA GLN A 182 -12.82 -22.49 -48.47
C GLN A 182 -13.75 -21.31 -48.82
N ASN A 183 -13.37 -20.54 -49.83
CA ASN A 183 -14.18 -19.45 -50.35
C ASN A 183 -14.09 -19.35 -51.87
N THR A 184 -15.01 -18.60 -52.49
CA THR A 184 -14.92 -18.31 -53.93
C THR A 184 -14.07 -17.06 -54.13
N ALA A 185 -13.03 -17.20 -54.94
CA ALA A 185 -12.09 -16.11 -55.22
C ALA A 185 -11.49 -16.31 -56.60
N THR A 186 -11.02 -15.20 -57.19
CA THR A 186 -10.30 -15.28 -58.46
C THR A 186 -8.91 -14.70 -58.21
N ILE A 187 -7.88 -15.50 -58.48
CA ILE A 187 -6.50 -15.09 -58.22
C ILE A 187 -5.70 -14.82 -59.49
N GLY A 188 -4.75 -13.89 -59.40
CA GLY A 188 -3.85 -13.56 -60.51
C GLY A 188 -2.55 -14.35 -60.55
N GLU A 189 -1.62 -13.88 -61.38
CA GLU A 189 -0.33 -14.55 -61.61
C GLU A 189 0.74 -14.11 -60.60
N ARG A 190 1.53 -15.08 -60.13
CA ARG A 190 2.57 -14.85 -59.13
C ARG A 190 2.11 -13.98 -57.95
N LYS A 191 1.17 -14.50 -57.17
CA LYS A 191 0.70 -13.80 -55.96
C LYS A 191 1.31 -14.43 -54.71
N ASN A 192 1.33 -13.66 -53.62
CA ASN A 192 1.91 -14.17 -52.38
C ASN A 192 1.12 -15.33 -51.78
N MET A 193 1.76 -16.07 -50.88
CA MET A 193 1.11 -17.15 -50.15
C MET A 193 1.54 -17.07 -48.71
N ASN A 194 0.64 -17.49 -47.83
CA ASN A 194 0.89 -17.55 -46.40
C ASN A 194 0.57 -18.94 -45.89
N LEU A 195 1.25 -19.33 -44.82
CA LEU A 195 1.15 -20.66 -44.27
C LEU A 195 0.84 -20.53 -42.79
N PRO A 196 -0.43 -20.22 -42.45
CA PRO A 196 -0.76 -20.08 -41.02
C PRO A 196 -0.23 -21.22 -40.15
N ASN A 197 0.33 -20.85 -39.01
CA ASN A 197 0.71 -21.80 -37.96
C ASN A 197 1.96 -22.64 -38.25
N VAL A 198 2.67 -22.29 -39.31
CA VAL A 198 3.71 -23.13 -39.86
C VAL A 198 5.02 -22.36 -40.02
N LYS A 199 6.12 -23.01 -39.65
CA LYS A 199 7.47 -22.46 -39.85
C LYS A 199 7.83 -22.49 -41.33
N VAL A 200 8.18 -21.34 -41.87
CA VAL A 200 8.61 -21.27 -43.27
C VAL A 200 10.13 -21.50 -43.30
N GLN A 201 10.56 -22.59 -43.94
CA GLN A 201 11.99 -22.94 -43.99
C GLN A 201 12.75 -22.25 -45.15
N LEU A 202 12.81 -20.92 -45.10
CA LEU A 202 13.55 -20.10 -46.08
C LEU A 202 14.52 -19.21 -45.30
N PRO A 203 15.65 -18.82 -45.92
CA PRO A 203 16.55 -18.01 -45.09
C PRO A 203 15.86 -16.70 -44.72
N VAL A 204 15.97 -16.29 -43.47
CA VAL A 204 15.34 -15.03 -43.05
C VAL A 204 16.05 -13.83 -43.66
N ILE A 205 17.35 -13.98 -43.88
CA ILE A 205 18.14 -13.06 -44.67
C ILE A 205 18.66 -13.85 -45.87
N GLY A 206 18.01 -13.68 -47.02
CA GLY A 206 18.52 -14.29 -48.25
C GLY A 206 19.67 -13.49 -48.81
N GLU A 207 20.28 -13.99 -49.88
CA GLU A 207 21.40 -13.32 -50.55
C GLU A 207 21.05 -11.88 -50.95
N LYS A 208 19.78 -11.66 -51.32
CA LYS A 208 19.27 -10.31 -51.61
C LYS A 208 19.29 -9.43 -50.36
N ASP A 209 18.68 -9.92 -49.28
CA ASP A 209 18.67 -9.23 -47.99
C ASP A 209 20.10 -9.01 -47.49
N LYS A 210 20.97 -9.99 -47.72
CA LYS A 210 22.39 -9.90 -47.37
C LYS A 210 23.04 -8.69 -48.06
N HIS A 211 22.86 -8.59 -49.38
CA HIS A 211 23.33 -7.46 -50.19
C HIS A 211 22.77 -6.12 -49.72
N ASP A 212 21.48 -6.11 -49.37
CA ASP A 212 20.81 -4.90 -48.89
C ASP A 212 21.42 -4.40 -47.58
N ILE A 213 21.69 -5.32 -46.66
CA ILE A 213 22.29 -4.97 -45.37
C ILE A 213 23.74 -4.54 -45.54
N LEU A 214 24.54 -5.37 -46.20
CA LEU A 214 25.99 -5.15 -46.28
C LEU A 214 26.38 -4.03 -47.22
N ASN A 215 25.66 -3.89 -48.33
CA ASN A 215 26.04 -2.94 -49.38
C ASN A 215 25.12 -1.73 -49.43
N PHE A 216 24.17 -1.66 -48.50
CA PHE A 216 23.39 -0.44 -48.33
C PHE A 216 23.29 -0.06 -46.84
N GLY A 217 22.83 -0.99 -46.01
CA GLY A 217 22.61 -0.70 -44.59
C GLY A 217 23.80 -0.05 -43.92
N ILE A 218 24.96 -0.70 -44.08
CA ILE A 218 26.20 -0.23 -43.47
C ILE A 218 26.75 1.06 -44.12
N PRO A 219 26.93 1.10 -45.47
CA PRO A 219 27.49 2.32 -46.06
C PRO A 219 26.58 3.55 -46.03
N MET A 220 25.28 3.37 -46.19
CA MET A 220 24.39 4.53 -46.22
C MET A 220 24.06 5.04 -44.81
N GLY A 221 24.64 4.39 -43.79
CA GLY A 221 24.44 4.81 -42.40
C GLY A 221 23.02 4.57 -41.92
N CYS A 222 22.52 3.36 -42.13
CA CYS A 222 21.25 2.96 -41.53
C CYS A 222 21.52 2.60 -40.09
N ASN A 223 20.65 3.05 -39.19
CA ASN A 223 20.86 2.85 -37.76
C ASN A 223 20.19 1.58 -37.25
N PHE A 224 19.10 1.18 -37.89
CA PHE A 224 18.34 -0.03 -37.51
C PHE A 224 18.12 -0.94 -38.71
N ILE A 225 18.09 -2.25 -38.48
CA ILE A 225 17.57 -3.18 -39.47
C ILE A 225 16.28 -3.76 -38.91
N ALA A 226 15.14 -3.47 -39.55
CA ALA A 226 13.92 -4.14 -39.18
C ALA A 226 13.85 -5.42 -40.02
N ALA A 227 14.20 -6.54 -39.42
CA ALA A 227 14.28 -7.80 -40.14
C ALA A 227 12.90 -8.44 -40.29
N SER A 228 12.43 -8.55 -41.53
CA SER A 228 11.16 -9.19 -41.81
C SER A 228 11.13 -10.68 -41.48
N PHE A 229 9.99 -11.09 -40.92
CA PHE A 229 9.63 -12.50 -40.76
C PHE A 229 10.64 -13.29 -39.90
N VAL A 230 11.02 -12.73 -38.76
CA VAL A 230 11.94 -13.43 -37.88
C VAL A 230 11.20 -14.52 -37.12
N GLN A 231 11.80 -15.72 -37.12
CA GLN A 231 11.15 -16.92 -36.59
C GLN A 231 11.84 -17.59 -35.40
N SER A 232 13.04 -17.14 -35.03
CA SER A 232 13.84 -17.77 -33.96
C SER A 232 14.97 -16.88 -33.43
N ALA A 233 15.52 -17.21 -32.28
CA ALA A 233 16.73 -16.53 -31.80
C ALA A 233 17.95 -16.68 -32.73
N ASP A 234 18.05 -17.81 -33.43
CA ASP A 234 19.14 -18.05 -34.36
C ASP A 234 19.15 -17.07 -35.55
N ASP A 235 17.94 -16.66 -35.97
CA ASP A 235 17.78 -15.62 -36.99
C ASP A 235 18.43 -14.31 -36.57
N VAL A 236 18.23 -13.94 -35.30
CA VAL A 236 18.74 -12.68 -34.77
C VAL A 236 20.26 -12.75 -34.61
N ARG A 237 20.77 -13.88 -34.09
CA ARG A 237 22.23 -14.10 -33.97
C ARG A 237 22.94 -14.13 -35.31
N TYR A 238 22.27 -14.71 -36.32
CA TYR A 238 22.84 -14.77 -37.66
C TYR A 238 22.99 -13.34 -38.22
N ILE A 239 21.93 -12.56 -38.14
CA ILE A 239 21.94 -11.15 -38.55
C ILE A 239 23.06 -10.35 -37.87
N ARG A 240 23.17 -10.42 -36.54
CA ARG A 240 24.25 -9.69 -35.86
C ARG A 240 25.62 -10.16 -36.31
N GLY A 241 25.73 -11.45 -36.63
CA GLY A 241 26.99 -12.03 -37.13
C GLY A 241 27.30 -11.50 -38.52
N LEU A 242 26.25 -11.35 -39.32
CA LEU A 242 26.34 -10.75 -40.64
C LEU A 242 26.85 -9.30 -40.56
N LEU A 243 26.26 -8.52 -39.66
CA LEU A 243 26.65 -7.13 -39.45
C LEU A 243 28.11 -6.97 -39.04
N GLY A 244 28.58 -7.87 -38.17
CA GLY A 244 30.00 -7.94 -37.81
C GLY A 244 30.47 -6.64 -37.21
N PRO A 245 31.80 -6.44 -37.13
CA PRO A 245 32.35 -5.21 -36.56
C PRO A 245 32.07 -3.96 -37.40
N ARG A 246 31.89 -4.11 -38.70
CA ARG A 246 31.53 -2.97 -39.57
C ARG A 246 30.09 -2.48 -39.36
N GLY A 247 29.24 -3.34 -38.85
CA GLY A 247 27.85 -2.98 -38.54
C GLY A 247 27.54 -3.01 -37.06
N ARG A 248 28.58 -2.83 -36.24
CA ARG A 248 28.47 -2.71 -34.78
C ARG A 248 27.46 -1.66 -34.36
N HIS A 249 27.44 -0.54 -35.11
CA HIS A 249 26.62 0.64 -34.80
C HIS A 249 25.13 0.52 -35.20
N ILE A 250 24.74 -0.65 -35.72
CA ILE A 250 23.42 -0.89 -36.26
C ILE A 250 22.65 -1.84 -35.32
N ARG A 251 21.43 -1.45 -34.95
CA ARG A 251 20.64 -2.24 -34.03
C ARG A 251 19.59 -3.09 -34.78
N ILE A 252 19.20 -4.22 -34.20
CA ILE A 252 18.37 -5.21 -34.90
C ILE A 252 16.98 -5.26 -34.29
N ILE A 253 15.97 -5.02 -35.14
CA ILE A 253 14.56 -5.02 -34.73
C ILE A 253 13.88 -6.16 -35.47
N PRO A 254 13.78 -7.37 -34.86
CA PRO A 254 13.02 -8.42 -35.52
C PRO A 254 11.56 -8.02 -35.72
N LYS A 255 11.00 -8.37 -36.89
CA LYS A 255 9.57 -8.20 -37.12
C LYS A 255 8.83 -9.50 -36.81
N ILE A 256 7.83 -9.40 -35.95
CA ILE A 256 7.02 -10.54 -35.57
C ILE A 256 5.77 -10.56 -36.45
N GLU A 257 5.74 -11.50 -37.39
CA GLU A 257 4.74 -11.53 -38.45
C GLU A 257 3.97 -12.84 -38.53
N ASN A 258 4.48 -13.90 -37.90
CA ASN A 258 3.78 -15.19 -37.89
C ASN A 258 3.78 -15.93 -36.53
N VAL A 259 3.04 -17.03 -36.46
CA VAL A 259 2.95 -17.87 -35.27
C VAL A 259 4.31 -18.40 -34.79
N GLU A 260 5.13 -18.89 -35.71
CA GLU A 260 6.49 -19.29 -35.36
C GLU A 260 7.25 -18.17 -34.65
N GLY A 261 7.13 -16.94 -35.14
CA GLY A 261 7.71 -15.74 -34.52
C GLY A 261 7.18 -15.50 -33.11
N LEU A 262 5.84 -15.55 -32.97
CA LEU A 262 5.18 -15.50 -31.67
C LEU A 262 5.62 -16.58 -30.68
N VAL A 263 5.62 -17.84 -31.12
CA VAL A 263 6.00 -18.97 -30.26
C VAL A 263 7.44 -18.83 -29.74
N ASN A 264 8.29 -18.28 -30.61
CA ASN A 264 9.70 -18.00 -30.29
C ASN A 264 9.97 -16.59 -29.73
N PHE A 265 8.92 -15.87 -29.34
CA PHE A 265 9.06 -14.47 -28.91
C PHE A 265 10.10 -14.15 -27.81
N ASP A 266 10.09 -14.86 -26.69
CA ASP A 266 11.00 -14.49 -25.57
C ASP A 266 12.46 -14.69 -25.94
N GLU A 267 12.77 -15.73 -26.70
CA GLU A 267 14.16 -15.95 -27.10
C GLU A 267 14.63 -14.99 -28.19
N ILE A 268 13.73 -14.66 -29.13
CA ILE A 268 13.97 -13.57 -30.06
C ILE A 268 14.21 -12.24 -29.33
N LEU A 269 13.37 -11.94 -28.35
CA LEU A 269 13.48 -10.65 -27.64
C LEU A 269 14.82 -10.52 -26.90
N ALA A 270 15.28 -11.63 -26.30
CA ALA A 270 16.53 -11.63 -25.55
C ALA A 270 17.70 -11.24 -26.45
N GLU A 271 17.73 -11.75 -27.69
CA GLU A 271 18.80 -11.42 -28.64
C GLU A 271 18.63 -10.05 -29.30
N ALA A 272 17.37 -9.63 -29.43
CA ALA A 272 16.96 -8.42 -30.14
C ALA A 272 17.30 -7.11 -29.40
N ASP A 273 17.45 -6.04 -30.17
CA ASP A 273 17.61 -4.71 -29.60
C ASP A 273 16.25 -4.05 -29.37
N GLY A 274 15.24 -4.58 -30.05
CA GLY A 274 13.91 -4.00 -30.06
C GLY A 274 13.03 -4.87 -30.94
N ILE A 275 11.74 -4.58 -30.97
CA ILE A 275 10.78 -5.45 -31.65
C ILE A 275 9.78 -4.62 -32.47
N MET A 276 9.44 -5.09 -33.67
CA MET A 276 8.35 -4.50 -34.45
C MET A 276 7.18 -5.48 -34.49
N ILE A 277 6.01 -5.04 -34.04
CA ILE A 277 4.79 -5.85 -34.09
C ILE A 277 4.00 -5.54 -35.36
N ALA A 278 3.82 -6.56 -36.21
CA ALA A 278 3.08 -6.43 -37.47
C ALA A 278 1.69 -7.07 -37.34
N ARG A 279 0.72 -6.28 -36.88
CA ARG A 279 -0.61 -6.80 -36.53
C ARG A 279 -1.34 -7.46 -37.68
N GLY A 280 -1.38 -6.78 -38.83
CA GLY A 280 -2.05 -7.29 -40.03
C GLY A 280 -1.57 -8.68 -40.40
N ASP A 281 -0.25 -8.82 -40.53
CA ASP A 281 0.39 -10.11 -40.81
C ASP A 281 0.03 -11.19 -39.80
N LEU A 282 0.13 -10.84 -38.52
CA LEU A 282 -0.27 -11.76 -37.44
C LEU A 282 -1.73 -12.14 -37.58
N GLY A 283 -2.55 -11.19 -38.03
CA GLY A 283 -4.00 -11.39 -38.23
C GLY A 283 -4.31 -12.40 -39.30
N MET A 284 -3.32 -12.69 -40.15
CA MET A 284 -3.39 -13.76 -41.16
C MET A 284 -3.24 -15.16 -40.57
N GLU A 285 -2.52 -15.27 -39.47
CA GLU A 285 -2.19 -16.59 -38.96
C GLU A 285 -2.92 -16.93 -37.68
N ILE A 286 -3.58 -15.94 -37.09
CA ILE A 286 -4.17 -16.04 -35.76
C ILE A 286 -5.59 -15.48 -35.81
N PRO A 287 -6.56 -16.12 -35.12
CA PRO A 287 -7.90 -15.55 -34.99
C PRO A 287 -7.85 -14.10 -34.49
N PRO A 288 -8.70 -13.23 -35.08
CA PRO A 288 -8.56 -11.80 -34.82
C PRO A 288 -8.64 -11.53 -33.31
N GLU A 289 -9.46 -12.31 -32.61
CA GLU A 289 -9.71 -12.18 -31.16
C GLU A 289 -8.53 -12.56 -30.26
N LYS A 290 -7.36 -12.78 -30.85
CA LYS A 290 -6.18 -13.20 -30.10
C LYS A 290 -4.98 -12.35 -30.47
N VAL A 291 -5.10 -11.58 -31.55
CA VAL A 291 -4.01 -10.72 -31.98
C VAL A 291 -3.84 -9.57 -30.98
N PHE A 292 -4.94 -9.07 -30.43
CA PHE A 292 -4.88 -7.96 -29.48
C PHE A 292 -4.13 -8.37 -28.22
N LEU A 293 -4.38 -9.61 -27.79
CA LEU A 293 -3.69 -10.24 -26.67
C LEU A 293 -2.20 -10.34 -26.94
N ALA A 294 -1.87 -10.85 -28.11
CA ALA A 294 -0.49 -10.98 -28.56
C ALA A 294 0.19 -9.61 -28.57
N GLN A 295 -0.52 -8.57 -29.00
CA GLN A 295 0.06 -7.21 -29.00
C GLN A 295 0.40 -6.75 -27.58
N LYS A 296 -0.58 -6.84 -26.69
CA LYS A 296 -0.44 -6.46 -25.28
C LYS A 296 0.75 -7.12 -24.62
N MET A 297 0.82 -8.46 -24.77
CA MET A 297 1.83 -9.28 -24.13
C MET A 297 3.23 -8.95 -24.63
N MET A 298 3.40 -8.84 -25.95
CA MET A 298 4.70 -8.49 -26.54
C MET A 298 5.17 -7.10 -26.12
N ILE A 299 4.25 -6.13 -26.07
CA ILE A 299 4.62 -4.77 -25.65
C ILE A 299 5.05 -4.80 -24.18
N ALA A 300 4.23 -5.43 -23.32
CA ALA A 300 4.53 -5.60 -21.90
C ALA A 300 5.90 -6.20 -21.64
N LYS A 301 6.24 -7.25 -22.39
CA LYS A 301 7.54 -7.94 -22.28
C LYS A 301 8.73 -7.06 -22.75
N CYS A 302 8.49 -6.23 -23.76
CA CYS A 302 9.49 -5.27 -24.23
C CYS A 302 9.72 -4.16 -23.20
N ASN A 303 8.63 -3.66 -22.61
CA ASN A 303 8.72 -2.70 -21.52
C ASN A 303 9.53 -3.23 -20.31
N VAL A 304 9.17 -4.40 -19.80
CA VAL A 304 9.77 -4.95 -18.55
C VAL A 304 11.29 -5.17 -18.69
N VAL A 305 11.76 -5.19 -19.92
CA VAL A 305 13.14 -5.45 -20.21
C VAL A 305 13.81 -4.17 -20.81
N GLY A 306 13.02 -3.11 -20.99
CA GLY A 306 13.53 -1.81 -21.48
C GLY A 306 13.97 -1.72 -22.94
N LYS A 307 13.41 -2.59 -23.79
CA LYS A 307 13.79 -2.58 -25.21
C LYS A 307 12.64 -1.96 -26.00
N PRO A 308 12.97 -1.10 -26.96
CA PRO A 308 11.92 -0.38 -27.67
C PRO A 308 11.01 -1.32 -28.46
N VAL A 309 9.73 -0.96 -28.51
CA VAL A 309 8.80 -1.70 -29.34
C VAL A 309 8.06 -0.77 -30.29
N ILE A 310 7.92 -1.20 -31.55
CA ILE A 310 7.17 -0.50 -32.59
C ILE A 310 5.87 -1.24 -32.93
N THR A 311 4.75 -0.53 -32.84
CA THR A 311 3.48 -1.05 -33.30
C THR A 311 3.24 -0.61 -34.76
N ALA A 312 3.10 -1.58 -35.65
CA ALA A 312 3.01 -1.32 -37.08
C ALA A 312 1.77 -1.94 -37.74
N THR A 313 1.47 -1.47 -38.95
CA THR A 313 0.36 -1.92 -39.78
C THR A 313 -1.01 -1.56 -39.22
N GLN A 314 -1.95 -1.36 -40.14
CA GLN A 314 -3.33 -1.08 -39.78
C GLN A 314 -3.41 0.07 -38.77
N MET A 315 -2.69 1.16 -39.04
CA MET A 315 -2.64 2.29 -38.11
C MET A 315 -3.75 3.32 -38.42
N LEU A 316 -3.50 4.19 -39.40
CA LEU A 316 -4.45 5.20 -39.84
C LEU A 316 -4.68 5.06 -41.33
N GLU A 317 -4.95 3.83 -41.73
CA GLU A 317 -5.04 3.44 -43.13
C GLU A 317 -5.99 4.27 -43.97
N SER A 318 -7.14 4.68 -43.41
CA SER A 318 -8.12 5.47 -44.18
C SER A 318 -7.58 6.82 -44.62
N MET A 319 -6.55 7.31 -43.93
CA MET A 319 -5.95 8.62 -44.21
C MET A 319 -5.03 8.59 -45.44
N ILE A 320 -4.87 7.41 -46.03
CA ILE A 320 -4.28 7.27 -47.36
C ILE A 320 -5.11 8.11 -48.32
N LYS A 321 -6.43 8.12 -48.12
CA LYS A 321 -7.39 8.82 -49.01
C LYS A 321 -8.23 9.93 -48.36
N ASN A 322 -8.38 9.90 -47.03
CA ASN A 322 -9.22 10.87 -46.30
C ASN A 322 -8.40 11.77 -45.36
N PRO A 323 -8.71 13.08 -45.32
CA PRO A 323 -7.96 14.07 -44.55
C PRO A 323 -8.08 13.93 -43.03
N ARG A 324 -9.05 13.13 -42.59
CA ARG A 324 -9.30 12.85 -41.18
C ARG A 324 -9.33 11.32 -40.96
N PRO A 325 -8.92 10.85 -39.74
CA PRO A 325 -9.02 9.41 -39.44
C PRO A 325 -10.43 9.07 -38.95
N THR A 326 -10.73 7.79 -38.90
CA THR A 326 -11.98 7.36 -38.31
C THR A 326 -11.82 7.28 -36.78
N ARG A 327 -12.95 7.30 -36.09
CA ARG A 327 -13.02 7.12 -34.65
C ARG A 327 -12.29 5.85 -34.21
N ALA A 328 -12.53 4.76 -34.93
CA ALA A 328 -11.99 3.43 -34.61
C ALA A 328 -10.48 3.36 -34.82
N GLU A 329 -10.01 4.00 -35.87
CA GLU A 329 -8.58 4.12 -36.13
C GLU A 329 -7.87 4.91 -35.05
N ALA A 330 -8.39 6.08 -34.70
CA ALA A 330 -7.87 6.89 -33.59
C ALA A 330 -7.80 6.09 -32.29
N ALA A 331 -8.88 5.37 -31.97
CA ALA A 331 -8.94 4.48 -30.80
C ALA A 331 -7.88 3.36 -30.83
N ASP A 332 -7.67 2.76 -32.01
CA ASP A 332 -6.69 1.67 -32.19
C ASP A 332 -5.27 2.13 -31.90
N VAL A 333 -4.90 3.29 -32.45
CA VAL A 333 -3.61 3.93 -32.18
C VAL A 333 -3.40 4.20 -30.68
N ALA A 334 -4.40 4.83 -30.04
CA ALA A 334 -4.34 5.18 -28.62
C ALA A 334 -4.16 3.97 -27.71
N ASN A 335 -4.87 2.89 -28.05
CA ASN A 335 -4.73 1.66 -27.27
CA ASN A 335 -4.78 1.56 -27.38
C ASN A 335 -3.33 1.07 -27.37
N ALA A 336 -2.68 1.17 -28.53
CA ALA A 336 -1.28 0.80 -28.67
C ALA A 336 -0.42 1.62 -27.72
N VAL A 337 -0.73 2.93 -27.58
CA VAL A 337 0.05 3.83 -26.73
C VAL A 337 -0.14 3.43 -25.26
N LEU A 338 -1.41 3.17 -24.90
CA LEU A 338 -1.78 2.76 -23.54
C LEU A 338 -1.22 1.36 -23.16
N ASP A 339 -1.08 0.49 -24.15
CA ASP A 339 -0.41 -0.80 -23.97
C ASP A 339 1.07 -0.66 -23.59
N GLY A 340 1.68 0.46 -23.97
CA GLY A 340 3.04 0.78 -23.57
C GLY A 340 4.01 0.89 -24.73
N THR A 341 3.49 1.03 -25.93
CA THR A 341 4.37 1.10 -27.11
C THR A 341 5.30 2.31 -27.07
N ASP A 342 6.54 2.11 -27.51
CA ASP A 342 7.52 3.17 -27.64
C ASP A 342 7.27 4.01 -28.90
N CYS A 343 7.00 3.31 -30.02
CA CYS A 343 6.73 3.90 -31.34
C CYS A 343 5.45 3.39 -32.00
N VAL A 344 4.82 4.27 -32.74
CA VAL A 344 3.76 3.94 -33.68
C VAL A 344 4.35 4.18 -35.08
N MET A 345 3.89 3.43 -36.08
CA MET A 345 4.51 3.49 -37.39
C MET A 345 3.51 3.63 -38.53
N LEU A 346 3.76 4.62 -39.40
CA LEU A 346 2.93 4.83 -40.58
C LEU A 346 3.56 4.13 -41.79
N SER A 347 2.71 3.53 -42.62
CA SER A 347 3.16 2.77 -43.76
C SER A 347 2.69 3.45 -45.04
N GLY A 348 1.64 2.91 -45.66
CA GLY A 348 1.07 3.50 -46.87
C GLY A 348 0.57 4.91 -46.67
N GLU A 349 0.22 5.26 -45.43
CA GLU A 349 -0.25 6.63 -45.10
C GLU A 349 0.76 7.72 -45.50
N THR A 350 2.04 7.44 -45.32
CA THR A 350 3.07 8.42 -45.67
C THR A 350 3.73 8.11 -47.02
N ALA A 351 3.97 6.82 -47.26
CA ALA A 351 4.65 6.40 -48.47
C ALA A 351 3.87 6.70 -49.75
N ASN A 352 2.53 6.52 -49.71
CA ASN A 352 1.71 6.66 -50.91
CA ASN A 352 1.71 6.67 -50.92
C ASN A 352 0.43 7.50 -50.76
N GLY A 353 0.16 7.98 -49.55
CA GLY A 353 -1.10 8.69 -49.30
C GLY A 353 -1.24 10.10 -49.85
N GLU A 354 -2.46 10.63 -49.80
CA GLU A 354 -2.74 12.00 -50.26
C GLU A 354 -2.47 13.07 -49.19
N PHE A 355 -2.34 12.65 -47.93
CA PHE A 355 -2.16 13.56 -46.80
C PHE A 355 -1.00 13.14 -45.87
N PRO A 356 0.23 12.99 -46.40
CA PRO A 356 1.30 12.43 -45.55
C PRO A 356 1.60 13.28 -44.31
N VAL A 357 1.60 14.61 -44.49
CA VAL A 357 1.91 15.56 -43.43
C VAL A 357 0.79 15.62 -42.39
N ILE A 358 -0.45 15.75 -42.85
CA ILE A 358 -1.60 15.76 -41.95
C ILE A 358 -1.68 14.45 -41.15
N THR A 359 -1.33 13.33 -41.78
CA THR A 359 -1.39 12.05 -41.10
C THR A 359 -0.43 12.02 -39.90
N VAL A 360 0.75 12.60 -40.06
CA VAL A 360 1.72 12.60 -38.97
C VAL A 360 1.25 13.46 -37.82
N GLU A 361 0.77 14.67 -38.16
CA GLU A 361 0.18 15.58 -37.19
C GLU A 361 -0.95 14.96 -36.39
N THR A 362 -1.84 14.25 -37.07
CA THR A 362 -2.96 13.61 -36.36
C THR A 362 -2.49 12.38 -35.57
N MET A 363 -1.42 11.73 -36.04
CA MET A 363 -0.80 10.63 -35.30
C MET A 363 -0.24 11.19 -33.99
N ALA A 364 0.55 12.25 -34.11
CA ALA A 364 1.08 13.01 -32.97
C ALA A 364 -0.01 13.47 -31.98
N ARG A 365 -1.15 13.90 -32.53
CA ARG A 365 -2.29 14.40 -31.76
C ARG A 365 -2.97 13.30 -30.95
N ILE A 366 -3.07 12.11 -31.52
CA ILE A 366 -3.70 10.95 -30.88
C ILE A 366 -2.82 10.45 -29.75
N CYS A 367 -1.50 10.47 -30.00
CA CYS A 367 -0.52 10.10 -28.98
C CYS A 367 -0.65 11.05 -27.79
N TYR A 368 -0.70 12.35 -28.05
CA TYR A 368 -0.89 13.29 -26.96
C TYR A 368 -2.14 12.97 -26.13
N GLU A 369 -3.28 12.78 -26.80
CA GLU A 369 -4.52 12.52 -26.05
C GLU A 369 -4.38 11.25 -25.23
N ALA A 370 -3.68 10.27 -25.78
CA ALA A 370 -3.54 8.95 -25.17
C ALA A 370 -2.68 9.02 -23.92
N GLU A 371 -1.57 9.75 -24.01
CA GLU A 371 -0.64 9.93 -22.89
C GLU A 371 -1.25 10.81 -21.79
N THR A 372 -2.33 11.49 -22.14
CA THR A 372 -3.08 12.35 -21.22
C THR A 372 -3.78 11.56 -20.09
N CYS A 373 -3.97 10.27 -20.29
CA CYS A 373 -4.57 9.45 -19.23
C CYS A 373 -3.68 8.28 -18.78
N VAL A 374 -2.39 8.39 -19.06
CA VAL A 374 -1.39 7.53 -18.45
C VAL A 374 -1.25 7.90 -16.97
N ASP A 375 -1.33 6.89 -16.11
CA ASP A 375 -1.09 7.03 -14.68
C ASP A 375 0.39 6.75 -14.47
N TYR A 376 1.17 7.82 -14.29
CA TYR A 376 2.63 7.72 -14.21
C TYR A 376 3.15 7.15 -12.89
N PRO A 377 2.52 7.51 -11.74
CA PRO A 377 2.85 6.82 -10.48
C PRO A 377 2.58 5.31 -10.53
N ALA A 378 1.45 4.91 -11.12
CA ALA A 378 1.09 3.49 -11.23
C ALA A 378 1.97 2.71 -12.22
N LEU A 379 2.44 3.38 -13.28
CA LEU A 379 3.40 2.79 -14.22
C LEU A 379 4.77 2.56 -13.60
N TYR A 380 5.22 3.51 -12.77
CA TYR A 380 6.52 3.39 -12.11
C TYR A 380 6.47 2.31 -11.03
N ARG A 381 5.39 2.30 -10.25
CA ARG A 381 5.15 1.27 -9.22
C ARG A 381 5.02 -0.12 -9.83
N ALA A 382 4.21 -0.24 -10.88
CA ALA A 382 4.01 -1.51 -11.59
C ALA A 382 5.35 -2.07 -12.08
N MET A 383 6.12 -1.22 -12.75
CA MET A 383 7.46 -1.56 -13.26
C MET A 383 8.43 -1.99 -12.14
N CYS A 384 8.41 -1.24 -11.03
CA CYS A 384 9.24 -1.54 -9.85
C CYS A 384 8.93 -2.89 -9.21
N LEU A 385 7.66 -3.30 -9.26
CA LEU A 385 7.24 -4.60 -8.75
C LEU A 385 7.40 -5.73 -9.79
N ALA A 386 7.36 -5.36 -11.07
CA ALA A 386 7.43 -6.31 -12.19
C ALA A 386 8.86 -6.79 -12.48
N VAL A 387 9.80 -5.86 -12.49
CA VAL A 387 11.21 -6.16 -12.78
C VAL A 387 11.80 -7.16 -11.77
N PRO A 388 12.36 -8.28 -12.29
CA PRO A 388 12.99 -9.28 -11.43
C PRO A 388 14.30 -8.77 -10.82
N PRO A 389 14.66 -9.28 -9.62
CA PRO A 389 15.96 -8.95 -9.05
C PRO A 389 17.07 -9.83 -9.67
N PRO A 390 18.36 -9.49 -9.44
CA PRO A 390 18.83 -8.26 -8.80
C PRO A 390 18.95 -7.14 -9.81
N ILE A 391 18.56 -5.93 -9.43
CA ILE A 391 18.76 -4.81 -10.33
C ILE A 391 20.14 -4.18 -10.11
N SER A 392 20.72 -3.73 -11.21
CA SER A 392 22.08 -3.23 -11.24
C SER A 392 22.19 -1.82 -10.67
N THR A 393 23.43 -1.44 -10.36
CA THR A 393 23.79 -0.08 -9.92
C THR A 393 23.14 0.98 -10.80
N GLN A 394 23.29 0.79 -12.11
CA GLN A 394 22.84 1.76 -13.09
C GLN A 394 21.31 1.78 -13.20
N GLU A 395 20.66 0.63 -13.06
CA GLU A 395 19.20 0.59 -13.04
C GLU A 395 18.61 1.20 -11.75
N ALA A 396 19.32 1.01 -10.63
CA ALA A 396 18.93 1.58 -9.35
C ALA A 396 18.96 3.12 -9.35
N VAL A 397 19.97 3.69 -9.99
CA VAL A 397 20.10 5.15 -10.10
C VAL A 397 19.04 5.73 -11.04
N ALA A 398 18.74 5.01 -12.11
CA ALA A 398 17.67 5.42 -13.02
C ALA A 398 16.30 5.49 -12.30
N ARG A 399 15.93 4.43 -11.58
CA ARG A 399 14.76 4.38 -10.68
C ARG A 399 14.73 5.58 -9.73
N ALA A 400 15.84 5.76 -9.00
CA ALA A 400 16.01 6.85 -8.06
C ALA A 400 15.75 8.19 -8.69
N ALA A 401 16.27 8.41 -9.90
CA ALA A 401 16.07 9.66 -10.61
C ALA A 401 14.59 9.90 -10.90
N VAL A 402 13.86 8.83 -11.20
CA VAL A 402 12.44 8.95 -11.54
C VAL A 402 11.66 9.33 -10.29
N GLU A 403 11.94 8.66 -9.16
CA GLU A 403 11.24 8.95 -7.92
C GLU A 403 11.60 10.33 -7.35
N THR A 404 12.88 10.68 -7.42
CA THR A 404 13.36 12.00 -7.02
C THR A 404 12.70 13.11 -7.85
N ALA A 405 12.71 12.93 -9.17
CA ALA A 405 12.04 13.84 -10.09
C ALA A 405 10.60 14.12 -9.61
N GLU A 406 9.93 13.08 -9.14
CA GLU A 406 8.56 13.22 -8.62
C GLU A 406 8.48 13.95 -7.29
N CYS A 407 9.34 13.59 -6.32
CA CYS A 407 9.29 14.23 -4.98
C CYS A 407 9.60 15.70 -5.08
N VAL A 408 10.44 16.04 -6.05
CA VAL A 408 11.03 17.35 -6.18
C VAL A 408 10.26 18.23 -7.18
N ASN A 409 9.29 17.60 -7.87
CA ASN A 409 8.47 18.27 -8.89
C ASN A 409 9.37 18.83 -9.99
N ALA A 410 10.31 17.99 -10.44
CA ALA A 410 11.27 18.36 -11.46
C ALA A 410 10.59 18.66 -12.79
N ALA A 411 11.12 19.61 -13.54
CA ALA A 411 10.59 19.96 -14.86
C ALA A 411 11.08 19.00 -15.94
N ILE A 412 12.33 18.54 -15.83
CA ILE A 412 12.87 17.58 -16.78
C ILE A 412 13.91 16.69 -16.12
N ILE A 413 14.25 15.60 -16.79
CA ILE A 413 15.34 14.73 -16.39
C ILE A 413 16.42 14.81 -17.49
N LEU A 414 17.65 15.10 -17.10
CA LEU A 414 18.79 15.09 -18.01
C LEU A 414 19.47 13.73 -17.96
N ALA A 415 19.70 13.11 -19.11
CA ALA A 415 20.46 11.85 -19.17
C ALA A 415 21.76 12.01 -19.98
N LEU A 416 22.90 12.01 -19.28
CA LEU A 416 24.18 12.09 -19.97
C LEU A 416 24.67 10.68 -20.21
N THR A 417 24.76 10.30 -21.47
CA THR A 417 24.95 8.91 -21.87
C THR A 417 25.82 8.79 -23.12
N GLU A 418 26.77 7.84 -23.09
CA GLU A 418 27.60 7.52 -24.25
C GLU A 418 26.99 6.43 -25.14
N THR A 419 26.53 5.35 -24.50
CA THR A 419 26.02 4.17 -25.19
C THR A 419 24.51 4.22 -25.36
N GLY A 420 23.85 5.05 -24.56
CA GLY A 420 22.38 5.19 -24.59
C GLY A 420 21.69 4.50 -23.43
N GLN A 421 22.43 3.68 -22.68
CA GLN A 421 21.87 2.85 -21.61
C GLN A 421 21.16 3.65 -20.50
N THR A 422 21.81 4.73 -20.03
CA THR A 422 21.24 5.60 -19.00
C THR A 422 19.86 6.13 -19.36
N ALA A 423 19.74 6.67 -20.57
CA ALA A 423 18.50 7.20 -21.13
C ALA A 423 17.41 6.12 -21.25
N ARG A 424 17.77 4.97 -21.79
CA ARG A 424 16.87 3.81 -21.90
C ARG A 424 16.35 3.28 -20.56
N LEU A 425 17.25 3.11 -19.61
CA LEU A 425 16.85 2.71 -18.26
C LEU A 425 15.91 3.72 -17.59
N ILE A 426 16.12 5.01 -17.80
CA ILE A 426 15.21 6.01 -17.23
C ILE A 426 13.83 5.93 -17.90
N ALA A 427 13.83 5.87 -19.24
CA ALA A 427 12.61 5.86 -20.07
C ALA A 427 11.69 4.70 -19.78
N LYS A 428 12.28 3.55 -19.43
CA LYS A 428 11.51 2.35 -19.15
C LYS A 428 10.65 2.52 -17.88
N TYR A 429 11.05 3.43 -16.98
CA TYR A 429 10.26 3.77 -15.77
C TYR A 429 9.18 4.83 -16.03
N ARG A 430 9.10 5.28 -17.28
CA ARG A 430 8.03 6.17 -17.75
C ARG A 430 7.76 7.38 -16.83
N PRO A 431 8.76 8.27 -16.67
CA PRO A 431 8.56 9.48 -15.86
C PRO A 431 7.58 10.44 -16.53
N MET A 432 6.86 11.23 -15.72
CA MET A 432 5.96 12.29 -16.19
CA MET A 432 5.95 12.21 -16.29
C MET A 432 6.74 13.29 -17.03
N GLN A 433 7.92 13.63 -16.53
CA GLN A 433 8.73 14.65 -17.16
C GLN A 433 9.48 14.16 -18.40
N PRO A 434 9.69 15.08 -19.37
CA PRO A 434 10.53 14.83 -20.53
C PRO A 434 11.92 14.38 -20.09
N ILE A 435 12.53 13.48 -20.86
CA ILE A 435 13.91 13.08 -20.60
C ILE A 435 14.72 13.65 -21.75
N LEU A 436 15.70 14.48 -21.41
CA LEU A 436 16.58 15.04 -22.42
C LEU A 436 17.95 14.35 -22.32
N ALA A 437 18.26 13.57 -23.35
CA ALA A 437 19.46 12.77 -23.40
C ALA A 437 20.56 13.48 -24.18
N LEU A 438 21.71 13.62 -23.54
CA LEU A 438 22.86 14.28 -24.14
C LEU A 438 23.93 13.24 -24.36
N SER A 439 24.45 13.20 -25.58
CA SER A 439 25.45 12.22 -25.97
C SER A 439 26.34 12.83 -27.01
N ALA A 440 27.62 12.46 -26.99
CA ALA A 440 28.58 12.83 -28.03
C ALA A 440 28.62 11.80 -29.16
N SER A 441 27.89 10.71 -28.99
CA SER A 441 27.90 9.61 -29.96
C SER A 441 26.71 9.72 -30.94
N GLU A 442 27.02 9.86 -32.23
CA GLU A 442 25.98 10.05 -33.25
C GLU A 442 25.03 8.86 -33.34
N SER A 443 25.59 7.66 -33.43
CA SER A 443 24.77 6.44 -33.53
C SER A 443 23.80 6.34 -32.34
N THR A 444 24.31 6.57 -31.12
CA THR A 444 23.52 6.63 -29.89
C THR A 444 22.36 7.62 -29.99
N ILE A 445 22.65 8.85 -30.42
CA ILE A 445 21.61 9.86 -30.64
C ILE A 445 20.48 9.29 -31.53
N LYS A 446 20.89 8.59 -32.59
CA LYS A 446 19.93 8.07 -33.55
C LYS A 446 19.17 6.82 -33.07
N HIS A 447 19.86 5.95 -32.32
CA HIS A 447 19.21 4.82 -31.66
C HIS A 447 18.14 5.27 -30.67
N LEU A 448 18.36 6.42 -30.06
CA LEU A 448 17.42 6.95 -29.08
C LEU A 448 16.13 7.48 -29.68
N GLN A 449 16.08 7.61 -30.99
CA GLN A 449 14.90 8.12 -31.67
C GLN A 449 13.70 7.20 -31.54
N VAL A 450 13.92 5.94 -31.14
CA VAL A 450 12.82 4.99 -31.01
C VAL A 450 12.32 4.86 -29.57
N ILE A 451 12.85 5.69 -28.66
CA ILE A 451 12.64 5.52 -27.21
C ILE A 451 11.57 6.51 -26.70
N ARG A 452 10.42 5.98 -26.26
CA ARG A 452 9.33 6.83 -25.77
C ARG A 452 9.80 7.74 -24.65
N GLY A 453 9.41 9.00 -24.74
CA GLY A 453 9.67 9.95 -23.67
C GLY A 453 10.99 10.66 -23.74
N VAL A 454 11.84 10.26 -24.69
CA VAL A 454 13.19 10.81 -24.83
C VAL A 454 13.22 11.88 -25.93
N THR A 455 13.92 12.98 -25.65
CA THR A 455 14.39 13.93 -26.65
C THR A 455 15.93 13.95 -26.61
N THR A 456 16.56 14.10 -27.76
CA THR A 456 18.01 14.09 -27.81
C THR A 456 18.61 15.46 -28.11
N MET A 457 19.83 15.66 -27.63
CA MET A 457 20.63 16.82 -27.99
C MET A 457 22.04 16.28 -28.17
N GLN A 458 22.56 16.31 -29.39
CA GLN A 458 23.95 15.90 -29.62
C GLN A 458 24.95 16.99 -29.16
N VAL A 459 26.01 16.53 -28.50
CA VAL A 459 26.97 17.37 -27.75
C VAL A 459 28.35 16.84 -28.20
N PRO A 460 29.43 17.64 -28.04
CA PRO A 460 30.72 17.09 -28.50
C PRO A 460 31.65 16.36 -27.50
N SER A 461 31.43 16.53 -26.19
CA SER A 461 32.44 16.21 -25.13
C SER A 461 32.74 17.43 -24.26
N GLY A 464 33.04 18.04 -19.87
CA GLY A 464 32.80 17.68 -18.47
C GLY A 464 31.36 17.95 -18.08
N THR A 465 30.82 17.10 -17.21
CA THR A 465 29.40 17.17 -16.81
C THR A 465 28.87 18.61 -16.68
N ASP A 466 29.65 19.46 -16.01
CA ASP A 466 29.28 20.84 -15.66
C ASP A 466 28.78 21.72 -16.80
N HIS A 467 29.64 21.98 -17.79
CA HIS A 467 29.28 22.89 -18.88
C HIS A 467 28.42 22.23 -19.96
N VAL A 468 28.34 20.90 -19.94
CA VAL A 468 27.40 20.16 -20.76
C VAL A 468 25.99 20.33 -20.17
N ILE A 469 25.88 20.22 -18.85
CA ILE A 469 24.63 20.46 -18.12
C ILE A 469 24.16 21.92 -18.22
N ARG A 470 25.10 22.84 -18.05
CA ARG A 470 24.79 24.27 -18.07
C ARG A 470 24.20 24.67 -19.43
N ASN A 471 24.84 24.20 -20.50
CA ASN A 471 24.40 24.50 -21.86
C ASN A 471 23.05 23.88 -22.22
N ALA A 472 22.79 22.68 -21.71
CA ALA A 472 21.50 22.00 -21.92
C ALA A 472 20.35 22.73 -21.23
N ILE A 473 20.61 23.30 -20.06
CA ILE A 473 19.63 24.12 -19.36
C ILE A 473 19.25 25.39 -20.16
N VAL A 474 20.23 26.06 -20.74
CA VAL A 474 19.99 27.21 -21.63
C VAL A 474 19.03 26.86 -22.77
N VAL A 475 19.29 25.74 -23.44
CA VAL A 475 18.46 25.31 -24.55
C VAL A 475 17.08 24.88 -24.05
N ALA A 476 17.05 24.13 -22.95
CA ALA A 476 15.79 23.72 -22.32
C ALA A 476 14.93 24.89 -21.86
N LYS A 477 15.56 25.95 -21.32
CA LYS A 477 14.84 27.14 -20.85
C LYS A 477 14.19 27.88 -22.00
N GLU A 478 14.94 27.98 -23.10
CA GLU A 478 14.50 28.72 -24.28
C GLU A 478 13.40 27.96 -25.01
N ARG A 479 13.42 26.62 -24.86
CA ARG A 479 12.36 25.77 -25.40
C ARG A 479 11.14 25.75 -24.47
N GLU A 480 11.23 26.45 -23.34
CA GLU A 480 10.15 26.53 -22.33
C GLU A 480 9.88 25.20 -21.64
N LEU A 481 10.89 24.32 -21.60
CA LEU A 481 10.76 23.04 -20.91
C LEU A 481 11.05 23.19 -19.43
N VAL A 482 11.70 24.29 -19.10
CA VAL A 482 12.06 24.61 -17.72
C VAL A 482 12.10 26.13 -17.57
N THR A 483 11.65 26.64 -16.41
CA THR A 483 11.80 28.07 -16.08
C THR A 483 12.54 28.24 -14.75
N GLU A 484 12.98 29.47 -14.46
CA GLU A 484 13.79 29.79 -13.28
C GLU A 484 13.14 29.35 -11.97
N GLY A 485 13.94 28.73 -11.12
CA GLY A 485 13.49 28.33 -9.79
C GLY A 485 12.93 26.92 -9.71
N GLU A 486 12.72 26.30 -10.87
CA GLU A 486 12.32 24.89 -10.93
C GLU A 486 13.54 23.98 -10.81
N SER A 487 13.28 22.74 -10.40
CA SER A 487 14.32 21.75 -10.21
C SER A 487 14.52 20.89 -11.44
N ILE A 488 15.74 20.41 -11.61
CA ILE A 488 16.12 19.51 -12.69
C ILE A 488 16.81 18.30 -12.04
N VAL A 489 16.63 17.12 -12.62
CA VAL A 489 17.38 15.93 -12.19
C VAL A 489 18.34 15.51 -13.30
N ALA A 490 19.64 15.53 -13.02
CA ALA A 490 20.62 15.04 -14.00
C ALA A 490 21.26 13.73 -13.58
N VAL A 491 21.30 12.79 -14.52
CA VAL A 491 21.84 11.46 -14.27
C VAL A 491 22.96 11.25 -15.27
N HIS A 492 24.02 10.58 -14.83
CA HIS A 492 25.20 10.38 -15.65
C HIS A 492 25.83 9.04 -15.30
N GLY A 493 25.81 8.11 -16.25
CA GLY A 493 26.56 6.86 -16.13
C GLY A 493 27.87 7.00 -16.89
N MET A 494 28.84 6.14 -16.55
CA MET A 494 30.16 6.14 -17.21
C MET A 494 30.88 4.81 -17.14
N SER A 501 32.97 1.26 -13.69
CA SER A 501 31.60 1.72 -13.90
C SER A 501 31.06 2.42 -12.65
N SER A 502 30.43 3.57 -12.83
CA SER A 502 29.88 4.34 -11.70
C SER A 502 28.77 5.29 -12.13
N ASN A 503 27.80 5.49 -11.25
CA ASN A 503 26.62 6.27 -11.57
C ASN A 503 26.40 7.48 -10.69
N LEU A 504 25.97 8.56 -11.33
CA LEU A 504 25.76 9.83 -10.66
C LEU A 504 24.32 10.28 -10.83
N LEU A 505 23.78 10.89 -9.77
CA LEU A 505 22.47 11.53 -9.83
C LEU A 505 22.56 12.89 -9.14
N LYS A 506 22.16 13.95 -9.84
CA LYS A 506 22.27 15.31 -9.28
C LYS A 506 20.95 16.09 -9.36
N VAL A 507 20.62 16.81 -8.30
CA VAL A 507 19.46 17.70 -8.36
C VAL A 507 19.92 19.16 -8.26
N LEU A 508 19.54 19.96 -9.24
CA LEU A 508 19.91 21.37 -9.26
C LEU A 508 18.70 22.28 -9.50
N THR A 509 18.83 23.54 -9.08
CA THR A 509 17.84 24.58 -9.38
C THR A 509 18.24 25.35 -10.62
N VAL A 510 17.30 25.48 -11.55
CA VAL A 510 17.50 26.33 -12.72
C VAL A 510 17.63 27.79 -12.29
N GLU A 511 18.60 28.48 -12.91
CA GLU A 511 18.85 29.87 -12.60
C GLU A 511 19.10 30.71 -13.85
N SER B 22 -0.63 16.01 22.28
CA SER B 22 -1.19 17.23 22.94
C SER B 22 -2.29 16.85 23.94
N GLN B 23 -3.31 16.13 23.46
CA GLN B 23 -4.37 15.59 24.30
C GLN B 23 -3.85 14.50 25.25
N ILE B 24 -2.53 14.46 25.39
CA ILE B 24 -1.79 13.67 26.39
C ILE B 24 -2.13 14.14 27.81
N LEU B 25 -2.22 15.46 27.97
CA LEU B 25 -2.41 16.11 29.28
C LEU B 25 -3.85 16.10 29.79
N GLU B 26 -4.76 15.44 29.06
CA GLU B 26 -6.16 15.32 29.47
C GLU B 26 -6.30 14.40 30.68
N PRO B 27 -6.87 14.90 31.79
CA PRO B 27 -7.15 14.00 32.91
C PRO B 27 -8.22 12.98 32.49
N ARG B 28 -8.16 11.78 33.06
CA ARG B 28 -9.10 10.72 32.69
C ARG B 28 -10.29 10.61 33.63
N SER B 29 -11.48 10.76 33.07
CA SER B 29 -12.73 10.47 33.78
C SER B 29 -12.83 8.97 34.03
N GLU B 30 -13.59 8.57 35.06
CA GLU B 30 -13.72 7.14 35.42
C GLU B 30 -14.34 6.33 34.29
N GLU B 31 -15.30 6.94 33.58
CA GLU B 31 -15.93 6.34 32.39
C GLU B 31 -14.89 5.90 31.36
N ASP B 32 -13.90 6.74 31.12
CA ASP B 32 -12.83 6.47 30.16
C ASP B 32 -11.96 5.29 30.59
N TRP B 33 -11.25 5.41 31.71
CA TRP B 33 -10.26 4.37 32.06
C TRP B 33 -10.82 3.00 32.46
N THR B 34 -12.05 2.96 32.95
CA THR B 34 -12.66 1.65 33.24
C THR B 34 -13.02 0.89 31.95
N ALA B 35 -13.05 1.61 30.84
CA ALA B 35 -13.25 1.01 29.52
C ALA B 35 -11.98 0.39 28.89
N HIS B 36 -10.86 0.36 29.63
CA HIS B 36 -9.61 -0.27 29.14
C HIS B 36 -9.87 -1.71 28.67
N ARG B 37 -9.11 -2.16 27.67
CA ARG B 37 -9.35 -3.45 27.02
C ARG B 37 -8.55 -4.60 27.65
N THR B 38 -7.35 -4.30 28.14
CA THR B 38 -6.48 -5.28 28.78
C THR B 38 -7.14 -5.82 30.06
N ARG B 39 -6.93 -7.11 30.33
CA ARG B 39 -7.59 -7.76 31.48
C ARG B 39 -6.66 -7.66 32.68
N ILE B 40 -7.23 -7.66 33.87
CA ILE B 40 -6.44 -7.49 35.10
C ILE B 40 -6.67 -8.68 36.01
N VAL B 41 -5.57 -9.38 36.28
CA VAL B 41 -5.53 -10.49 37.22
C VAL B 41 -4.97 -9.97 38.54
N CYS B 42 -5.70 -10.22 39.62
CA CYS B 42 -5.32 -9.79 40.96
C CYS B 42 -5.03 -11.00 41.84
N THR B 43 -3.91 -10.93 42.54
CA THR B 43 -3.55 -12.01 43.45
C THR B 43 -4.24 -11.81 44.77
N MET B 44 -4.97 -12.84 45.17
CA MET B 44 -5.71 -12.86 46.41
C MET B 44 -4.75 -12.95 47.59
N GLY B 45 -5.01 -12.15 48.61
CA GLY B 45 -4.18 -12.12 49.81
C GLY B 45 -4.92 -11.51 50.98
N PRO B 46 -4.32 -11.57 52.19
CA PRO B 46 -4.90 -11.04 53.42
C PRO B 46 -5.28 -9.55 53.32
N ALA B 47 -4.57 -8.83 52.45
CA ALA B 47 -4.81 -7.41 52.19
C ALA B 47 -6.06 -7.14 51.37
N CYS B 48 -6.62 -8.16 50.72
CA CYS B 48 -7.74 -7.96 49.79
C CYS B 48 -8.83 -9.05 49.72
N TRP B 49 -8.62 -10.21 50.34
CA TRP B 49 -9.58 -11.32 50.17
C TRP B 49 -10.98 -11.13 50.79
N ASN B 50 -11.18 -10.11 51.64
CA ASN B 50 -12.51 -9.90 52.24
C ASN B 50 -13.53 -9.24 51.31
N VAL B 51 -14.78 -9.67 51.42
CA VAL B 51 -15.87 -9.30 50.50
C VAL B 51 -15.93 -7.82 50.11
N ASP B 52 -15.73 -6.93 51.08
CA ASP B 52 -15.89 -5.49 50.85
CA ASP B 52 -15.87 -5.49 50.86
C ASP B 52 -14.84 -4.94 49.88
N THR B 53 -13.57 -5.28 50.09
CA THR B 53 -12.51 -4.80 49.19
C THR B 53 -12.50 -5.50 47.82
N LEU B 54 -12.93 -6.77 47.78
CA LEU B 54 -13.09 -7.50 46.51
C LEU B 54 -14.11 -6.84 45.60
N VAL B 55 -15.16 -6.28 46.18
CA VAL B 55 -16.21 -5.58 45.44
C VAL B 55 -15.66 -4.29 44.85
N LYS B 56 -14.90 -3.54 45.66
CA LYS B 56 -14.26 -2.32 45.18
C LYS B 56 -13.22 -2.62 44.09
N MET B 57 -12.59 -3.79 44.17
CA MET B 57 -11.66 -4.26 43.13
C MET B 57 -12.37 -4.63 41.83
N ILE B 58 -13.53 -5.27 41.94
CA ILE B 58 -14.41 -5.49 40.79
C ILE B 58 -14.66 -4.14 40.10
N ASP B 59 -15.12 -3.17 40.88
CA ASP B 59 -15.38 -1.80 40.40
C ASP B 59 -14.17 -1.10 39.75
N ALA B 60 -12.97 -1.47 40.16
CA ALA B 60 -11.76 -0.80 39.68
C ALA B 60 -11.19 -1.43 38.40
N GLY B 61 -11.47 -2.73 38.19
CA GLY B 61 -11.11 -3.42 36.94
C GLY B 61 -10.61 -4.86 37.05
N MET B 62 -10.71 -5.45 38.23
CA MET B 62 -10.36 -6.85 38.40
C MET B 62 -11.27 -7.78 37.58
N ASN B 63 -10.64 -8.71 36.86
CA ASN B 63 -11.33 -9.66 36.00
C ASN B 63 -11.07 -11.10 36.41
N VAL B 64 -9.87 -11.34 36.95
CA VAL B 64 -9.44 -12.67 37.37
C VAL B 64 -8.85 -12.63 38.78
N CYS B 65 -9.24 -13.61 39.61
CA CYS B 65 -8.64 -13.79 40.94
C CYS B 65 -7.62 -14.93 40.95
N ARG B 66 -6.39 -14.59 41.27
CA ARG B 66 -5.35 -15.61 41.40
C ARG B 66 -5.29 -16.09 42.84
N LEU B 67 -5.36 -17.42 43.00
CA LEU B 67 -5.05 -18.07 44.27
C LEU B 67 -3.63 -18.63 44.20
N ASN B 68 -2.73 -18.09 45.02
CA ASN B 68 -1.35 -18.53 45.02
C ASN B 68 -1.15 -19.66 46.04
N PHE B 69 -0.98 -20.88 45.54
CA PHE B 69 -0.80 -22.07 46.38
C PHE B 69 0.65 -22.32 46.87
N SER B 70 1.52 -21.35 46.62
CA SER B 70 2.77 -21.29 47.35
C SER B 70 2.53 -21.01 48.85
N HIS B 71 1.40 -20.38 49.17
CA HIS B 71 1.05 -20.07 50.56
C HIS B 71 -0.29 -20.66 50.94
N GLY B 72 -0.51 -20.81 52.24
CA GLY B 72 -1.82 -21.18 52.82
C GLY B 72 -2.35 -22.56 52.47
N ASP B 73 -3.43 -22.94 53.14
CA ASP B 73 -4.02 -24.27 52.99
C ASP B 73 -5.34 -24.23 52.22
N HIS B 74 -5.95 -25.39 52.07
CA HIS B 74 -7.22 -25.52 51.39
C HIS B 74 -8.32 -24.76 52.14
N GLU B 75 -8.25 -24.76 53.47
CA GLU B 75 -9.21 -24.04 54.33
C GLU B 75 -9.16 -22.52 54.10
N THR B 76 -7.94 -21.98 54.08
CA THR B 76 -7.66 -20.58 53.75
C THR B 76 -8.17 -20.21 52.35
N HIS B 77 -7.85 -21.06 51.37
CA HIS B 77 -8.19 -20.76 49.99
C HIS B 77 -9.68 -20.94 49.69
N ALA B 78 -10.33 -21.83 50.44
CA ALA B 78 -11.80 -22.01 50.38
C ALA B 78 -12.53 -20.78 50.92
N ARG B 79 -11.98 -20.18 51.97
CA ARG B 79 -12.48 -18.90 52.48
C ARG B 79 -12.37 -17.80 51.44
N THR B 80 -11.26 -17.79 50.69
CA THR B 80 -11.04 -16.81 49.62
C THR B 80 -12.09 -16.96 48.51
N VAL B 81 -12.24 -18.18 47.99
CA VAL B 81 -13.27 -18.51 47.00
C VAL B 81 -14.71 -18.12 47.40
N GLN B 82 -15.12 -18.45 48.64
CA GLN B 82 -16.49 -18.14 49.08
C GLN B 82 -16.76 -16.64 49.18
N ASN B 83 -15.73 -15.88 49.56
CA ASN B 83 -15.75 -14.42 49.53
C ASN B 83 -15.87 -13.83 48.12
N ILE B 84 -15.28 -14.52 47.15
CA ILE B 84 -15.34 -14.09 45.76
C ILE B 84 -16.79 -14.20 45.30
N GLN B 85 -17.42 -15.33 45.65
CA GLN B 85 -18.80 -15.62 45.32
C GLN B 85 -19.76 -14.59 45.92
N GLU B 86 -19.49 -14.20 47.17
CA GLU B 86 -20.26 -13.16 47.87
C GLU B 86 -20.11 -11.79 47.19
N ALA B 87 -18.87 -11.47 46.86
CA ALA B 87 -18.55 -10.25 46.11
C ALA B 87 -19.32 -10.23 44.80
N MET B 88 -19.38 -11.38 44.12
CA MET B 88 -20.12 -11.50 42.85
C MET B 88 -21.63 -11.39 43.04
N LYS B 89 -22.12 -11.71 44.24
CA LYS B 89 -23.54 -11.56 44.54
C LYS B 89 -23.91 -10.08 44.68
N GLN B 90 -22.93 -9.26 45.05
CA GLN B 90 -23.14 -7.81 45.16
C GLN B 90 -22.93 -7.11 43.82
N ARG B 91 -22.21 -7.76 42.92
CA ARG B 91 -22.01 -7.27 41.54
C ARG B 91 -22.42 -8.36 40.55
N PRO B 92 -23.74 -8.59 40.39
CA PRO B 92 -24.22 -9.73 39.59
C PRO B 92 -23.74 -9.73 38.13
N GLU B 93 -23.45 -8.55 37.59
CA GLU B 93 -23.00 -8.40 36.20
C GLU B 93 -21.55 -8.89 35.97
N ALA B 94 -20.82 -9.10 37.07
CA ALA B 94 -19.41 -9.54 37.02
C ALA B 94 -19.24 -11.07 37.00
N ARG B 95 -18.19 -11.55 36.34
CA ARG B 95 -17.97 -12.98 36.16
C ARG B 95 -16.51 -13.33 36.37
N LEU B 96 -16.02 -13.09 37.57
CA LEU B 96 -14.63 -13.25 37.87
C LEU B 96 -14.19 -14.69 37.64
N ALA B 97 -13.09 -14.86 36.89
CA ALA B 97 -12.47 -16.16 36.74
C ALA B 97 -11.55 -16.41 37.91
N ILE B 98 -11.28 -17.67 38.19
CA ILE B 98 -10.45 -18.01 39.32
C ILE B 98 -9.32 -18.90 38.84
N LEU B 99 -8.09 -18.44 39.04
CA LEU B 99 -6.89 -19.14 38.59
C LEU B 99 -6.13 -19.74 39.77
N LEU B 100 -5.80 -21.03 39.68
CA LEU B 100 -4.97 -21.70 40.69
C LEU B 100 -3.51 -21.72 40.22
N ASP B 101 -2.67 -21.07 41.00
CA ASP B 101 -1.26 -20.94 40.68
C ASP B 101 -0.54 -21.90 41.64
N THR B 102 0.00 -22.99 41.08
CA THR B 102 0.67 -24.04 41.86
C THR B 102 1.96 -23.57 42.56
N LYS B 103 2.35 -24.30 43.60
CA LYS B 103 3.64 -24.05 44.25
C LYS B 103 4.79 -24.52 43.36
N GLY B 104 4.67 -25.74 42.84
CA GLY B 104 5.70 -26.30 41.95
C GLY B 104 7.03 -26.49 42.65
N PRO B 105 8.12 -26.58 41.88
CA PRO B 105 9.46 -26.83 42.42
C PRO B 105 10.17 -25.59 43.00
N GLU B 106 9.40 -24.58 43.40
CA GLU B 106 9.96 -23.31 43.91
C GLU B 106 10.77 -23.50 45.20
N ILE B 107 11.83 -22.72 45.29
CA ILE B 107 12.65 -22.59 46.50
C ILE B 107 12.87 -21.09 46.61
N ARG B 108 12.06 -20.44 47.43
CA ARG B 108 12.06 -18.99 47.51
C ARG B 108 12.33 -18.51 48.94
N THR B 109 12.80 -17.27 49.05
CA THR B 109 13.03 -16.64 50.34
C THR B 109 11.68 -16.24 50.95
N GLY B 110 11.69 -15.94 52.25
CA GLY B 110 10.46 -15.58 52.95
C GLY B 110 10.16 -14.08 52.98
N PHE B 111 9.21 -13.69 53.81
CA PHE B 111 8.84 -12.27 53.97
C PHE B 111 9.75 -11.57 54.96
N LEU B 112 10.00 -10.29 54.67
CA LEU B 112 10.89 -9.46 55.47
C LEU B 112 10.10 -8.46 56.32
N LYS B 113 10.80 -7.89 57.30
CA LYS B 113 10.26 -6.90 58.22
C LYS B 113 9.75 -5.68 57.46
N ASP B 114 8.50 -5.30 57.74
CA ASP B 114 7.84 -4.16 57.12
C ASP B 114 7.86 -4.19 55.59
N HIS B 115 8.01 -5.38 55.01
CA HIS B 115 8.16 -5.60 53.56
C HIS B 115 9.36 -4.85 52.94
N LYS B 116 10.29 -4.38 53.78
CA LYS B 116 11.51 -3.67 53.33
C LYS B 116 12.63 -4.65 52.99
N PRO B 117 13.32 -4.40 51.85
CA PRO B 117 14.46 -5.24 51.44
C PRO B 117 15.66 -5.05 52.37
N ILE B 118 16.45 -6.10 52.56
CA ILE B 118 17.59 -6.08 53.48
C ILE B 118 18.96 -6.01 52.79
N THR B 119 19.93 -5.39 53.45
CA THR B 119 21.28 -5.22 52.92
C THR B 119 22.32 -5.85 53.88
N THR B 125 27.38 -13.39 57.41
CA THR B 125 26.81 -14.09 58.55
C THR B 125 25.27 -14.07 58.54
N LEU B 126 24.65 -15.11 57.99
CA LEU B 126 23.18 -15.16 57.83
C LEU B 126 22.52 -16.53 58.04
N LYS B 127 21.39 -16.54 58.75
CA LYS B 127 20.68 -17.76 59.08
C LYS B 127 19.42 -17.94 58.23
N ILE B 128 19.31 -19.09 57.56
CA ILE B 128 18.13 -19.40 56.77
C ILE B 128 17.33 -20.50 57.48
N VAL B 129 16.04 -20.24 57.72
CA VAL B 129 15.16 -21.17 58.44
C VAL B 129 14.09 -21.83 57.56
N THR B 130 13.67 -23.03 57.98
CA THR B 130 12.60 -23.81 57.36
C THR B 130 11.20 -23.26 57.71
N ASP B 131 11.07 -22.65 58.89
CA ASP B 131 9.79 -22.07 59.34
C ASP B 131 9.50 -20.83 58.49
N TYR B 132 8.48 -20.93 57.65
CA TYR B 132 8.11 -19.87 56.73
C TYR B 132 7.20 -18.77 57.35
N ASN B 133 6.84 -18.93 58.62
CA ASN B 133 6.12 -17.89 59.38
C ASN B 133 7.04 -16.76 59.82
N LEU B 134 8.33 -17.00 59.76
CA LEU B 134 9.33 -16.03 60.14
C LEU B 134 9.19 -14.77 59.27
N ILE B 135 8.99 -13.64 59.95
CA ILE B 135 9.15 -12.35 59.33
C ILE B 135 10.64 -12.01 59.46
N GLY B 136 11.35 -12.16 58.36
CA GLY B 136 12.80 -12.05 58.34
C GLY B 136 13.35 -10.66 58.56
N ASP B 137 14.65 -10.61 58.87
CA ASP B 137 15.38 -9.36 58.92
C ASP B 137 16.84 -9.60 58.47
N GLU B 138 17.71 -8.63 58.70
CA GLU B 138 19.12 -8.74 58.30
C GLU B 138 19.80 -9.97 58.90
N THR B 139 19.40 -10.37 60.10
CA THR B 139 20.01 -11.51 60.79
C THR B 139 19.63 -12.85 60.16
N THR B 140 18.33 -13.09 60.02
CA THR B 140 17.81 -14.39 59.64
C THR B 140 16.60 -14.31 58.69
N ILE B 141 16.57 -15.19 57.69
CA ILE B 141 15.46 -15.27 56.71
C ILE B 141 14.87 -16.68 56.59
N ALA B 142 13.66 -16.77 56.05
CA ALA B 142 12.99 -18.05 55.82
C ALA B 142 13.17 -18.56 54.39
N CYS B 143 12.89 -19.85 54.20
CA CYS B 143 12.96 -20.55 52.92
C CYS B 143 11.70 -21.40 52.70
N SER B 144 11.10 -21.28 51.51
CA SER B 144 9.88 -22.02 51.15
C SER B 144 10.07 -23.54 51.03
N TYR B 145 11.31 -23.95 50.75
CA TYR B 145 11.67 -25.36 50.67
C TYR B 145 11.96 -25.93 52.05
N GLY B 146 11.02 -26.73 52.56
CA GLY B 146 11.10 -27.29 53.91
C GLY B 146 12.19 -28.33 54.14
N ALA B 147 12.74 -28.87 53.06
CA ALA B 147 13.80 -29.88 53.13
C ALA B 147 15.20 -29.31 52.83
N LEU B 148 15.33 -27.99 52.91
CA LEU B 148 16.60 -27.28 52.71
C LEU B 148 17.78 -27.81 53.55
N PRO B 149 17.57 -28.08 54.88
CA PRO B 149 18.65 -28.67 55.70
C PRO B 149 19.19 -30.01 55.19
N GLN B 150 18.31 -30.85 54.62
CA GLN B 150 18.69 -32.20 54.16
C GLN B 150 19.28 -32.16 52.76
N SER B 151 19.33 -30.97 52.17
CA SER B 151 19.80 -30.77 50.79
C SER B 151 21.08 -29.93 50.68
N VAL B 152 21.78 -29.77 51.80
CA VAL B 152 23.02 -28.99 51.84
C VAL B 152 23.76 -29.27 53.14
N PRO B 154 27.32 -28.85 54.88
CA PRO B 154 28.22 -28.17 55.82
C PRO B 154 29.31 -27.36 55.11
N GLY B 155 29.25 -27.28 53.80
CA GLY B 155 30.25 -26.54 53.01
C GLY B 155 29.77 -26.18 51.62
N ASN B 156 28.48 -26.44 51.35
CA ASN B 156 27.85 -26.16 50.05
C ASN B 156 27.65 -24.66 49.79
N THR B 157 27.34 -24.33 48.54
CA THR B 157 27.06 -22.95 48.14
C THR B 157 25.58 -22.74 47.73
N ILE B 158 25.02 -21.58 48.08
CA ILE B 158 23.63 -21.22 47.78
C ILE B 158 23.54 -19.81 47.16
N LEU B 159 23.00 -19.73 45.94
CA LEU B 159 22.80 -18.45 45.26
C LEU B 159 21.38 -17.92 45.52
N ILE B 160 21.29 -16.65 45.91
CA ILE B 160 19.99 -16.05 46.25
C ILE B 160 19.72 -14.79 45.44
N ALA B 161 18.49 -14.67 44.94
CA ALA B 161 18.00 -13.56 44.12
C ALA B 161 18.71 -13.48 42.75
N ASP B 162 18.49 -14.52 41.94
CA ASP B 162 19.10 -14.67 40.61
C ASP B 162 20.62 -14.53 40.60
N GLY B 163 21.26 -15.11 41.61
CA GLY B 163 22.72 -15.07 41.76
C GLY B 163 23.32 -13.73 42.20
N SER B 164 22.57 -12.98 42.99
CA SER B 164 23.03 -11.67 43.50
C SER B 164 23.81 -11.85 44.79
N LEU B 165 23.22 -12.56 45.75
CA LEU B 165 23.92 -12.97 46.96
C LEU B 165 24.39 -14.41 46.80
N SER B 166 25.59 -14.68 47.28
CA SER B 166 26.11 -16.03 47.33
C SER B 166 26.52 -16.32 48.75
N VAL B 167 26.02 -17.41 49.31
CA VAL B 167 26.34 -17.78 50.69
C VAL B 167 27.00 -19.15 50.78
N LYS B 168 27.79 -19.36 51.83
CA LYS B 168 28.43 -20.65 52.07
C LYS B 168 27.95 -21.24 53.39
N VAL B 169 27.45 -22.47 53.34
CA VAL B 169 26.89 -23.15 54.53
C VAL B 169 28.00 -23.43 55.55
N VAL B 170 27.85 -22.87 56.74
CA VAL B 170 28.75 -23.12 57.86
C VAL B 170 28.22 -24.31 58.67
N GLU B 171 26.91 -24.31 58.89
CA GLU B 171 26.27 -25.30 59.77
C GLU B 171 24.90 -25.75 59.24
N VAL B 172 24.62 -27.04 59.41
CA VAL B 172 23.31 -27.62 59.09
C VAL B 172 22.65 -28.15 60.36
N GLY B 173 21.53 -27.53 60.74
CA GLY B 173 20.77 -27.98 61.88
C GLY B 173 19.61 -28.87 61.49
N SER B 174 18.59 -28.93 62.35
CA SER B 174 17.40 -29.70 62.08
C SER B 174 16.54 -29.01 61.02
N ASP B 175 16.12 -27.78 61.32
CA ASP B 175 15.26 -26.99 60.46
C ASP B 175 15.84 -25.60 60.17
N TYR B 176 17.17 -25.52 60.11
CA TYR B 176 17.85 -24.25 59.84
C TYR B 176 19.24 -24.49 59.23
N VAL B 177 19.76 -23.46 58.57
CA VAL B 177 21.14 -23.43 58.11
C VAL B 177 21.79 -22.09 58.50
N ILE B 178 23.07 -22.13 58.90
CA ILE B 178 23.88 -20.92 59.06
C ILE B 178 24.78 -20.75 57.84
N THR B 179 24.79 -19.55 57.28
CA THR B 179 25.59 -19.24 56.11
C THR B 179 26.46 -18.00 56.35
N GLN B 180 27.53 -17.88 55.59
CA GLN B 180 28.33 -16.66 55.54
C GLN B 180 28.20 -16.05 54.15
N ALA B 181 27.80 -14.78 54.10
CA ALA B 181 27.66 -14.06 52.85
C ALA B 181 29.00 -13.90 52.11
N GLN B 182 29.21 -14.76 51.12
CA GLN B 182 30.43 -14.73 50.31
C GLN B 182 30.40 -13.60 49.28
N ASN B 183 29.51 -12.64 49.51
CA ASN B 183 29.30 -11.49 48.63
C ASN B 183 28.43 -10.44 49.31
N THR B 184 28.85 -9.18 49.24
CA THR B 184 28.08 -8.08 49.80
C THR B 184 27.00 -7.63 48.80
N ALA B 185 25.75 -7.94 49.14
CA ALA B 185 24.60 -7.67 48.27
C ALA B 185 23.29 -7.40 49.02
N THR B 186 22.34 -6.78 48.32
CA THR B 186 21.03 -6.47 48.88
C THR B 186 19.93 -7.35 48.26
N ILE B 187 19.18 -8.04 49.11
CA ILE B 187 18.15 -8.98 48.65
C ILE B 187 16.74 -8.69 49.19
N GLY B 188 15.74 -9.00 48.39
CA GLY B 188 14.34 -8.76 48.76
C GLY B 188 13.66 -10.01 49.28
N GLU B 189 12.33 -10.01 49.25
CA GLU B 189 11.51 -11.11 49.76
C GLU B 189 10.83 -11.90 48.63
N ARG B 190 10.55 -13.17 48.90
CA ARG B 190 9.98 -14.10 47.90
C ARG B 190 10.89 -14.27 46.67
N LYS B 191 12.21 -14.15 46.89
CA LYS B 191 13.21 -14.23 45.82
C LYS B 191 13.80 -15.63 45.68
N ASN B 192 14.05 -16.03 44.43
CA ASN B 192 14.52 -17.36 44.09
CA ASN B 192 14.50 -17.38 44.09
C ASN B 192 15.83 -17.78 44.75
N MET B 193 15.97 -19.06 45.04
CA MET B 193 17.17 -19.62 45.64
C MET B 193 17.63 -20.84 44.85
N ASN B 194 18.87 -20.78 44.37
CA ASN B 194 19.51 -21.91 43.70
C ASN B 194 20.44 -22.69 44.65
N LEU B 195 20.46 -24.01 44.51
CA LEU B 195 21.36 -24.87 45.29
C LEU B 195 22.11 -25.84 44.37
N PRO B 196 23.33 -25.45 43.92
CA PRO B 196 24.20 -26.39 43.18
C PRO B 196 24.52 -27.67 43.98
N ASN B 197 25.12 -28.65 43.30
CA ASN B 197 25.44 -29.97 43.88
C ASN B 197 24.37 -30.55 44.82
N VAL B 198 23.11 -30.49 44.38
CA VAL B 198 21.99 -31.04 45.15
C VAL B 198 21.16 -32.01 44.27
N GLN B 201 16.71 -33.42 42.21
CA GLN B 201 15.96 -32.62 41.26
C GLN B 201 14.45 -32.74 41.49
N LEU B 202 13.76 -31.61 41.50
CA LEU B 202 12.34 -31.55 41.87
C LEU B 202 11.41 -31.59 40.65
N PRO B 203 10.27 -32.31 40.78
CA PRO B 203 9.29 -32.38 39.69
C PRO B 203 8.50 -31.10 39.56
N VAL B 204 8.07 -30.82 38.33
CA VAL B 204 7.26 -29.65 38.02
C VAL B 204 5.92 -29.71 38.78
N ILE B 205 5.30 -30.89 38.76
CA ILE B 205 4.07 -31.18 39.51
C ILE B 205 4.35 -32.32 40.49
N GLY B 206 4.57 -31.96 41.76
CA GLY B 206 4.71 -32.94 42.83
C GLY B 206 3.38 -33.43 43.36
N GLU B 207 3.43 -34.26 44.41
CA GLU B 207 2.23 -34.81 45.05
C GLU B 207 1.39 -33.70 45.68
N LYS B 208 2.06 -32.69 46.24
CA LYS B 208 1.38 -31.53 46.83
C LYS B 208 0.63 -30.72 45.76
N ASP B 209 1.23 -30.54 44.59
CA ASP B 209 0.60 -29.87 43.44
C ASP B 209 -0.57 -30.68 42.86
N LYS B 210 -0.35 -31.98 42.72
CA LYS B 210 -1.37 -32.91 42.28
C LYS B 210 -2.59 -32.84 43.21
N HIS B 211 -2.35 -32.87 44.52
CA HIS B 211 -3.41 -32.77 45.51
C HIS B 211 -4.17 -31.44 45.39
N ASP B 212 -3.44 -30.36 45.15
CA ASP B 212 -4.08 -29.06 45.03
C ASP B 212 -4.98 -29.01 43.80
N ILE B 213 -4.50 -29.55 42.69
CA ILE B 213 -5.25 -29.55 41.44
C ILE B 213 -6.51 -30.40 41.58
N LEU B 214 -6.36 -31.60 42.13
CA LEU B 214 -7.44 -32.57 42.18
C LEU B 214 -8.45 -32.30 43.29
N ASN B 215 -7.95 -31.91 44.46
CA ASN B 215 -8.79 -31.81 45.65
C ASN B 215 -9.24 -30.39 45.96
N PHE B 216 -8.67 -29.42 45.26
CA PHE B 216 -9.14 -28.04 45.35
C PHE B 216 -9.53 -27.49 43.98
N GLY B 217 -8.61 -27.53 43.03
CA GLY B 217 -8.85 -27.00 41.68
C GLY B 217 -10.18 -27.42 41.08
N ILE B 218 -10.39 -28.74 41.00
CA ILE B 218 -11.61 -29.29 40.41
C ILE B 218 -12.89 -28.96 41.24
N PRO B 219 -12.94 -29.37 42.52
CA PRO B 219 -14.17 -29.14 43.30
C PRO B 219 -14.47 -27.69 43.67
N MET B 220 -13.49 -26.79 43.65
CA MET B 220 -13.75 -25.41 44.08
C MET B 220 -14.17 -24.46 42.97
N GLY B 221 -14.20 -24.96 41.74
CA GLY B 221 -14.67 -24.16 40.61
C GLY B 221 -13.61 -23.22 40.04
N CYS B 222 -12.34 -23.60 40.19
CA CYS B 222 -11.23 -22.89 39.53
C CYS B 222 -11.31 -23.13 38.03
N ASN B 223 -11.17 -22.04 37.28
CA ASN B 223 -11.30 -22.10 35.83
C ASN B 223 -9.95 -22.30 35.14
N PHE B 224 -8.89 -21.87 35.80
CA PHE B 224 -7.52 -21.96 35.26
C PHE B 224 -6.59 -22.60 36.23
N ILE B 225 -5.65 -23.38 35.69
CA ILE B 225 -4.46 -23.78 36.44
C ILE B 225 -3.25 -23.07 35.83
N ALA B 226 -2.60 -22.22 36.61
CA ALA B 226 -1.32 -21.65 36.22
C ALA B 226 -0.22 -22.51 36.80
N ALA B 227 0.48 -23.27 35.96
CA ALA B 227 1.49 -24.22 36.44
C ALA B 227 2.92 -23.63 36.48
N SER B 228 3.41 -23.44 37.70
CA SER B 228 4.73 -22.85 37.92
C SER B 228 5.87 -23.71 37.37
N PHE B 229 6.88 -23.02 36.84
CA PHE B 229 8.12 -23.66 36.36
C PHE B 229 7.89 -24.76 35.32
N VAL B 230 7.00 -24.51 34.36
CA VAL B 230 6.82 -25.47 33.26
C VAL B 230 8.06 -25.51 32.35
N GLN B 231 8.49 -26.73 32.02
CA GLN B 231 9.78 -26.98 31.36
C GLN B 231 9.67 -27.60 29.97
N SER B 232 8.56 -28.28 29.70
CA SER B 232 8.30 -28.93 28.41
C SER B 232 6.80 -29.15 28.23
N ALA B 233 6.40 -29.47 27.00
CA ALA B 233 5.01 -29.81 26.69
C ALA B 233 4.50 -31.08 27.41
N ASP B 234 5.42 -31.95 27.82
CA ASP B 234 5.09 -33.11 28.64
C ASP B 234 4.41 -32.69 29.95
N ASP B 235 4.90 -31.61 30.54
CA ASP B 235 4.30 -31.04 31.75
C ASP B 235 2.84 -30.67 31.49
N VAL B 236 2.58 -30.04 30.35
CA VAL B 236 1.22 -29.64 30.01
C VAL B 236 0.30 -30.86 29.88
N ARG B 237 0.73 -31.84 29.07
CA ARG B 237 -0.04 -33.06 28.84
C ARG B 237 -0.28 -33.84 30.14
N TYR B 238 0.69 -33.83 31.05
CA TYR B 238 0.55 -34.48 32.34
C TYR B 238 -0.60 -33.87 33.17
N ILE B 239 -0.63 -32.54 33.21
CA ILE B 239 -1.68 -31.82 33.93
C ILE B 239 -3.05 -32.07 33.28
N ARG B 240 -3.07 -32.09 31.94
CA ARG B 240 -4.28 -32.41 31.21
C ARG B 240 -4.76 -33.83 31.50
N GLY B 241 -3.82 -34.77 31.62
CA GLY B 241 -4.11 -36.14 32.04
C GLY B 241 -4.64 -36.24 33.46
N LEU B 242 -4.08 -35.43 34.36
CA LEU B 242 -4.52 -35.37 35.75
C LEU B 242 -5.94 -34.81 35.86
N LEU B 243 -6.19 -33.76 35.08
CA LEU B 243 -7.49 -33.10 35.08
C LEU B 243 -8.57 -34.03 34.59
N GLY B 244 -8.33 -34.71 33.47
CA GLY B 244 -9.21 -35.76 32.96
C GLY B 244 -10.61 -35.24 32.64
N PRO B 245 -11.58 -36.15 32.53
CA PRO B 245 -12.94 -35.70 32.17
C PRO B 245 -13.56 -34.81 33.25
N ARG B 246 -13.29 -35.13 34.52
CA ARG B 246 -13.78 -34.35 35.67
C ARG B 246 -13.34 -32.89 35.62
N GLY B 247 -12.17 -32.63 35.02
CA GLY B 247 -11.66 -31.27 34.87
C GLY B 247 -11.56 -30.80 33.43
N ARG B 248 -12.48 -31.24 32.57
CA ARG B 248 -12.50 -30.85 31.16
C ARG B 248 -12.73 -29.35 30.93
N HIS B 249 -13.39 -28.73 31.90
CA HIS B 249 -13.78 -27.32 31.84
C HIS B 249 -12.65 -26.40 32.38
N ILE B 250 -11.50 -26.97 32.70
CA ILE B 250 -10.38 -26.21 33.26
C ILE B 250 -9.27 -26.05 32.22
N ARG B 251 -8.75 -24.84 32.13
CA ARG B 251 -7.78 -24.51 31.11
C ARG B 251 -6.41 -24.39 31.79
N ILE B 252 -5.35 -24.69 31.04
CA ILE B 252 -3.99 -24.77 31.60
C ILE B 252 -3.14 -23.60 31.11
N ILE B 253 -2.55 -22.88 32.05
CA ILE B 253 -1.65 -21.76 31.75
C ILE B 253 -0.24 -22.02 32.30
N PRO B 254 0.67 -22.59 31.48
CA PRO B 254 2.05 -22.73 31.92
C PRO B 254 2.72 -21.39 32.22
N LYS B 255 3.49 -21.32 33.31
CA LYS B 255 4.35 -20.17 33.62
C LYS B 255 5.75 -20.45 33.11
N ILE B 256 6.26 -19.57 32.25
CA ILE B 256 7.64 -19.71 31.77
C ILE B 256 8.56 -18.88 32.68
N GLU B 257 9.39 -19.57 33.46
CA GLU B 257 10.13 -18.96 34.57
C GLU B 257 11.62 -19.27 34.53
N ASN B 258 12.00 -20.17 33.63
CA ASN B 258 13.39 -20.58 33.51
C ASN B 258 13.80 -20.71 32.04
N VAL B 259 15.09 -20.99 31.82
CA VAL B 259 15.61 -21.21 30.47
C VAL B 259 14.99 -22.42 29.75
N GLU B 260 14.75 -23.53 30.46
CA GLU B 260 14.17 -24.73 29.82
C GLU B 260 12.79 -24.47 29.23
N GLY B 261 11.93 -23.82 30.01
CA GLY B 261 10.61 -23.44 29.54
C GLY B 261 10.67 -22.48 28.38
N LEU B 262 11.69 -21.61 28.38
CA LEU B 262 11.88 -20.67 27.28
C LEU B 262 12.36 -21.42 26.03
N VAL B 263 13.32 -22.33 26.22
CA VAL B 263 13.79 -23.25 25.17
C VAL B 263 12.63 -24.06 24.54
N ASN B 264 11.72 -24.55 25.36
CA ASN B 264 10.64 -25.38 24.86
C ASN B 264 9.34 -24.64 24.62
N PHE B 265 9.41 -23.32 24.52
CA PHE B 265 8.21 -22.49 24.52
C PHE B 265 7.20 -22.84 23.44
N ASP B 266 7.69 -23.07 22.21
CA ASP B 266 6.84 -23.38 21.06
C ASP B 266 5.98 -24.61 21.29
N GLU B 267 6.61 -25.68 21.78
CA GLU B 267 5.93 -26.92 22.12
C GLU B 267 4.97 -26.76 23.27
N ILE B 268 5.37 -25.97 24.25
CA ILE B 268 4.56 -25.67 25.42
C ILE B 268 3.31 -24.89 25.03
N LEU B 269 3.49 -23.86 24.20
CA LEU B 269 2.37 -23.05 23.74
C LEU B 269 1.38 -23.87 22.90
N ALA B 270 1.90 -24.76 22.05
CA ALA B 270 1.04 -25.58 21.19
C ALA B 270 0.05 -26.40 22.02
N GLU B 271 0.52 -26.95 23.13
CA GLU B 271 -0.30 -27.73 24.07
C GLU B 271 -1.13 -26.89 25.03
N ALA B 272 -0.62 -25.72 25.41
CA ALA B 272 -1.24 -24.88 26.41
C ALA B 272 -2.50 -24.19 25.91
N ASP B 273 -3.28 -23.66 26.84
CA ASP B 273 -4.44 -22.82 26.53
C ASP B 273 -4.10 -21.31 26.57
N GLY B 274 -2.94 -20.98 27.12
CA GLY B 274 -2.47 -19.60 27.26
C GLY B 274 -1.15 -19.65 27.99
N ILE B 275 -0.53 -18.50 28.24
CA ILE B 275 0.81 -18.47 28.85
C ILE B 275 0.94 -17.41 29.92
N MET B 276 1.69 -17.70 30.98
CA MET B 276 2.00 -16.71 31.98
C MET B 276 3.49 -16.43 31.96
N ILE B 277 3.84 -15.17 31.76
CA ILE B 277 5.24 -14.78 31.77
C ILE B 277 5.57 -14.19 33.13
N ALA B 278 6.47 -14.86 33.87
CA ALA B 278 7.02 -14.32 35.12
C ALA B 278 8.50 -14.01 34.89
N ARG B 279 9.19 -13.44 35.88
CA ARG B 279 10.65 -13.23 35.78
C ARG B 279 11.39 -14.55 36.14
N GLY B 280 11.03 -15.09 37.28
CA GLY B 280 11.52 -16.38 37.75
C GLY B 280 10.59 -16.85 38.86
N ILE B 286 21.66 -16.11 30.24
CA ILE B 286 20.92 -15.05 29.55
C ILE B 286 20.85 -13.75 30.37
N PRO B 287 21.64 -12.75 29.94
CA PRO B 287 21.66 -11.37 30.49
C PRO B 287 20.28 -10.68 30.48
N PRO B 288 20.15 -9.52 31.17
CA PRO B 288 18.94 -8.73 30.95
C PRO B 288 18.95 -8.02 29.59
N GLU B 289 20.15 -7.84 29.01
CA GLU B 289 20.32 -7.35 27.65
C GLU B 289 19.58 -8.21 26.58
N LYS B 290 19.02 -9.34 27.03
CA LYS B 290 18.37 -10.34 26.17
C LYS B 290 17.07 -10.85 26.75
N VAL B 291 16.81 -10.58 28.03
CA VAL B 291 15.52 -10.99 28.64
C VAL B 291 14.34 -10.20 28.06
N PHE B 292 14.62 -9.00 27.57
CA PHE B 292 13.55 -8.13 27.08
C PHE B 292 13.00 -8.71 25.78
N LEU B 293 13.91 -9.37 25.03
CA LEU B 293 13.59 -10.11 23.81
C LEU B 293 12.64 -11.27 24.05
N ALA B 294 12.78 -11.93 25.20
CA ALA B 294 11.96 -13.10 25.55
C ALA B 294 10.50 -12.73 25.78
N GLN B 295 10.24 -11.68 26.54
CA GLN B 295 8.89 -11.18 26.72
C GLN B 295 8.23 -10.78 25.41
N LYS B 296 8.93 -10.01 24.57
CA LYS B 296 8.39 -9.63 23.24
C LYS B 296 8.11 -10.88 22.37
N MET B 297 9.10 -11.78 22.26
CA MET B 297 8.90 -12.99 21.48
C MET B 297 7.69 -13.81 21.92
N MET B 298 7.57 -14.06 23.24
CA MET B 298 6.49 -14.91 23.77
C MET B 298 5.09 -14.28 23.65
N ILE B 299 5.00 -12.97 23.82
CA ILE B 299 3.72 -12.30 23.65
C ILE B 299 3.28 -12.37 22.18
N ALA B 300 4.20 -12.02 21.27
CA ALA B 300 3.90 -12.01 19.85
C ALA B 300 3.39 -13.38 19.36
N LYS B 301 4.05 -14.46 19.79
CA LYS B 301 3.67 -15.82 19.43
C LYS B 301 2.30 -16.23 19.97
N CYS B 302 1.97 -15.80 21.19
CA CYS B 302 0.64 -16.05 21.74
C CYS B 302 -0.42 -15.30 20.94
N ASN B 303 -0.09 -14.08 20.55
CA ASN B 303 -0.95 -13.21 19.77
C ASN B 303 -1.33 -13.85 18.44
N VAL B 304 -0.32 -14.35 17.74
CA VAL B 304 -0.44 -14.91 16.40
C VAL B 304 -1.43 -16.06 16.39
N VAL B 305 -1.45 -16.78 17.50
CA VAL B 305 -2.17 -18.03 17.57
C VAL B 305 -3.46 -17.84 18.36
N GLY B 306 -3.66 -16.62 18.86
CA GLY B 306 -4.91 -16.26 19.53
C GLY B 306 -5.08 -16.87 20.91
N LYS B 307 -3.96 -17.24 21.55
CA LYS B 307 -4.01 -17.76 22.91
C LYS B 307 -3.63 -16.65 23.86
N PRO B 308 -4.37 -16.52 24.98
CA PRO B 308 -4.17 -15.44 25.94
C PRO B 308 -2.81 -15.48 26.64
N VAL B 309 -2.21 -14.31 26.82
CA VAL B 309 -0.95 -14.22 27.54
C VAL B 309 -1.10 -13.27 28.72
N ILE B 310 -0.56 -13.68 29.86
CA ILE B 310 -0.57 -12.87 31.09
C ILE B 310 0.87 -12.43 31.40
N THR B 311 1.09 -11.12 31.50
CA THR B 311 2.38 -10.62 31.93
C THR B 311 2.35 -10.42 33.45
N ALA B 312 3.15 -11.25 34.12
CA ALA B 312 3.11 -11.34 35.56
C ALA B 312 4.51 -11.09 36.10
N THR B 313 5.10 -10.01 35.65
CA THR B 313 6.50 -9.73 35.90
C THR B 313 6.71 -8.61 36.91
N GLN B 314 6.27 -8.79 38.16
CA GLN B 314 6.56 -7.82 39.20
C GLN B 314 6.26 -6.38 38.73
N MET B 315 4.98 -6.07 38.57
CA MET B 315 4.57 -4.89 37.81
C MET B 315 4.73 -3.54 38.54
N LEU B 316 4.07 -3.40 39.69
CA LEU B 316 3.99 -2.13 40.41
C LEU B 316 4.38 -2.33 41.88
N GLU B 317 5.57 -2.90 42.09
CA GLU B 317 5.99 -3.36 43.41
C GLU B 317 6.00 -2.29 44.49
N SER B 318 6.34 -1.06 44.12
CA SER B 318 6.38 0.05 45.07
C SER B 318 5.02 0.31 45.70
N MET B 319 3.95 -0.07 45.01
CA MET B 319 2.58 0.18 45.48
C MET B 319 2.10 -0.76 46.60
N ILE B 320 2.94 -1.72 46.98
CA ILE B 320 2.76 -2.46 48.23
C ILE B 320 2.81 -1.49 49.42
N LYS B 321 3.67 -0.48 49.33
CA LYS B 321 3.81 0.52 50.38
C LYS B 321 3.33 1.92 49.97
N ASN B 322 3.35 2.22 48.68
CA ASN B 322 3.04 3.58 48.18
C ASN B 322 1.73 3.66 47.42
N PRO B 323 0.93 4.74 47.65
CA PRO B 323 -0.34 4.93 46.94
C PRO B 323 -0.19 5.35 45.47
N ARG B 324 1.05 5.41 45.01
CA ARG B 324 1.33 5.77 43.63
C ARG B 324 2.55 5.02 43.09
N PRO B 325 2.53 4.70 41.78
CA PRO B 325 3.66 3.99 41.15
C PRO B 325 4.78 4.95 40.80
N THR B 326 5.94 4.43 40.44
CA THR B 326 6.98 5.28 39.89
C THR B 326 6.73 5.36 38.38
N ARG B 327 7.36 6.35 37.75
CA ARG B 327 7.40 6.50 36.30
C ARG B 327 7.83 5.18 35.64
N ALA B 328 8.93 4.60 36.13
CA ALA B 328 9.50 3.39 35.54
C ALA B 328 8.56 2.20 35.62
N GLU B 329 7.88 2.07 36.74
CA GLU B 329 6.85 1.03 36.91
C GLU B 329 5.69 1.22 35.95
N ALA B 330 5.21 2.45 35.83
CA ALA B 330 4.12 2.75 34.91
C ALA B 330 4.52 2.42 33.46
N ALA B 331 5.72 2.84 33.06
CA ALA B 331 6.27 2.52 31.74
C ALA B 331 6.43 1.02 31.51
N ASP B 332 6.79 0.27 32.55
CA ASP B 332 6.95 -1.18 32.44
C ASP B 332 5.64 -1.87 32.07
N VAL B 333 4.56 -1.54 32.76
CA VAL B 333 3.22 -2.03 32.41
C VAL B 333 2.83 -1.63 30.98
N ALA B 334 2.93 -0.33 30.67
CA ALA B 334 2.58 0.20 29.35
C ALA B 334 3.27 -0.56 28.21
N ASN B 335 4.55 -0.88 28.37
CA ASN B 335 5.28 -1.63 27.34
C ASN B 335 4.83 -3.09 27.20
N ALA B 336 4.39 -3.70 28.30
CA ALA B 336 3.69 -4.98 28.27
C ALA B 336 2.42 -4.91 27.38
N VAL B 337 1.59 -3.91 27.63
CA VAL B 337 0.36 -3.69 26.88
C VAL B 337 0.67 -3.47 25.41
N LEU B 338 1.65 -2.60 25.14
CA LEU B 338 2.10 -2.35 23.77
C LEU B 338 2.67 -3.59 23.09
N ASP B 339 3.42 -4.40 23.82
CA ASP B 339 3.92 -5.68 23.28
C ASP B 339 2.77 -6.59 22.84
N GLY B 340 1.58 -6.36 23.40
CA GLY B 340 0.37 -7.06 23.00
C GLY B 340 -0.23 -8.01 24.02
N THR B 341 0.13 -7.83 25.30
CA THR B 341 -0.35 -8.72 26.38
C THR B 341 -1.89 -8.69 26.52
N ASP B 342 -2.47 -9.85 26.78
CA ASP B 342 -3.91 -9.92 27.03
C ASP B 342 -4.21 -9.43 28.44
N CYS B 343 -3.40 -9.89 29.39
CA CYS B 343 -3.59 -9.57 30.81
C CYS B 343 -2.34 -9.01 31.45
N VAL B 344 -2.54 -8.08 32.38
CA VAL B 344 -1.50 -7.72 33.34
C VAL B 344 -1.88 -8.28 34.70
N MET B 345 -0.88 -8.60 35.52
CA MET B 345 -1.13 -9.26 36.82
C MET B 345 -0.51 -8.52 37.99
N LEU B 346 -1.30 -8.38 39.05
CA LEU B 346 -0.85 -7.86 40.35
C LEU B 346 -0.60 -9.02 41.30
N SER B 347 0.55 -8.97 41.96
CA SER B 347 0.95 -10.02 42.90
C SER B 347 0.87 -9.49 44.33
N GLY B 348 2.03 -9.19 44.95
CA GLY B 348 2.08 -8.64 46.31
C GLY B 348 1.26 -7.37 46.48
N GLU B 349 1.20 -6.56 45.43
CA GLU B 349 0.49 -5.27 45.44
C GLU B 349 -0.96 -5.40 45.93
N THR B 350 -1.61 -6.51 45.58
CA THR B 350 -2.97 -6.79 46.03
C THR B 350 -3.02 -7.78 47.21
N ALA B 351 -2.09 -8.72 47.22
CA ALA B 351 -2.04 -9.77 48.25
C ALA B 351 -1.62 -9.25 49.63
N ASN B 352 -0.54 -8.47 49.67
CA ASN B 352 0.06 -8.00 50.92
C ASN B 352 0.26 -6.48 50.95
N GLY B 353 -0.50 -5.76 50.13
CA GLY B 353 -0.28 -4.33 49.96
C GLY B 353 -1.18 -3.43 50.78
N GLU B 354 -0.72 -2.19 50.99
CA GLU B 354 -1.44 -1.19 51.78
C GLU B 354 -2.57 -0.54 50.99
N PHE B 355 -2.50 -0.67 49.66
CA PHE B 355 -3.45 -0.02 48.76
C PHE B 355 -3.90 -0.95 47.64
N PRO B 356 -4.68 -2.00 47.97
CA PRO B 356 -5.04 -2.96 46.92
C PRO B 356 -5.99 -2.40 45.85
N VAL B 357 -6.98 -1.62 46.27
CA VAL B 357 -8.00 -1.10 45.35
C VAL B 357 -7.37 -0.03 44.45
N ILE B 358 -6.57 0.85 45.04
CA ILE B 358 -5.87 1.92 44.33
C ILE B 358 -4.89 1.35 43.30
N THR B 359 -4.23 0.25 43.63
CA THR B 359 -3.34 -0.40 42.69
C THR B 359 -4.08 -0.89 41.44
N VAL B 360 -5.20 -1.59 41.61
CA VAL B 360 -6.01 -2.07 40.48
C VAL B 360 -6.43 -0.90 39.58
N GLU B 361 -6.87 0.17 40.24
CA GLU B 361 -7.23 1.43 39.60
C GLU B 361 -6.11 2.05 38.77
N THR B 362 -4.90 2.10 39.31
CA THR B 362 -3.79 2.72 38.56
C THR B 362 -3.30 1.80 37.44
N MET B 363 -3.48 0.49 37.61
CA MET B 363 -3.28 -0.48 36.55
C MET B 363 -4.29 -0.27 35.42
N ALA B 364 -5.57 -0.07 35.76
CA ALA B 364 -6.60 0.19 34.75
C ALA B 364 -6.28 1.46 33.96
N ARG B 365 -5.77 2.45 34.67
CA ARG B 365 -5.42 3.78 34.16
C ARG B 365 -4.22 3.72 33.19
N ILE B 366 -3.17 2.98 33.58
CA ILE B 366 -2.00 2.76 32.72
C ILE B 366 -2.37 2.02 31.43
N CYS B 367 -3.02 0.87 31.55
CA CYS B 367 -3.48 0.08 30.42
C CYS B 367 -4.18 0.98 29.40
N TYR B 368 -5.12 1.80 29.89
CA TYR B 368 -5.92 2.68 29.05
C TYR B 368 -5.06 3.65 28.23
N GLU B 369 -4.04 4.22 28.85
CA GLU B 369 -3.17 5.15 28.16
C GLU B 369 -2.34 4.42 27.10
N ALA B 370 -1.91 3.20 27.42
CA ALA B 370 -1.08 2.41 26.52
C ALA B 370 -1.85 1.97 25.28
N GLU B 371 -3.10 1.57 25.50
CA GLU B 371 -4.06 1.21 24.43
C GLU B 371 -4.40 2.38 23.50
N THR B 372 -4.42 3.58 24.09
CA THR B 372 -4.59 4.85 23.38
C THR B 372 -3.71 4.99 22.15
N CYS B 373 -2.43 4.59 22.28
CA CYS B 373 -1.48 4.64 21.17
C CYS B 373 -1.18 3.26 20.57
N VAL B 374 -2.12 2.32 20.74
CA VAL B 374 -1.97 0.97 20.20
C VAL B 374 -2.69 0.84 18.86
N TYR B 376 -5.23 1.93 15.52
CA TYR B 376 -5.70 0.54 15.53
C TYR B 376 -5.58 -0.24 14.20
N PRO B 377 -5.57 0.48 13.04
CA PRO B 377 -5.37 -0.21 11.75
C PRO B 377 -4.00 -0.87 11.58
N ALA B 378 -3.06 -0.60 12.48
CA ALA B 378 -1.70 -1.16 12.39
C ALA B 378 -1.62 -2.63 12.79
N LEU B 379 -2.28 -2.98 13.90
CA LEU B 379 -2.29 -4.35 14.43
C LEU B 379 -3.05 -5.35 13.55
N TYR B 380 -4.05 -4.87 12.82
CA TYR B 380 -4.80 -5.70 11.88
C TYR B 380 -3.95 -6.07 10.66
N ARG B 381 -3.25 -5.08 10.09
CA ARG B 381 -2.36 -5.30 8.95
C ARG B 381 -1.03 -5.93 9.35
N ALA B 382 -0.73 -5.92 10.65
CA ALA B 382 0.48 -6.55 11.19
C ALA B 382 0.25 -8.01 11.60
N MET B 383 -1.01 -8.38 11.81
CA MET B 383 -1.37 -9.76 12.15
C MET B 383 -1.29 -10.70 10.93
N CYS B 384 -1.51 -10.12 9.74
CA CYS B 384 -1.47 -10.86 8.48
C CYS B 384 -0.04 -11.14 8.01
N ILE B 391 -5.46 -19.51 5.71
CA ILE B 391 -6.28 -19.41 6.92
C ILE B 391 -7.62 -20.12 6.73
N SER B 392 -8.22 -20.54 7.84
CA SER B 392 -9.52 -21.21 7.85
C SER B 392 -10.69 -20.26 7.53
N THR B 393 -11.84 -20.87 7.22
CA THR B 393 -13.11 -20.16 7.06
C THR B 393 -13.47 -19.34 8.31
N GLN B 394 -13.37 -19.93 9.49
CA GLN B 394 -13.73 -19.22 10.72
C GLN B 394 -12.89 -17.96 10.90
N GLU B 395 -11.61 -18.04 10.57
CA GLU B 395 -10.72 -16.92 10.77
C GLU B 395 -10.91 -15.89 9.66
N ALA B 396 -11.19 -16.36 8.45
CA ALA B 396 -11.50 -15.49 7.33
C ALA B 396 -12.68 -14.57 7.66
N VAL B 397 -13.69 -15.13 8.35
CA VAL B 397 -14.90 -14.39 8.68
C VAL B 397 -14.66 -13.48 9.89
N ALA B 398 -13.91 -13.99 10.89
CA ALA B 398 -13.53 -13.16 12.05
C ALA B 398 -12.76 -11.92 11.54
N ARG B 399 -11.76 -12.13 10.69
CA ARG B 399 -11.01 -11.04 10.08
C ARG B 399 -11.90 -10.07 9.29
N ALA B 400 -12.82 -10.61 8.49
CA ALA B 400 -13.75 -9.79 7.71
C ALA B 400 -14.65 -8.93 8.60
N ALA B 401 -15.06 -9.48 9.74
CA ALA B 401 -15.92 -8.79 10.69
C ALA B 401 -15.22 -7.59 11.33
N VAL B 402 -13.94 -7.74 11.64
CA VAL B 402 -13.13 -6.66 12.22
C VAL B 402 -12.92 -5.53 11.22
N GLU B 403 -12.81 -5.89 9.94
CA GLU B 403 -12.59 -4.91 8.88
C GLU B 403 -13.86 -4.13 8.56
N THR B 404 -14.99 -4.85 8.57
CA THR B 404 -16.30 -4.26 8.31
C THR B 404 -16.64 -3.32 9.45
N ALA B 405 -16.46 -3.79 10.68
CA ALA B 405 -16.63 -2.96 11.88
C ALA B 405 -15.91 -1.62 11.73
N GLU B 406 -14.63 -1.66 11.38
CA GLU B 406 -13.84 -0.43 11.16
C GLU B 406 -14.46 0.42 10.04
N CYS B 407 -14.78 -0.23 8.92
CA CYS B 407 -15.30 0.42 7.73
C CYS B 407 -16.66 1.08 7.96
N VAL B 408 -17.48 0.45 8.77
CA VAL B 408 -18.85 0.86 9.03
C VAL B 408 -18.93 1.73 10.31
N ASN B 409 -17.80 1.78 11.05
CA ASN B 409 -17.70 2.44 12.35
C ASN B 409 -18.71 1.89 13.37
N ALA B 410 -18.73 0.57 13.51
CA ALA B 410 -19.65 -0.12 14.42
C ALA B 410 -19.42 0.27 15.88
N ALA B 411 -20.50 0.35 16.66
CA ALA B 411 -20.41 0.63 18.09
C ALA B 411 -19.83 -0.56 18.84
N ILE B 412 -20.29 -1.78 18.51
CA ILE B 412 -19.70 -2.98 19.09
C ILE B 412 -19.65 -4.12 18.07
N ILE B 413 -18.85 -5.14 18.39
CA ILE B 413 -18.81 -6.39 17.65
C ILE B 413 -19.39 -7.45 18.58
N LEU B 414 -20.47 -8.11 18.14
CA LEU B 414 -21.07 -9.23 18.87
C LEU B 414 -20.48 -10.57 18.41
N ALA B 415 -19.94 -11.33 19.37
CA ALA B 415 -19.32 -12.60 19.07
C ALA B 415 -20.10 -13.75 19.71
N LEU B 416 -20.99 -14.37 18.95
CA LEU B 416 -21.77 -15.51 19.41
C LEU B 416 -20.87 -16.73 19.44
N THR B 417 -20.64 -17.26 20.63
CA THR B 417 -19.65 -18.32 20.80
C THR B 417 -20.11 -19.35 21.82
N GLU B 418 -19.75 -20.61 21.62
CA GLU B 418 -20.07 -21.66 22.57
C GLU B 418 -18.81 -22.15 23.25
N THR B 419 -17.72 -22.24 22.50
CA THR B 419 -16.44 -22.67 23.07
C THR B 419 -15.49 -21.49 23.35
N GLY B 420 -15.89 -20.29 22.93
CA GLY B 420 -15.05 -19.08 23.06
C GLY B 420 -14.22 -18.71 21.83
N GLN B 421 -14.04 -19.68 20.93
CA GLN B 421 -13.16 -19.56 19.76
C GLN B 421 -13.46 -18.36 18.86
N THR B 422 -14.75 -18.12 18.56
CA THR B 422 -15.15 -16.96 17.75
C THR B 422 -14.72 -15.65 18.40
N ALA B 423 -14.89 -15.56 19.71
CA ALA B 423 -14.51 -14.39 20.47
C ALA B 423 -13.01 -14.21 20.45
N ARG B 424 -12.26 -15.30 20.63
CA ARG B 424 -10.78 -15.30 20.56
C ARG B 424 -10.24 -14.94 19.18
N LEU B 425 -10.86 -15.47 18.13
CA LEU B 425 -10.42 -15.21 16.77
C LEU B 425 -10.64 -13.73 16.40
N ILE B 426 -11.77 -13.18 16.83
CA ILE B 426 -12.01 -11.75 16.64
C ILE B 426 -10.98 -10.93 17.43
N ALA B 427 -10.79 -11.28 18.70
CA ALA B 427 -9.97 -10.50 19.63
C ALA B 427 -8.51 -10.45 19.24
N LYS B 428 -8.02 -11.53 18.62
CA LYS B 428 -6.61 -11.56 18.24
C LYS B 428 -6.32 -10.55 17.14
N TYR B 429 -7.39 -10.03 16.52
CA TYR B 429 -7.25 -8.93 15.55
C TYR B 429 -7.34 -7.55 16.19
N ARG B 430 -7.48 -7.53 17.53
CA ARG B 430 -7.42 -6.28 18.28
C ARG B 430 -8.27 -5.17 17.63
N PRO B 431 -9.59 -5.40 17.50
CA PRO B 431 -10.42 -4.32 16.95
C PRO B 431 -10.47 -3.10 17.86
N MET B 432 -10.78 -1.95 17.28
CA MET B 432 -10.94 -0.72 18.03
C MET B 432 -12.23 -0.75 18.85
N GLN B 433 -13.25 -1.46 18.36
CA GLN B 433 -14.51 -1.53 19.09
C GLN B 433 -14.56 -2.65 20.11
N PRO B 434 -15.33 -2.45 21.20
CA PRO B 434 -15.62 -3.49 22.19
C PRO B 434 -16.10 -4.79 21.54
N ILE B 435 -15.63 -5.93 22.05
CA ILE B 435 -16.19 -7.22 21.66
C ILE B 435 -17.06 -7.71 22.80
N LEU B 436 -18.35 -7.87 22.53
CA LEU B 436 -19.27 -8.46 23.48
C LEU B 436 -19.52 -9.91 23.08
N ALA B 437 -19.09 -10.83 23.94
CA ALA B 437 -19.23 -12.26 23.68
C ALA B 437 -20.47 -12.83 24.36
N LEU B 438 -21.31 -13.47 23.55
CA LEU B 438 -22.53 -14.07 24.03
C LEU B 438 -22.40 -15.58 23.98
N SER B 439 -22.65 -16.20 25.13
CA SER B 439 -22.53 -17.64 25.29
C SER B 439 -23.54 -18.18 26.28
N ALA B 440 -24.05 -19.38 25.98
CA ALA B 440 -24.78 -20.21 26.93
C ALA B 440 -23.84 -20.92 27.90
N SER B 441 -22.54 -20.94 27.58
CA SER B 441 -21.58 -21.72 28.37
C SER B 441 -20.91 -20.95 29.48
N GLU B 442 -21.41 -21.19 30.68
CA GLU B 442 -20.87 -20.68 31.94
C GLU B 442 -19.35 -20.72 32.03
N SER B 443 -18.75 -21.84 31.63
CA SER B 443 -17.29 -21.99 31.76
C SER B 443 -16.53 -21.26 30.65
N THR B 444 -17.12 -21.20 29.45
CA THR B 444 -16.59 -20.40 28.34
C THR B 444 -16.50 -18.92 28.72
N ILE B 445 -17.52 -18.44 29.41
CA ILE B 445 -17.61 -17.04 29.85
C ILE B 445 -16.55 -16.67 30.89
N LYS B 446 -16.14 -17.66 31.69
CA LYS B 446 -15.08 -17.47 32.66
C LYS B 446 -13.71 -17.49 31.98
N HIS B 447 -13.50 -18.44 31.07
CA HIS B 447 -12.28 -18.50 30.24
C HIS B 447 -12.01 -17.23 29.44
N LEU B 448 -13.09 -16.61 28.96
CA LEU B 448 -13.03 -15.37 28.21
C LEU B 448 -12.52 -14.15 29.00
N GLN B 449 -12.49 -14.23 30.34
CA GLN B 449 -12.13 -13.08 31.22
C GLN B 449 -10.67 -12.71 31.09
N VAL B 450 -10.00 -13.50 30.29
CA VAL B 450 -8.57 -13.50 30.21
C VAL B 450 -8.15 -12.95 28.81
N ILE B 451 -9.18 -12.61 28.02
CA ILE B 451 -9.03 -12.18 26.63
C ILE B 451 -9.19 -10.67 26.54
N ARG B 452 -8.15 -9.99 26.04
CA ARG B 452 -8.13 -8.53 25.90
C ARG B 452 -9.19 -8.09 24.89
N GLY B 453 -9.94 -7.04 25.23
CA GLY B 453 -10.96 -6.52 24.34
C GLY B 453 -12.38 -7.07 24.47
N VAL B 454 -12.58 -8.18 25.19
CA VAL B 454 -13.92 -8.77 25.30
C VAL B 454 -14.56 -8.58 26.68
N THR B 455 -15.83 -8.19 26.67
CA THR B 455 -16.73 -8.34 27.82
C THR B 455 -17.70 -9.48 27.48
N THR B 456 -18.32 -10.09 28.49
CA THR B 456 -19.19 -11.23 28.25
C THR B 456 -20.64 -10.98 28.67
N MET B 457 -21.55 -11.73 28.05
CA MET B 457 -22.96 -11.76 28.45
C MET B 457 -23.51 -13.17 28.27
N GLN B 458 -24.13 -13.71 29.33
CA GLN B 458 -24.71 -15.05 29.29
C GLN B 458 -26.06 -15.11 28.59
N VAL B 459 -26.15 -16.00 27.60
CA VAL B 459 -27.32 -16.14 26.73
C VAL B 459 -27.89 -17.55 26.90
N PRO B 460 -29.23 -17.68 26.99
CA PRO B 460 -29.81 -19.03 27.11
C PRO B 460 -29.56 -19.86 25.84
N SER B 461 -29.44 -21.21 25.99
CA SER B 461 -29.20 -22.04 24.79
C SER B 461 -30.45 -21.97 23.81
N PHE B 462 -30.61 -20.76 23.23
CA PHE B 462 -31.70 -20.49 22.27
C PHE B 462 -31.26 -20.85 20.86
N GLN B 463 -31.78 -21.98 20.38
CA GLN B 463 -31.54 -22.48 19.02
C GLN B 463 -32.10 -21.50 17.97
N GLY B 464 -31.36 -20.41 17.77
CA GLY B 464 -31.69 -19.34 16.83
C GLY B 464 -30.65 -18.23 16.94
N THR B 465 -29.86 -18.04 15.89
CA THR B 465 -28.82 -17.00 15.86
C THR B 465 -29.40 -15.57 15.80
N ASP B 466 -30.40 -15.37 14.95
CA ASP B 466 -31.05 -14.07 14.75
C ASP B 466 -31.82 -13.58 15.98
N HIS B 467 -32.51 -14.52 16.64
CA HIS B 467 -33.18 -14.27 17.91
C HIS B 467 -32.16 -13.81 18.95
N VAL B 468 -31.06 -14.56 19.07
CA VAL B 468 -30.00 -14.25 20.03
C VAL B 468 -29.38 -12.87 19.82
N ILE B 469 -29.27 -12.45 18.57
CA ILE B 469 -28.70 -11.14 18.22
C ILE B 469 -29.69 -10.03 18.59
N ARG B 470 -30.95 -10.20 18.18
CA ARG B 470 -32.01 -9.26 18.52
C ARG B 470 -32.10 -9.08 20.03
N ASN B 471 -32.20 -10.19 20.75
CA ASN B 471 -32.26 -10.21 22.22
C ASN B 471 -31.06 -9.54 22.90
N ALA B 472 -29.86 -9.77 22.37
CA ALA B 472 -28.62 -9.27 22.97
C ALA B 472 -28.43 -7.77 22.72
N ILE B 473 -28.85 -7.30 21.55
CA ILE B 473 -28.85 -5.87 21.22
C ILE B 473 -29.68 -5.07 22.22
N VAL B 474 -30.84 -5.61 22.59
CA VAL B 474 -31.77 -4.97 23.52
C VAL B 474 -31.16 -4.83 24.92
N VAL B 475 -30.35 -5.80 25.33
CA VAL B 475 -29.69 -5.73 26.64
C VAL B 475 -28.47 -4.80 26.58
N ALA B 476 -27.78 -4.76 25.44
CA ALA B 476 -26.72 -3.79 25.20
C ALA B 476 -27.25 -2.35 25.29
N LYS B 477 -28.49 -2.14 24.84
CA LYS B 477 -29.18 -0.86 25.00
C LYS B 477 -29.44 -0.59 26.47
N GLU B 478 -29.90 -1.63 27.18
CA GLU B 478 -30.21 -1.55 28.62
C GLU B 478 -28.95 -1.53 29.48
N ARG B 479 -27.79 -1.51 28.84
CA ARG B 479 -26.51 -1.32 29.51
C ARG B 479 -25.87 -0.02 29.02
N GLU B 480 -26.54 0.62 28.06
CA GLU B 480 -26.01 1.81 27.37
C GLU B 480 -24.62 1.56 26.74
N LEU B 481 -24.48 0.41 26.08
CA LEU B 481 -23.30 0.10 25.27
C LEU B 481 -23.56 0.50 23.81
N VAL B 482 -24.84 0.55 23.43
CA VAL B 482 -25.28 1.04 22.12
C VAL B 482 -26.50 1.95 22.27
N THR B 483 -26.71 2.80 21.27
CA THR B 483 -27.94 3.60 21.14
C THR B 483 -28.55 3.41 19.76
N GLU B 484 -29.82 3.76 19.62
CA GLU B 484 -30.52 3.75 18.34
C GLU B 484 -29.72 4.49 17.25
N GLY B 485 -29.68 3.89 16.07
CA GLY B 485 -28.97 4.47 14.92
C GLY B 485 -27.57 3.93 14.73
N GLU B 486 -26.99 3.40 15.81
CA GLU B 486 -25.63 2.89 15.76
C GLU B 486 -25.52 1.56 15.04
N SER B 487 -24.37 1.33 14.40
CA SER B 487 -24.10 0.07 13.70
C SER B 487 -23.49 -1.00 14.60
N ILE B 488 -23.88 -2.24 14.32
CA ILE B 488 -23.38 -3.40 15.03
C ILE B 488 -22.91 -4.45 14.01
N VAL B 489 -21.76 -5.05 14.29
CA VAL B 489 -21.34 -6.23 13.55
C VAL B 489 -21.50 -7.46 14.45
N ALA B 490 -22.22 -8.47 13.95
CA ALA B 490 -22.44 -9.72 14.66
C ALA B 490 -21.77 -10.89 13.92
N VAL B 491 -21.16 -11.79 14.68
CA VAL B 491 -20.45 -12.94 14.13
C VAL B 491 -20.89 -14.22 14.82
N HIS B 492 -21.09 -15.27 14.02
CA HIS B 492 -21.27 -16.63 14.54
C HIS B 492 -20.45 -17.61 13.70
N GLY B 493 -19.65 -18.46 14.36
CA GLY B 493 -18.82 -19.44 13.68
C GLY B 493 -19.34 -20.83 13.90
N MET B 494 -18.58 -21.84 13.47
CA MET B 494 -19.02 -23.23 13.61
C MET B 494 -17.83 -24.18 13.64
N SER B 502 -20.51 -23.57 8.33
CA SER B 502 -21.44 -22.44 8.35
C SER B 502 -20.95 -21.23 9.20
N ASN B 503 -20.28 -20.29 8.55
CA ASN B 503 -19.80 -19.08 9.23
C ASN B 503 -20.45 -17.80 8.76
N LEU B 504 -20.76 -16.93 9.72
CA LEU B 504 -21.73 -15.88 9.52
C LEU B 504 -21.23 -14.57 10.06
N LEU B 505 -21.54 -13.50 9.33
CA LEU B 505 -21.22 -12.11 9.68
C LEU B 505 -22.44 -11.31 9.30
N LYS B 506 -22.96 -10.54 10.25
CA LYS B 506 -24.20 -9.77 10.04
C LYS B 506 -23.99 -8.32 10.45
N VAL B 507 -24.34 -7.39 9.58
CA VAL B 507 -24.26 -5.97 9.93
C VAL B 507 -25.67 -5.39 10.04
N LEU B 508 -26.01 -4.89 11.22
CA LEU B 508 -27.29 -4.21 11.37
C LEU B 508 -27.15 -2.89 12.13
N THR B 509 -28.24 -2.13 12.17
CA THR B 509 -28.26 -0.90 12.94
C THR B 509 -29.30 -1.02 14.06
N VAL B 510 -28.96 -0.49 15.22
CA VAL B 510 -29.78 -0.57 16.44
C VAL B 510 -31.09 0.20 16.30
N GLU B 511 -32.19 -0.47 16.66
CA GLU B 511 -33.50 0.18 16.74
C GLU B 511 -33.78 0.57 18.19
N PHE C 16 3.64 -8.75 -18.65
CA PHE C 16 3.72 -10.23 -18.63
C PHE C 16 5.18 -10.67 -18.50
N GLN C 17 5.38 -11.69 -17.67
CA GLN C 17 6.71 -12.28 -17.43
C GLN C 17 6.52 -13.72 -16.98
N GLY C 18 7.34 -14.62 -17.54
CA GLY C 18 7.18 -16.06 -17.29
C GLY C 18 5.96 -16.69 -17.96
N ILE C 19 5.02 -15.86 -18.43
CA ILE C 19 3.89 -16.32 -19.23
C ILE C 19 4.28 -16.40 -20.72
N ARG C 20 4.09 -17.58 -21.31
CA ARG C 20 4.56 -17.87 -22.66
C ARG C 20 3.55 -17.51 -23.73
N MET C 21 4.07 -16.98 -24.84
CA MET C 21 3.25 -16.52 -25.94
C MET C 21 2.28 -17.57 -26.50
N SER C 22 2.76 -18.82 -26.59
CA SER C 22 1.93 -19.93 -27.07
C SER C 22 0.67 -20.17 -26.22
N GLN C 23 0.66 -19.65 -24.99
CA GLN C 23 -0.51 -19.73 -24.11
C GLN C 23 -1.74 -19.11 -24.77
N ILE C 24 -1.60 -17.92 -25.35
CA ILE C 24 -2.76 -17.22 -25.93
C ILE C 24 -3.28 -17.86 -27.22
N LEU C 25 -2.55 -18.87 -27.71
CA LEU C 25 -2.89 -19.56 -28.95
C LEU C 25 -3.70 -20.86 -28.79
N GLU C 26 -4.05 -21.23 -27.55
CA GLU C 26 -4.95 -22.36 -27.31
C GLU C 26 -6.36 -22.02 -27.77
N PRO C 27 -7.00 -22.92 -28.54
CA PRO C 27 -8.40 -22.71 -28.89
C PRO C 27 -9.29 -22.88 -27.65
N ARG C 28 -10.31 -22.02 -27.51
CA ARG C 28 -11.21 -22.14 -26.35
C ARG C 28 -12.35 -23.08 -26.69
N SER C 29 -12.77 -23.86 -25.70
CA SER C 29 -13.90 -24.75 -25.84
C SER C 29 -15.20 -24.00 -25.59
N GLU C 30 -16.28 -24.49 -26.17
CA GLU C 30 -17.63 -23.94 -25.97
C GLU C 30 -17.86 -23.63 -24.48
N GLU C 31 -17.49 -24.58 -23.62
CA GLU C 31 -17.58 -24.44 -22.16
C GLU C 31 -16.82 -23.22 -21.60
N ASP C 32 -15.66 -22.90 -22.16
CA ASP C 32 -14.89 -21.73 -21.74
C ASP C 32 -15.58 -20.41 -22.14
N TRP C 33 -15.68 -20.13 -23.44
CA TRP C 33 -16.17 -18.82 -23.90
C TRP C 33 -17.62 -18.49 -23.57
N THR C 34 -18.48 -19.49 -23.40
CA THR C 34 -19.86 -19.23 -22.92
C THR C 34 -19.92 -18.77 -21.47
N ALA C 35 -18.83 -18.91 -20.73
CA ALA C 35 -18.79 -18.49 -19.34
C ALA C 35 -18.14 -17.12 -19.11
N HIS C 36 -17.95 -16.35 -20.20
CA HIS C 36 -17.54 -14.94 -20.10
C HIS C 36 -18.50 -14.13 -19.21
N ARG C 37 -17.97 -13.09 -18.58
CA ARG C 37 -18.72 -12.28 -17.60
C ARG C 37 -19.45 -11.07 -18.20
N THR C 38 -18.84 -10.45 -19.21
CA THR C 38 -19.46 -9.35 -19.97
C THR C 38 -20.81 -9.75 -20.60
N ARG C 39 -21.81 -8.87 -20.50
CA ARG C 39 -23.17 -9.09 -21.01
C ARG C 39 -23.30 -8.65 -22.47
N ILE C 40 -24.12 -9.34 -23.27
CA ILE C 40 -24.20 -9.02 -24.70
C ILE C 40 -25.59 -8.53 -25.07
N VAL C 41 -25.63 -7.34 -25.68
CA VAL C 41 -26.89 -6.76 -26.16
C VAL C 41 -26.99 -6.92 -27.69
N CYS C 42 -28.13 -7.45 -28.13
CA CYS C 42 -28.40 -7.71 -29.55
C CYS C 42 -29.62 -6.94 -30.04
N THR C 43 -29.44 -6.26 -31.16
CA THR C 43 -30.51 -5.48 -31.79
C THR C 43 -31.32 -6.42 -32.67
N MET C 44 -32.64 -6.39 -32.46
CA MET C 44 -33.59 -7.18 -33.23
C MET C 44 -33.73 -6.59 -34.63
N GLY C 45 -34.04 -7.44 -35.60
CA GLY C 45 -34.17 -7.00 -36.99
C GLY C 45 -34.46 -8.17 -37.90
N PRO C 46 -34.57 -7.92 -39.22
CA PRO C 46 -34.93 -8.98 -40.18
C PRO C 46 -33.99 -10.20 -40.18
N ALA C 47 -32.70 -9.94 -39.96
CA ALA C 47 -31.69 -11.00 -39.95
C ALA C 47 -31.86 -11.97 -38.77
N CYS C 48 -32.56 -11.53 -37.72
CA CYS C 48 -32.86 -12.41 -36.59
C CYS C 48 -34.34 -12.37 -36.29
N TRP C 49 -35.10 -12.25 -37.35
CA TRP C 49 -36.53 -12.21 -37.27
C TRP C 49 -37.12 -13.50 -36.67
N ASN C 50 -36.63 -14.66 -37.11
CA ASN C 50 -37.31 -15.87 -36.70
C ASN C 50 -36.85 -16.54 -35.41
N VAL C 51 -37.80 -17.21 -34.77
CA VAL C 51 -37.62 -17.85 -33.47
C VAL C 51 -36.39 -18.75 -33.43
N ASP C 52 -36.16 -19.49 -34.51
CA ASP C 52 -35.03 -20.42 -34.58
C ASP C 52 -33.68 -19.71 -34.39
N THR C 53 -33.50 -18.55 -35.02
CA THR C 53 -32.23 -17.85 -34.89
C THR C 53 -32.13 -17.09 -33.55
N LEU C 54 -33.28 -16.65 -33.02
CA LEU C 54 -33.28 -16.05 -31.68
C LEU C 54 -32.82 -17.08 -30.64
N VAL C 55 -33.34 -18.29 -30.74
CA VAL C 55 -32.92 -19.39 -29.86
C VAL C 55 -31.40 -19.64 -29.98
N LYS C 56 -30.91 -19.75 -31.23
CA LYS C 56 -29.47 -19.93 -31.49
C LYS C 56 -28.64 -18.77 -30.92
N MET C 57 -29.24 -17.60 -30.87
CA MET C 57 -28.60 -16.42 -30.31
C MET C 57 -28.55 -16.45 -28.80
N ILE C 58 -29.60 -16.98 -28.17
CA ILE C 58 -29.58 -17.20 -26.74
C ILE C 58 -28.40 -18.13 -26.39
N ASP C 59 -28.30 -19.26 -27.08
CA ASP C 59 -27.23 -20.25 -26.79
C ASP C 59 -25.87 -19.62 -27.00
N ALA C 60 -25.79 -18.66 -27.92
CA ALA C 60 -24.53 -18.02 -28.29
C ALA C 60 -24.05 -16.98 -27.28
N GLY C 61 -24.96 -16.47 -26.45
CA GLY C 61 -24.64 -15.44 -25.46
C GLY C 61 -25.54 -14.21 -25.37
N MET C 62 -26.63 -14.16 -26.15
CA MET C 62 -27.54 -13.00 -26.08
C MET C 62 -28.21 -12.92 -24.70
N ASN C 63 -28.12 -11.75 -24.04
CA ASN C 63 -28.77 -11.51 -22.75
C ASN C 63 -29.84 -10.43 -22.83
N VAL C 64 -29.69 -9.52 -23.79
CA VAL C 64 -30.61 -8.38 -23.92
C VAL C 64 -31.01 -8.22 -25.38
N CYS C 65 -32.30 -7.95 -25.59
CA CYS C 65 -32.88 -7.64 -26.90
C CYS C 65 -33.25 -6.16 -27.03
N ARG C 66 -32.52 -5.48 -27.92
CA ARG C 66 -32.75 -4.09 -28.27
C ARG C 66 -33.74 -3.95 -29.43
N LEU C 67 -34.83 -3.23 -29.17
CA LEU C 67 -35.76 -2.82 -30.20
C LEU C 67 -35.43 -1.37 -30.59
N ASN C 68 -34.89 -1.21 -31.80
CA ASN C 68 -34.58 0.11 -32.33
C ASN C 68 -35.81 0.86 -32.89
N PHE C 69 -36.40 1.74 -32.10
CA PHE C 69 -37.58 2.50 -32.55
C PHE C 69 -37.32 3.67 -33.50
N SER C 70 -36.10 3.80 -34.02
CA SER C 70 -35.85 4.71 -35.15
C SER C 70 -36.57 4.25 -36.43
N HIS C 71 -36.91 2.95 -36.50
CA HIS C 71 -37.63 2.35 -37.61
C HIS C 71 -38.73 1.50 -37.01
N GLY C 72 -39.68 1.05 -37.82
CA GLY C 72 -40.71 0.10 -37.35
C GLY C 72 -41.87 0.82 -36.68
N ASP C 73 -42.90 0.08 -36.28
CA ASP C 73 -44.06 0.69 -35.61
C ASP C 73 -44.55 -0.23 -34.49
N HIS C 74 -45.66 0.12 -33.84
CA HIS C 74 -46.11 -0.68 -32.71
C HIS C 74 -46.50 -2.13 -33.12
N GLU C 75 -47.07 -2.29 -34.31
CA GLU C 75 -47.31 -3.62 -34.87
C GLU C 75 -46.08 -4.48 -35.18
N THR C 76 -45.09 -3.90 -35.87
CA THR C 76 -43.94 -4.69 -36.28
C THR C 76 -43.10 -5.11 -35.06
N HIS C 77 -42.89 -4.18 -34.14
CA HIS C 77 -42.16 -4.45 -32.90
C HIS C 77 -42.94 -5.38 -31.96
N ALA C 78 -44.27 -5.38 -32.04
CA ALA C 78 -45.07 -6.38 -31.33
C ALA C 78 -44.77 -7.81 -31.84
N ARG C 79 -44.60 -7.99 -33.16
CA ARG C 79 -44.28 -9.30 -33.73
C ARG C 79 -42.95 -9.79 -33.21
N THR C 80 -41.98 -8.86 -33.17
CA THR C 80 -40.64 -9.12 -32.64
C THR C 80 -40.69 -9.56 -31.18
N VAL C 81 -41.44 -8.84 -30.36
CA VAL C 81 -41.64 -9.21 -28.98
C VAL C 81 -42.26 -10.62 -28.81
N GLN C 82 -43.28 -10.91 -29.63
CA GLN C 82 -43.96 -12.22 -29.64
CA GLN C 82 -43.94 -12.23 -29.59
C GLN C 82 -42.96 -13.36 -29.93
N ASN C 83 -42.03 -13.08 -30.84
CA ASN C 83 -40.98 -14.01 -31.22
C ASN C 83 -39.92 -14.20 -30.11
N ILE C 84 -39.58 -13.14 -29.40
CA ILE C 84 -38.71 -13.23 -28.22
C ILE C 84 -39.38 -14.17 -27.22
N GLN C 85 -40.67 -13.95 -26.98
CA GLN C 85 -41.41 -14.73 -25.99
C GLN C 85 -41.47 -16.22 -26.36
N GLU C 86 -41.53 -16.50 -27.66
CA GLU C 86 -41.51 -17.88 -28.15
C GLU C 86 -40.15 -18.52 -28.01
N ALA C 87 -39.09 -17.79 -28.37
CA ALA C 87 -37.72 -18.26 -28.16
C ALA C 87 -37.48 -18.65 -26.69
N MET C 88 -37.95 -17.80 -25.78
CA MET C 88 -37.81 -18.04 -24.34
C MET C 88 -38.62 -19.24 -23.87
N LYS C 89 -39.62 -19.65 -24.63
CA LYS C 89 -40.39 -20.85 -24.29
C LYS C 89 -39.56 -22.10 -24.55
N GLN C 90 -38.67 -21.99 -25.54
CA GLN C 90 -37.74 -23.07 -25.90
C GLN C 90 -36.53 -23.11 -24.98
N ARG C 91 -36.27 -21.98 -24.32
CA ARG C 91 -35.20 -21.84 -23.33
C ARG C 91 -35.78 -21.26 -22.05
N PRO C 92 -36.36 -22.12 -21.20
CA PRO C 92 -37.07 -21.64 -20.01
C PRO C 92 -36.14 -21.06 -18.94
N GLU C 93 -34.83 -21.27 -19.09
CA GLU C 93 -33.89 -20.76 -18.10
C GLU C 93 -33.36 -19.37 -18.42
N ALA C 94 -33.52 -18.96 -19.68
CA ALA C 94 -33.07 -17.64 -20.14
C ALA C 94 -34.12 -16.58 -19.82
N ARG C 95 -33.66 -15.48 -19.24
CA ARG C 95 -34.54 -14.37 -18.84
C ARG C 95 -34.08 -13.10 -19.51
N LEU C 96 -34.12 -13.13 -20.84
CA LEU C 96 -33.69 -12.04 -21.69
C LEU C 96 -34.42 -10.75 -21.31
N ALA C 97 -33.67 -9.66 -21.23
CA ALA C 97 -34.31 -8.35 -21.02
C ALA C 97 -34.62 -7.73 -22.36
N ILE C 98 -35.64 -6.88 -22.37
CA ILE C 98 -36.05 -6.15 -23.56
C ILE C 98 -35.81 -4.65 -23.34
N LEU C 99 -35.05 -4.06 -24.24
CA LEU C 99 -34.68 -2.64 -24.21
C LEU C 99 -35.34 -1.91 -25.40
N LEU C 100 -36.19 -0.91 -25.12
CA LEU C 100 -36.70 0.00 -26.15
C LEU C 100 -35.70 1.15 -26.37
N ASP C 101 -35.21 1.31 -27.60
CA ASP C 101 -34.27 2.39 -27.93
C ASP C 101 -34.99 3.45 -28.76
N THR C 102 -35.21 4.62 -28.17
CA THR C 102 -36.08 5.63 -28.79
C THR C 102 -35.44 6.23 -30.08
N LYS C 103 -36.30 6.71 -30.97
CA LYS C 103 -35.86 7.44 -32.15
C LYS C 103 -35.18 8.75 -31.72
N GLY C 104 -35.91 9.57 -30.99
CA GLY C 104 -35.39 10.87 -30.55
C GLY C 104 -35.23 11.89 -31.66
N PRO C 105 -34.63 13.05 -31.34
CA PRO C 105 -34.40 14.16 -32.28
C PRO C 105 -33.47 13.82 -33.43
N GLU C 106 -33.79 14.38 -34.60
CA GLU C 106 -33.03 14.20 -35.84
C GLU C 106 -32.88 15.51 -36.58
N ILE C 107 -31.72 15.70 -37.21
CA ILE C 107 -31.52 16.80 -38.15
C ILE C 107 -31.17 16.18 -39.49
N ARG C 108 -31.82 16.68 -40.55
CA ARG C 108 -31.58 16.17 -41.90
C ARG C 108 -31.48 17.28 -42.93
N THR C 109 -30.74 17.01 -44.00
CA THR C 109 -30.75 17.89 -45.18
C THR C 109 -32.09 17.73 -45.91
N GLY C 110 -32.39 18.66 -46.81
CA GLY C 110 -33.61 18.56 -47.59
C GLY C 110 -33.43 17.85 -48.92
N PHE C 111 -34.28 18.22 -49.88
CA PHE C 111 -34.33 17.56 -51.18
C PHE C 111 -33.45 18.26 -52.21
N LEU C 112 -32.97 17.48 -53.17
CA LEU C 112 -32.08 17.96 -54.23
C LEU C 112 -32.78 17.94 -55.59
N LYS C 113 -32.39 18.85 -56.48
CA LYS C 113 -32.99 18.90 -57.80
C LYS C 113 -32.85 17.54 -58.47
N ASP C 114 -33.96 17.11 -59.10
CA ASP C 114 -34.04 15.80 -59.78
C ASP C 114 -33.55 14.62 -58.94
N HIS C 115 -33.58 14.75 -57.61
CA HIS C 115 -33.05 13.73 -56.68
C HIS C 115 -31.57 13.39 -56.95
N LYS C 116 -30.91 14.24 -57.72
CA LYS C 116 -29.54 14.01 -58.15
C LYS C 116 -28.58 14.50 -57.09
N PRO C 117 -27.62 13.64 -56.68
CA PRO C 117 -26.64 14.02 -55.67
C PRO C 117 -25.76 15.17 -56.16
N ILE C 118 -25.21 15.93 -55.21
CA ILE C 118 -24.40 17.10 -55.52
C ILE C 118 -22.99 16.94 -54.97
N THR C 119 -22.01 17.38 -55.74
CA THR C 119 -20.65 17.28 -55.22
C THR C 119 -20.10 18.68 -54.95
N LEU C 120 -19.71 18.91 -53.70
CA LEU C 120 -19.10 20.18 -53.31
C LEU C 120 -17.59 20.06 -53.25
N GLN C 121 -16.93 21.14 -53.65
CA GLN C 121 -15.48 21.19 -53.72
C GLN C 121 -14.93 21.85 -52.47
N GLN C 122 -13.76 21.41 -52.03
CA GLN C 122 -13.10 22.05 -50.89
C GLN C 122 -12.95 23.55 -51.09
N GLY C 123 -13.35 24.32 -50.09
CA GLY C 123 -13.26 25.78 -50.16
C GLY C 123 -14.41 26.43 -50.90
N ALA C 124 -15.35 25.60 -51.39
CA ALA C 124 -16.55 26.12 -52.04
C ALA C 124 -17.63 26.48 -51.02
N THR C 125 -18.43 27.46 -51.40
CA THR C 125 -19.49 28.05 -50.59
C THR C 125 -20.78 27.22 -50.66
N LEU C 126 -21.34 26.89 -49.50
CA LEU C 126 -22.66 26.25 -49.40
C LEU C 126 -23.60 26.99 -48.45
N LYS C 127 -24.69 27.50 -49.00
CA LYS C 127 -25.74 28.11 -48.22
C LYS C 127 -26.62 27.00 -47.67
N ILE C 128 -26.88 27.03 -46.36
CA ILE C 128 -27.86 26.12 -45.78
C ILE C 128 -29.04 26.92 -45.24
N VAL C 129 -30.21 26.70 -45.84
CA VAL C 129 -31.41 27.47 -45.50
C VAL C 129 -32.35 26.71 -44.55
N THR C 130 -33.28 27.46 -43.97
CA THR C 130 -34.24 26.96 -43.00
C THR C 130 -35.61 26.58 -43.65
N ASP C 131 -35.86 27.05 -44.88
CA ASP C 131 -37.06 26.66 -45.63
C ASP C 131 -36.92 25.25 -46.17
N TYR C 132 -37.63 24.30 -45.54
CA TYR C 132 -37.44 22.89 -45.85
C TYR C 132 -38.14 22.48 -47.15
N ASN C 133 -38.93 23.38 -47.72
CA ASN C 133 -39.55 23.20 -49.05
C ASN C 133 -38.57 23.46 -50.20
N LEU C 134 -37.46 24.12 -49.90
CA LEU C 134 -36.45 24.50 -50.88
C LEU C 134 -35.82 23.25 -51.48
N ILE C 135 -35.93 23.13 -52.80
CA ILE C 135 -35.30 22.05 -53.54
C ILE C 135 -33.84 22.45 -53.80
N GLY C 136 -32.91 21.72 -53.20
CA GLY C 136 -31.50 22.09 -53.19
C GLY C 136 -30.73 21.91 -54.49
N ASP C 137 -29.55 22.52 -54.55
CA ASP C 137 -28.58 22.31 -55.61
C ASP C 137 -27.16 22.42 -55.03
N GLU C 138 -26.15 22.52 -55.90
CA GLU C 138 -24.75 22.49 -55.45
C GLU C 138 -24.41 23.67 -54.53
N THR C 139 -25.09 24.81 -54.70
CA THR C 139 -24.81 26.03 -53.97
C THR C 139 -25.62 26.21 -52.66
N THR C 140 -26.91 25.84 -52.69
CA THR C 140 -27.80 26.00 -51.54
C THR C 140 -28.61 24.75 -51.21
N ILE C 141 -28.66 24.38 -49.93
CA ILE C 141 -29.47 23.24 -49.47
C ILE C 141 -30.36 23.61 -48.27
N ALA C 142 -31.36 22.76 -47.99
CA ALA C 142 -32.27 22.96 -46.86
C ALA C 142 -31.92 22.03 -45.69
N CYS C 143 -32.25 22.47 -44.48
CA CYS C 143 -32.01 21.73 -43.24
C CYS C 143 -33.29 21.70 -42.39
N SER C 144 -33.64 20.53 -41.85
CA SER C 144 -34.91 20.34 -41.13
C SER C 144 -35.00 21.11 -39.81
N TYR C 145 -33.84 21.53 -39.31
CA TYR C 145 -33.72 22.15 -38.00
C TYR C 145 -33.87 23.67 -38.10
N GLY C 146 -35.06 24.14 -37.74
CA GLY C 146 -35.46 25.54 -37.96
C GLY C 146 -34.66 26.58 -37.19
N ALA C 147 -34.12 26.16 -36.05
CA ALA C 147 -33.30 27.02 -35.19
C ALA C 147 -31.81 26.93 -35.49
N LEU C 148 -31.43 26.30 -36.60
CA LEU C 148 -29.99 26.27 -37.00
C LEU C 148 -29.27 27.63 -36.94
N PRO C 149 -29.84 28.69 -37.55
CA PRO C 149 -29.08 29.95 -37.59
C PRO C 149 -28.95 30.63 -36.23
N GLN C 150 -29.78 30.20 -35.28
CA GLN C 150 -29.75 30.69 -33.90
C GLN C 150 -29.06 29.69 -32.94
N SER C 151 -28.38 28.69 -33.50
CA SER C 151 -27.70 27.68 -32.69
C SER C 151 -26.21 27.69 -33.02
N VAL C 152 -25.95 27.87 -34.31
CA VAL C 152 -24.64 27.86 -34.90
C VAL C 152 -24.11 29.30 -35.00
N LYS C 153 -22.79 29.47 -34.89
CA LYS C 153 -22.14 30.79 -35.01
C LYS C 153 -20.95 30.67 -35.95
N PRO C 154 -20.47 31.80 -36.53
CA PRO C 154 -19.26 31.76 -37.36
C PRO C 154 -18.11 30.98 -36.69
N GLY C 155 -17.51 30.05 -37.40
CA GLY C 155 -16.39 29.30 -36.85
C GLY C 155 -16.80 27.90 -36.45
N ASN C 156 -18.08 27.73 -36.15
CA ASN C 156 -18.68 26.41 -35.88
C ASN C 156 -18.54 25.46 -37.06
N THR C 157 -18.47 24.16 -36.77
CA THR C 157 -18.42 23.15 -37.80
C THR C 157 -19.77 22.42 -37.90
N ILE C 158 -20.25 22.22 -39.12
CA ILE C 158 -21.41 21.36 -39.36
C ILE C 158 -21.03 20.14 -40.20
N LEU C 159 -21.36 18.95 -39.71
CA LEU C 159 -21.13 17.70 -40.43
C LEU C 159 -22.40 17.20 -41.13
N ILE C 160 -22.23 16.70 -42.35
CA ILE C 160 -23.33 16.27 -43.22
C ILE C 160 -23.07 14.88 -43.77
N ALA C 161 -24.11 14.03 -43.75
CA ALA C 161 -24.03 12.66 -44.30
C ALA C 161 -23.01 11.75 -43.60
N ASP C 162 -23.31 11.40 -42.35
CA ASP C 162 -22.40 10.65 -41.49
C ASP C 162 -20.96 11.21 -41.51
N GLY C 163 -20.86 12.53 -41.49
CA GLY C 163 -19.56 13.21 -41.47
C GLY C 163 -18.83 13.12 -42.79
N SER C 164 -19.56 12.80 -43.85
CA SER C 164 -19.06 12.79 -45.24
C SER C 164 -18.45 14.12 -45.59
N LEU C 165 -19.27 15.17 -45.43
CA LEU C 165 -18.91 16.53 -45.78
C LEU C 165 -18.86 17.32 -44.49
N SER C 166 -17.81 18.14 -44.39
CA SER C 166 -17.62 19.03 -43.28
C SER C 166 -17.58 20.48 -43.78
N VAL C 167 -18.48 21.31 -43.25
CA VAL C 167 -18.48 22.73 -43.57
C VAL C 167 -18.20 23.57 -42.32
N LYS C 168 -17.45 24.66 -42.51
CA LYS C 168 -17.24 25.65 -41.44
C LYS C 168 -18.22 26.81 -41.66
N VAL C 169 -18.91 27.23 -40.60
CA VAL C 169 -19.85 28.35 -40.69
C VAL C 169 -19.12 29.69 -40.84
N VAL C 170 -19.50 30.45 -41.87
CA VAL C 170 -18.85 31.72 -42.19
C VAL C 170 -19.74 32.91 -41.77
N GLU C 171 -21.05 32.76 -41.91
CA GLU C 171 -22.01 33.81 -41.64
C GLU C 171 -23.35 33.21 -41.26
N VAL C 172 -24.11 33.92 -40.43
CA VAL C 172 -25.46 33.51 -40.05
C VAL C 172 -26.47 34.60 -40.37
N GLY C 173 -27.61 34.20 -40.91
CA GLY C 173 -28.73 35.11 -41.12
C GLY C 173 -29.86 34.68 -40.21
N SER C 174 -31.06 35.17 -40.46
CA SER C 174 -32.23 34.76 -39.66
C SER C 174 -32.74 33.37 -40.03
N ASP C 175 -32.71 33.06 -41.32
CA ASP C 175 -33.29 31.82 -41.85
C ASP C 175 -32.32 31.07 -42.76
N TYR C 176 -31.02 31.26 -42.52
CA TYR C 176 -29.98 30.66 -43.35
C TYR C 176 -28.61 30.81 -42.68
N VAL C 177 -27.65 30.07 -43.21
CA VAL C 177 -26.27 30.07 -42.77
C VAL C 177 -25.44 29.92 -44.04
N ILE C 178 -24.37 30.70 -44.14
CA ILE C 178 -23.38 30.55 -45.21
C ILE C 178 -22.27 29.68 -44.66
N THR C 179 -21.89 28.67 -45.41
CA THR C 179 -20.85 27.77 -44.95
C THR C 179 -19.79 27.60 -46.03
N GLN C 180 -18.69 26.97 -45.65
CA GLN C 180 -17.60 26.73 -46.58
C GLN C 180 -17.12 25.29 -46.44
N ALA C 181 -17.13 24.53 -47.54
CA ALA C 181 -16.72 23.12 -47.52
C ALA C 181 -15.26 22.95 -47.09
N GLN C 182 -15.03 22.08 -46.11
CA GLN C 182 -13.66 21.82 -45.61
C GLN C 182 -12.98 20.73 -46.42
N ASN C 183 -13.78 19.90 -47.08
CA ASN C 183 -13.31 18.86 -47.98
C ASN C 183 -14.21 18.74 -49.21
N THR C 184 -13.72 18.02 -50.23
CA THR C 184 -14.52 17.66 -51.40
C THR C 184 -15.33 16.38 -51.13
N ALA C 185 -16.65 16.45 -51.35
CA ALA C 185 -17.52 15.29 -51.13
C ALA C 185 -18.78 15.30 -52.00
N THR C 186 -19.40 14.13 -52.11
CA THR C 186 -20.64 13.96 -52.86
C THR C 186 -21.73 13.60 -51.88
N ILE C 187 -22.78 14.41 -51.81
CA ILE C 187 -23.88 14.12 -50.89
C ILE C 187 -25.20 13.88 -51.62
N GLY C 188 -25.97 12.93 -51.12
CA GLY C 188 -27.33 12.69 -51.56
C GLY C 188 -28.29 13.54 -50.74
N GLU C 189 -29.59 13.27 -50.90
CA GLU C 189 -30.61 14.07 -50.23
C GLU C 189 -31.12 13.44 -48.94
N ARG C 190 -31.62 14.29 -48.05
CA ARG C 190 -32.11 13.88 -46.73
C ARG C 190 -31.07 13.06 -45.96
N LYS C 191 -29.86 13.60 -45.87
CA LYS C 191 -28.82 12.99 -45.05
C LYS C 191 -28.83 13.60 -43.66
N ASN C 192 -28.37 12.81 -42.68
CA ASN C 192 -28.22 13.30 -41.32
C ASN C 192 -27.18 14.43 -41.19
N MET C 193 -27.38 15.26 -40.18
CA MET C 193 -26.50 16.37 -39.89
C MET C 193 -26.09 16.36 -38.41
N ASN C 194 -24.86 16.76 -38.17
CA ASN C 194 -24.36 16.91 -36.82
C ASN C 194 -23.86 18.32 -36.57
N LEU C 195 -24.04 18.77 -35.34
CA LEU C 195 -23.65 20.11 -34.92
C LEU C 195 -22.63 20.08 -33.78
N PRO C 196 -21.37 19.70 -34.07
CA PRO C 196 -20.32 19.60 -33.04
C PRO C 196 -20.24 20.81 -32.10
N ASN C 197 -20.26 20.57 -30.78
CA ASN C 197 -20.12 21.64 -29.78
C ASN C 197 -21.32 22.61 -29.74
N VAL C 198 -22.47 22.18 -30.28
CA VAL C 198 -23.70 23.00 -30.28
C VAL C 198 -24.90 22.20 -29.74
N LYS C 199 -25.59 22.74 -28.75
CA LYS C 199 -26.80 22.13 -28.21
C LYS C 199 -27.93 22.12 -29.26
N VAL C 200 -28.56 20.97 -29.45
CA VAL C 200 -29.68 20.87 -30.40
C VAL C 200 -30.99 21.23 -29.69
N GLN C 201 -31.66 22.28 -30.17
CA GLN C 201 -32.86 22.81 -29.52
C GLN C 201 -34.11 22.06 -29.95
N LEU C 202 -34.04 20.74 -29.83
CA LEU C 202 -35.15 19.85 -30.15
C LEU C 202 -35.40 18.96 -28.95
N PRO C 203 -36.69 18.65 -28.68
CA PRO C 203 -37.07 17.75 -27.60
C PRO C 203 -36.42 16.38 -27.75
N VAL C 204 -35.77 15.93 -26.69
CA VAL C 204 -35.14 14.64 -26.63
C VAL C 204 -36.20 13.54 -26.68
N ILE C 205 -37.31 13.75 -25.98
CA ILE C 205 -38.43 12.82 -26.03
C ILE C 205 -39.59 13.63 -26.62
N GLY C 206 -39.78 13.51 -27.94
CA GLY C 206 -40.89 14.14 -28.65
C GLY C 206 -42.21 13.40 -28.42
N GLU C 207 -43.27 13.79 -29.13
CA GLU C 207 -44.57 13.11 -28.98
C GLU C 207 -44.52 11.65 -29.43
N LYS C 208 -43.78 11.39 -30.50
CA LYS C 208 -43.60 10.02 -30.98
C LYS C 208 -42.90 9.15 -29.94
N ASP C 209 -41.78 9.63 -29.40
CA ASP C 209 -41.07 8.92 -28.35
C ASP C 209 -41.94 8.66 -27.12
N LYS C 210 -42.67 9.69 -26.68
CA LYS C 210 -43.61 9.54 -25.58
C LYS C 210 -44.62 8.42 -25.85
N HIS C 211 -45.16 8.36 -27.06
CA HIS C 211 -46.10 7.31 -27.47
C HIS C 211 -45.45 5.91 -27.41
N ASP C 212 -44.22 5.83 -27.91
CA ASP C 212 -43.47 4.59 -27.86
C ASP C 212 -43.17 4.12 -26.44
N ILE C 213 -42.84 5.04 -25.55
CA ILE C 213 -42.58 4.68 -24.15
C ILE C 213 -43.85 4.22 -23.41
N LEU C 214 -44.91 4.99 -23.55
CA LEU C 214 -46.13 4.75 -22.78
C LEU C 214 -47.01 3.66 -23.38
N ASN C 215 -47.18 3.69 -24.71
CA ASN C 215 -48.12 2.79 -25.36
C ASN C 215 -47.50 1.52 -25.96
N PHE C 216 -46.17 1.43 -25.93
CA PHE C 216 -45.52 0.19 -26.24
C PHE C 216 -44.66 -0.28 -25.06
N GLY C 217 -43.63 0.50 -24.72
CA GLY C 217 -42.63 0.14 -23.69
C GLY C 217 -43.26 -0.46 -22.43
N ILE C 218 -44.25 0.23 -21.87
CA ILE C 218 -44.94 -0.22 -20.65
C ILE C 218 -45.75 -1.53 -20.84
N PRO C 219 -46.78 -1.54 -21.74
CA PRO C 219 -47.63 -2.75 -21.81
C PRO C 219 -46.99 -3.96 -22.49
N MET C 220 -45.91 -3.76 -23.25
CA MET C 220 -45.24 -4.85 -23.97
C MET C 220 -44.13 -5.52 -23.16
N GLY C 221 -43.95 -5.08 -21.90
CA GLY C 221 -42.97 -5.67 -21.01
C GLY C 221 -41.52 -5.29 -21.29
N CYS C 222 -41.28 -4.09 -21.80
CA CYS C 222 -39.89 -3.64 -21.94
C CYS C 222 -39.34 -3.37 -20.53
N ASN C 223 -38.09 -3.76 -20.30
CA ASN C 223 -37.47 -3.60 -18.98
C ASN C 223 -36.61 -2.35 -18.90
N PHE C 224 -36.13 -1.90 -20.06
CA PHE C 224 -35.32 -0.70 -20.14
C PHE C 224 -35.82 0.21 -21.25
N ILE C 225 -35.64 1.52 -21.04
CA ILE C 225 -35.69 2.49 -22.12
C ILE C 225 -34.26 3.03 -22.33
N ALA C 226 -33.76 2.92 -23.55
CA ALA C 226 -32.54 3.61 -23.93
C ALA C 226 -33.00 4.84 -24.69
N ALA C 227 -32.63 6.02 -24.20
CA ALA C 227 -33.15 7.26 -24.75
C ALA C 227 -32.05 7.90 -25.60
N SER C 228 -32.29 8.01 -26.90
CA SER C 228 -31.27 8.56 -27.77
C SER C 228 -30.99 10.03 -27.49
N PHE C 229 -29.74 10.44 -27.67
CA PHE C 229 -29.35 11.86 -27.67
C PHE C 229 -29.72 12.62 -26.39
N VAL C 230 -29.39 12.07 -25.22
CA VAL C 230 -29.71 12.78 -23.98
C VAL C 230 -28.73 13.92 -23.76
N GLN C 231 -29.26 15.13 -23.56
CA GLN C 231 -28.44 16.33 -23.48
C GLN C 231 -28.34 16.92 -22.08
N SER C 232 -29.24 16.54 -21.18
CA SER C 232 -29.25 17.04 -19.80
C SER C 232 -30.02 16.11 -18.86
N ALA C 233 -29.78 16.21 -17.56
CA ALA C 233 -30.46 15.33 -16.60
C ALA C 233 -31.97 15.60 -16.49
N ASP C 234 -32.43 16.79 -16.88
CA ASP C 234 -33.86 17.06 -17.02
C ASP C 234 -34.54 16.13 -18.03
N ASP C 235 -33.77 15.64 -19.00
CA ASP C 235 -34.30 14.67 -19.95
C ASP C 235 -34.63 13.36 -19.22
N VAL C 236 -33.73 12.95 -18.32
CA VAL C 236 -33.90 11.72 -17.54
C VAL C 236 -35.06 11.82 -16.53
N ARG C 237 -35.10 12.94 -15.80
CA ARG C 237 -36.20 13.23 -14.86
C ARG C 237 -37.55 13.24 -15.58
N TYR C 238 -37.53 13.72 -16.81
CA TYR C 238 -38.73 13.79 -17.63
C TYR C 238 -39.27 12.41 -17.97
N ILE C 239 -38.38 11.50 -18.42
CA ILE C 239 -38.78 10.12 -18.68
C ILE C 239 -39.29 9.41 -17.41
N ARG C 240 -38.61 9.61 -16.28
CA ARG C 240 -39.02 8.99 -15.02
CA ARG C 240 -39.01 9.02 -14.99
C ARG C 240 -40.43 9.40 -14.59
N GLY C 241 -40.77 10.68 -14.75
CA GLY C 241 -42.10 11.16 -14.42
C GLY C 241 -43.13 10.66 -15.41
N LEU C 242 -42.71 10.57 -16.67
CA LEU C 242 -43.51 10.00 -17.74
C LEU C 242 -43.88 8.56 -17.43
N LEU C 243 -42.88 7.77 -17.04
CA LEU C 243 -43.04 6.35 -16.75
C LEU C 243 -44.06 6.09 -15.62
N GLY C 244 -44.00 6.93 -14.59
CA GLY C 244 -44.99 6.91 -13.52
C GLY C 244 -44.97 5.64 -12.72
N PRO C 245 -45.98 5.45 -11.85
CA PRO C 245 -46.10 4.21 -11.08
C PRO C 245 -46.32 2.96 -11.95
N ARG C 246 -47.08 3.10 -13.04
CA ARG C 246 -47.33 1.96 -13.92
C ARG C 246 -46.05 1.51 -14.62
N GLY C 247 -45.08 2.41 -14.74
CA GLY C 247 -43.79 2.07 -15.33
C GLY C 247 -42.67 2.02 -14.32
N ARG C 248 -43.00 1.77 -13.06
CA ARG C 248 -41.99 1.78 -11.97
C ARG C 248 -40.89 0.73 -12.13
N HIS C 249 -41.20 -0.33 -12.88
CA HIS C 249 -40.27 -1.45 -13.05
CA HIS C 249 -40.32 -1.47 -13.08
C HIS C 249 -39.39 -1.30 -14.28
N ILE C 250 -39.33 -0.09 -14.84
CA ILE C 250 -38.54 0.17 -16.04
C ILE C 250 -37.34 1.07 -15.70
N ARG C 251 -36.18 0.67 -16.21
CA ARG C 251 -34.94 1.37 -15.94
C ARG C 251 -34.53 2.23 -17.14
N ILE C 252 -33.95 3.40 -16.85
CA ILE C 252 -33.62 4.41 -17.86
C ILE C 252 -32.13 4.40 -18.19
N ILE C 253 -31.81 4.27 -19.48
CA ILE C 253 -30.42 4.19 -19.95
C ILE C 253 -30.14 5.28 -20.98
N PRO C 254 -29.76 6.49 -20.51
CA PRO C 254 -29.48 7.58 -21.44
C PRO C 254 -28.33 7.24 -22.40
N LYS C 255 -28.50 7.64 -23.65
CA LYS C 255 -27.47 7.49 -24.67
C LYS C 255 -26.69 8.81 -24.78
N ILE C 256 -25.38 8.73 -24.62
CA ILE C 256 -24.53 9.91 -24.66
C ILE C 256 -23.99 9.96 -26.07
N GLU C 257 -24.37 11.02 -26.81
CA GLU C 257 -24.10 11.14 -28.24
C GLU C 257 -23.50 12.48 -28.69
N ASN C 258 -23.52 13.50 -27.83
CA ASN C 258 -22.88 14.78 -28.17
C ASN C 258 -22.18 15.45 -26.98
N VAL C 259 -21.72 16.69 -27.21
CA VAL C 259 -21.03 17.49 -26.20
C VAL C 259 -21.90 17.82 -24.97
N GLU C 260 -23.17 18.12 -25.17
CA GLU C 260 -24.09 18.41 -24.04
C GLU C 260 -24.21 17.23 -23.10
N GLY C 261 -24.32 16.03 -23.68
CA GLY C 261 -24.35 14.79 -22.92
C GLY C 261 -23.07 14.64 -22.12
N LEU C 262 -21.94 14.83 -22.78
CA LEU C 262 -20.63 14.81 -22.12
C LEU C 262 -20.49 15.84 -21.02
N VAL C 263 -20.81 17.10 -21.31
CA VAL C 263 -20.70 18.19 -20.33
C VAL C 263 -21.64 17.99 -19.14
N ASN C 264 -22.82 17.42 -19.38
CA ASN C 264 -23.72 17.16 -18.28
C ASN C 264 -23.66 15.72 -17.76
N PHE C 265 -22.61 14.97 -18.12
CA PHE C 265 -22.55 13.54 -17.82
C PHE C 265 -22.81 13.14 -16.37
N ASP C 266 -22.21 13.84 -15.41
CA ASP C 266 -22.30 13.45 -14.00
C ASP C 266 -23.73 13.53 -13.46
N GLU C 267 -24.43 14.61 -13.81
CA GLU C 267 -25.83 14.78 -13.42
C GLU C 267 -26.73 13.79 -14.18
N ILE C 268 -26.43 13.54 -15.45
CA ILE C 268 -27.12 12.50 -16.21
C ILE C 268 -26.95 11.11 -15.55
N LEU C 269 -25.71 10.74 -15.27
CA LEU C 269 -25.44 9.46 -14.62
C LEU C 269 -26.17 9.32 -13.27
N ALA C 270 -26.16 10.40 -12.47
CA ALA C 270 -26.81 10.37 -11.16
C ALA C 270 -28.30 10.11 -11.27
N GLU C 271 -28.93 10.65 -12.31
CA GLU C 271 -30.39 10.46 -12.48
C GLU C 271 -30.76 9.13 -13.13
N ALA C 272 -29.79 8.50 -13.78
CA ALA C 272 -30.03 7.35 -14.63
C ALA C 272 -29.82 6.04 -13.91
N ASP C 273 -30.29 4.96 -14.53
CA ASP C 273 -30.07 3.62 -14.03
C ASP C 273 -28.83 2.96 -14.68
N GLY C 274 -28.26 3.66 -15.67
CA GLY C 274 -27.09 3.16 -16.40
C GLY C 274 -26.91 4.00 -17.65
N ILE C 275 -25.84 3.74 -18.39
CA ILE C 275 -25.44 4.57 -19.52
C ILE C 275 -25.19 3.73 -20.77
N MET C 276 -25.54 4.27 -21.93
CA MET C 276 -25.11 3.71 -23.21
C MET C 276 -24.18 4.73 -23.90
N ILE C 277 -22.96 4.30 -24.19
CA ILE C 277 -21.98 5.13 -24.87
C ILE C 277 -22.06 4.87 -26.39
N ALA C 278 -22.52 5.87 -27.15
CA ALA C 278 -22.64 5.77 -28.60
C ALA C 278 -21.40 6.41 -29.23
N ARG C 279 -20.35 5.61 -29.39
CA ARG C 279 -19.06 6.08 -29.92
C ARG C 279 -19.15 6.71 -31.29
N GLY C 280 -19.85 6.06 -32.22
CA GLY C 280 -19.94 6.55 -33.60
C GLY C 280 -20.58 7.93 -33.71
N ASP C 281 -21.65 8.17 -32.95
CA ASP C 281 -22.27 9.49 -32.90
C ASP C 281 -21.36 10.52 -32.21
N LEU C 282 -20.69 10.10 -31.13
CA LEU C 282 -19.77 11.00 -30.42
C LEU C 282 -18.63 11.46 -31.35
N GLY C 283 -18.22 10.57 -32.26
CA GLY C 283 -17.20 10.86 -33.26
C GLY C 283 -17.65 11.82 -34.35
N MET C 284 -18.95 12.11 -34.38
CA MET C 284 -19.53 13.15 -35.27
C MET C 284 -19.61 14.50 -34.57
N GLU C 285 -19.25 14.55 -33.29
CA GLU C 285 -19.53 15.73 -32.45
C GLU C 285 -18.29 16.27 -31.76
N ILE C 286 -17.24 15.45 -31.66
CA ILE C 286 -15.96 15.84 -31.09
C ILE C 286 -14.81 15.31 -31.96
N PRO C 287 -13.61 15.92 -31.86
CA PRO C 287 -12.49 15.25 -32.54
C PRO C 287 -12.43 13.72 -32.26
N PRO C 288 -12.23 12.90 -33.30
CA PRO C 288 -12.21 11.44 -33.16
C PRO C 288 -11.19 10.95 -32.13
N GLU C 289 -10.08 11.68 -32.02
CA GLU C 289 -8.98 11.33 -31.12
C GLU C 289 -9.29 11.59 -29.64
N LYS C 290 -10.51 12.02 -29.35
CA LYS C 290 -10.94 12.28 -27.98
C LYS C 290 -12.08 11.34 -27.55
N VAL C 291 -12.77 10.74 -28.50
CA VAL C 291 -13.85 9.81 -28.17
C VAL C 291 -13.36 8.67 -27.29
N PHE C 292 -12.14 8.19 -27.54
CA PHE C 292 -11.66 7.06 -26.78
C PHE C 292 -11.44 7.47 -25.31
N LEU C 293 -10.95 8.69 -25.10
CA LEU C 293 -10.83 9.28 -23.74
C LEU C 293 -12.18 9.38 -23.03
N ALA C 294 -13.17 9.98 -23.71
CA ALA C 294 -14.54 10.05 -23.22
C ALA C 294 -15.11 8.67 -22.85
N GLN C 295 -14.94 7.67 -23.71
CA GLN C 295 -15.44 6.32 -23.41
C GLN C 295 -14.86 5.83 -22.08
N LYS C 296 -13.53 5.88 -21.98
CA LYS C 296 -12.80 5.44 -20.80
C LYS C 296 -13.28 6.09 -19.53
N MET C 297 -13.41 7.41 -19.60
CA MET C 297 -13.88 8.25 -18.51
C MET C 297 -15.30 7.89 -18.09
N MET C 298 -16.19 7.68 -19.06
CA MET C 298 -17.59 7.40 -18.77
C MET C 298 -17.80 6.01 -18.20
N ILE C 299 -16.97 5.06 -18.63
CA ILE C 299 -17.03 3.69 -18.14
C ILE C 299 -16.53 3.68 -16.69
N ALA C 300 -15.43 4.38 -16.44
CA ALA C 300 -14.85 4.45 -15.10
C ALA C 300 -15.86 5.02 -14.10
N LYS C 301 -16.52 6.11 -14.47
CA LYS C 301 -17.51 6.80 -13.64
C LYS C 301 -18.74 5.92 -13.35
N CYS C 302 -19.21 5.21 -14.36
CA CYS C 302 -20.25 4.19 -14.18
C CYS C 302 -19.82 3.09 -13.23
N ASN C 303 -18.60 2.58 -13.42
CA ASN C 303 -18.06 1.55 -12.55
C ASN C 303 -18.06 2.01 -11.08
N VAL C 304 -17.53 3.19 -10.82
CA VAL C 304 -17.30 3.68 -9.46
C VAL C 304 -18.59 3.81 -8.66
N VAL C 305 -19.70 3.95 -9.39
CA VAL C 305 -20.99 4.21 -8.79
C VAL C 305 -21.90 2.98 -8.89
N GLY C 306 -21.40 1.94 -9.58
CA GLY C 306 -22.05 0.64 -9.67
C GLY C 306 -23.24 0.54 -10.60
N LYS C 307 -23.27 1.38 -11.64
CA LYS C 307 -24.38 1.39 -12.59
C LYS C 307 -23.92 0.83 -13.93
N PRO C 308 -24.75 -0.02 -14.59
CA PRO C 308 -24.29 -0.69 -15.80
C PRO C 308 -23.99 0.27 -16.95
N VAL C 309 -22.91 0.01 -17.68
CA VAL C 309 -22.56 0.80 -18.86
C VAL C 309 -22.57 -0.11 -20.10
N ILE C 310 -23.22 0.36 -21.17
CA ILE C 310 -23.19 -0.34 -22.47
C ILE C 310 -22.32 0.41 -23.49
N THR C 311 -21.41 -0.32 -24.12
CA THR C 311 -20.59 0.20 -25.21
C THR C 311 -21.23 -0.19 -26.56
N ALA C 312 -21.59 0.83 -27.34
CA ALA C 312 -22.41 0.64 -28.52
C ALA C 312 -21.78 1.28 -29.75
N THR C 313 -22.19 0.78 -30.92
CA THR C 313 -21.86 1.29 -32.25
C THR C 313 -20.43 0.99 -32.63
N GLN C 314 -20.24 0.84 -33.94
CA GLN C 314 -18.94 0.58 -34.51
C GLN C 314 -18.17 -0.50 -33.74
N MET C 315 -18.84 -1.62 -33.47
CA MET C 315 -18.27 -2.72 -32.70
C MET C 315 -17.66 -3.81 -33.59
N LEU C 316 -18.52 -4.57 -34.26
CA LEU C 316 -18.11 -5.63 -35.17
C LEU C 316 -18.75 -5.42 -36.55
N GLU C 317 -18.63 -4.22 -37.10
CA GLU C 317 -19.47 -3.83 -38.23
C GLU C 317 -19.20 -4.55 -39.54
N SER C 318 -17.98 -5.04 -39.73
CA SER C 318 -17.62 -5.78 -40.94
C SER C 318 -18.32 -7.13 -41.01
N MET C 319 -18.80 -7.62 -39.87
CA MET C 319 -19.49 -8.91 -39.80
C MET C 319 -20.93 -8.89 -40.31
N ILE C 320 -21.43 -7.69 -40.60
CA ILE C 320 -22.68 -7.56 -41.35
C ILE C 320 -22.56 -8.36 -42.66
N LYS C 321 -21.34 -8.45 -43.19
CA LYS C 321 -21.05 -9.10 -44.47
C LYS C 321 -19.99 -10.22 -44.40
N ASN C 322 -19.25 -10.30 -43.31
CA ASN C 322 -18.15 -11.25 -43.19
C ASN C 322 -18.29 -12.17 -41.97
N PRO C 323 -17.90 -13.46 -42.09
CA PRO C 323 -18.03 -14.40 -40.96
C PRO C 323 -16.95 -14.23 -39.87
N ARG C 324 -16.00 -13.34 -40.12
CA ARG C 324 -14.97 -13.03 -39.16
C ARG C 324 -14.89 -11.51 -39.06
N PRO C 325 -14.57 -10.96 -37.87
CA PRO C 325 -14.35 -9.51 -37.76
C PRO C 325 -12.91 -9.19 -38.15
N THR C 326 -12.59 -7.91 -38.28
CA THR C 326 -11.20 -7.53 -38.48
C THR C 326 -10.49 -7.53 -37.13
N ARG C 327 -9.16 -7.56 -37.19
CA ARG C 327 -8.27 -7.39 -36.04
C ARG C 327 -8.64 -6.14 -35.25
N ALA C 328 -8.73 -5.00 -35.91
CA ALA C 328 -9.04 -3.76 -35.23
C ALA C 328 -10.37 -3.84 -34.47
N GLU C 329 -11.34 -4.52 -35.04
CA GLU C 329 -12.68 -4.64 -34.47
C GLU C 329 -12.67 -5.48 -33.19
N ALA C 330 -12.02 -6.64 -33.26
CA ALA C 330 -11.82 -7.51 -32.10
C ALA C 330 -11.10 -6.76 -30.98
N ALA C 331 -10.04 -6.03 -31.33
CA ALA C 331 -9.30 -5.21 -30.36
C ALA C 331 -10.21 -4.12 -29.74
N ASP C 332 -11.05 -3.52 -30.58
CA ASP C 332 -11.89 -2.43 -30.10
C ASP C 332 -12.89 -2.96 -29.06
N VAL C 333 -13.46 -4.13 -29.32
CA VAL C 333 -14.41 -4.77 -28.39
C VAL C 333 -13.71 -5.20 -27.10
N ALA C 334 -12.53 -5.80 -27.24
CA ALA C 334 -11.74 -6.24 -26.10
C ALA C 334 -11.34 -5.08 -25.17
N ASN C 335 -10.93 -3.96 -25.77
CA ASN C 335 -10.57 -2.81 -24.97
CA ASN C 335 -10.60 -2.74 -25.06
C ASN C 335 -11.75 -2.23 -24.19
N ALA C 336 -12.97 -2.30 -24.73
CA ALA C 336 -14.16 -1.84 -24.00
C ALA C 336 -14.35 -2.68 -22.73
N VAL C 337 -14.21 -4.01 -22.87
CA VAL C 337 -14.22 -4.94 -21.74
C VAL C 337 -13.14 -4.57 -20.70
N LEU C 338 -11.93 -4.27 -21.20
CA LEU C 338 -10.83 -3.92 -20.32
C LEU C 338 -10.97 -2.54 -19.71
N ASP C 339 -11.68 -1.65 -20.38
CA ASP C 339 -12.04 -0.34 -19.86
C ASP C 339 -12.97 -0.55 -18.65
N GLY C 340 -13.76 -1.63 -18.69
CA GLY C 340 -14.62 -2.01 -17.58
C GLY C 340 -16.10 -2.10 -17.91
N THR C 341 -16.42 -2.25 -19.19
CA THR C 341 -17.82 -2.20 -19.64
C THR C 341 -18.66 -3.36 -19.10
N ASP C 342 -19.93 -3.09 -18.78
CA ASP C 342 -20.84 -4.12 -18.33
C ASP C 342 -21.36 -4.90 -19.51
N CYS C 343 -21.73 -4.14 -20.57
CA CYS C 343 -22.28 -4.70 -21.80
C CYS C 343 -21.55 -4.24 -23.05
N VAL C 344 -21.55 -5.12 -24.05
CA VAL C 344 -21.14 -4.80 -25.41
C VAL C 344 -22.36 -5.01 -26.31
N MET C 345 -22.54 -4.15 -27.31
CA MET C 345 -23.77 -4.15 -28.08
C MET C 345 -23.53 -4.34 -29.56
N LEU C 346 -24.35 -5.22 -30.14
CA LEU C 346 -24.42 -5.44 -31.57
C LEU C 346 -25.62 -4.69 -32.15
N SER C 347 -25.37 -4.01 -33.27
CA SER C 347 -26.43 -3.23 -33.91
C SER C 347 -26.85 -3.88 -35.21
N GLY C 348 -26.36 -3.35 -36.34
CA GLY C 348 -26.66 -3.89 -37.66
C GLY C 348 -26.17 -5.32 -37.85
N GLU C 349 -25.10 -5.70 -37.12
CA GLU C 349 -24.53 -7.04 -37.25
C GLU C 349 -25.57 -8.13 -37.02
N THR C 350 -26.51 -7.89 -36.11
CA THR C 350 -27.60 -8.86 -35.78
C THR C 350 -28.95 -8.45 -36.41
N ALA C 351 -29.17 -7.14 -36.56
CA ALA C 351 -30.44 -6.66 -37.14
C ALA C 351 -30.52 -6.93 -38.66
N ASN C 352 -29.41 -6.66 -39.35
CA ASN C 352 -29.35 -6.64 -40.79
C ASN C 352 -28.13 -7.42 -41.27
N GLY C 353 -27.64 -8.37 -40.49
CA GLY C 353 -26.37 -9.01 -40.82
C GLY C 353 -26.54 -10.34 -41.49
N GLU C 354 -25.54 -10.78 -42.26
CA GLU C 354 -25.57 -12.13 -42.86
C GLU C 354 -25.21 -13.24 -41.86
N PHE C 355 -24.62 -12.87 -40.73
CA PHE C 355 -24.15 -13.84 -39.73
C PHE C 355 -24.54 -13.44 -38.30
N PRO C 356 -25.86 -13.32 -38.03
CA PRO C 356 -26.24 -12.87 -36.68
C PRO C 356 -25.72 -13.76 -35.55
N VAL C 357 -25.87 -15.09 -35.65
CA VAL C 357 -25.50 -15.95 -34.52
C VAL C 357 -24.00 -16.12 -34.42
N ILE C 358 -23.33 -16.26 -35.57
CA ILE C 358 -21.87 -16.24 -35.64
C ILE C 358 -21.28 -14.95 -35.06
N THR C 359 -21.95 -13.82 -35.26
CA THR C 359 -21.49 -12.58 -34.69
C THR C 359 -21.60 -12.61 -33.15
N VAL C 360 -22.67 -13.20 -32.63
CA VAL C 360 -22.85 -13.29 -31.18
C VAL C 360 -21.82 -14.22 -30.54
N GLU C 361 -21.55 -15.35 -31.18
CA GLU C 361 -20.51 -16.27 -30.71
C GLU C 361 -19.14 -15.60 -30.70
N THR C 362 -18.87 -14.82 -31.73
CA THR C 362 -17.58 -14.15 -31.92
C THR C 362 -17.34 -13.12 -30.81
N MET C 363 -18.36 -12.33 -30.51
CA MET C 363 -18.25 -11.36 -29.43
C MET C 363 -18.09 -12.01 -28.07
N ALA C 364 -18.76 -13.15 -27.85
CA ALA C 364 -18.61 -13.96 -26.63
C ALA C 364 -17.16 -14.44 -26.51
N ARG C 365 -16.58 -14.86 -27.64
CA ARG C 365 -15.19 -15.28 -27.69
C ARG C 365 -14.23 -14.12 -27.38
N ILE C 366 -14.47 -12.95 -27.99
CA ILE C 366 -13.61 -11.77 -27.76
C ILE C 366 -13.73 -11.31 -26.32
N CYS C 367 -14.94 -11.38 -25.76
CA CYS C 367 -15.15 -11.04 -24.36
C CYS C 367 -14.34 -11.97 -23.47
N TYR C 368 -14.45 -13.27 -23.71
CA TYR C 368 -13.73 -14.23 -22.93
C TYR C 368 -12.24 -13.95 -22.93
N GLU C 369 -11.66 -13.68 -24.10
CA GLU C 369 -10.20 -13.46 -24.21
C GLU C 369 -9.73 -12.20 -23.51
N ALA C 370 -10.56 -11.14 -23.55
CA ALA C 370 -10.26 -9.88 -22.90
C ALA C 370 -10.27 -10.07 -21.40
N GLU C 371 -11.24 -10.84 -20.93
CA GLU C 371 -11.39 -11.15 -19.51
C GLU C 371 -10.22 -11.97 -18.99
N THR C 372 -9.54 -12.67 -19.89
CA THR C 372 -8.21 -13.28 -19.64
C THR C 372 -7.20 -12.26 -19.12
N CYS C 373 -7.28 -11.03 -19.63
CA CYS C 373 -6.34 -9.96 -19.28
C CYS C 373 -6.61 -9.29 -17.93
N VAL C 374 -7.83 -9.46 -17.40
CA VAL C 374 -8.25 -8.72 -16.22
C VAL C 374 -7.50 -9.13 -14.94
N ASP C 375 -6.93 -8.14 -14.27
CA ASP C 375 -6.30 -8.31 -12.96
C ASP C 375 -7.34 -7.99 -11.88
N TYR C 376 -7.96 -9.06 -11.34
CA TYR C 376 -9.07 -8.93 -10.39
C TYR C 376 -8.67 -8.37 -9.01
N PRO C 377 -7.52 -8.81 -8.45
CA PRO C 377 -7.01 -8.15 -7.24
C PRO C 377 -6.74 -6.65 -7.40
N ALA C 378 -6.20 -6.25 -8.56
CA ALA C 378 -5.86 -4.84 -8.81
C ALA C 378 -7.07 -4.00 -9.24
N LEU C 379 -8.14 -4.66 -9.68
CA LEU C 379 -9.39 -3.97 -9.96
C LEU C 379 -10.16 -3.75 -8.66
N TYR C 380 -10.17 -4.78 -7.81
CA TYR C 380 -10.81 -4.68 -6.51
C TYR C 380 -10.21 -3.56 -5.63
N ARG C 381 -8.89 -3.49 -5.58
CA ARG C 381 -8.19 -2.47 -4.79
C ARG C 381 -8.28 -1.08 -5.43
N ALA C 382 -8.47 -1.04 -6.75
CA ALA C 382 -8.70 0.22 -7.48
C ALA C 382 -10.07 0.83 -7.12
N MET C 383 -11.07 -0.03 -6.91
CA MET C 383 -12.40 0.38 -6.47
C MET C 383 -12.43 0.80 -4.99
N CYS C 384 -11.56 0.21 -4.18
CA CYS C 384 -11.45 0.55 -2.76
C CYS C 384 -10.81 1.93 -2.55
N LEU C 385 -9.89 2.29 -3.44
CA LEU C 385 -9.23 3.59 -3.41
C LEU C 385 -10.07 4.68 -4.11
N ALA C 386 -11.11 4.26 -4.82
CA ALA C 386 -12.01 5.19 -5.52
C ALA C 386 -13.29 5.46 -4.74
N VAL C 387 -13.69 4.51 -3.90
CA VAL C 387 -14.88 4.65 -3.05
C VAL C 387 -14.50 4.47 -1.58
N ILE C 391 -18.36 4.63 3.60
CA ILE C 391 -19.31 3.81 2.83
C ILE C 391 -20.42 3.20 3.71
N SER C 392 -21.55 2.88 3.05
CA SER C 392 -22.71 2.27 3.69
C SER C 392 -22.49 0.81 4.10
N THR C 393 -23.37 0.35 4.98
CA THR C 393 -23.47 -1.04 5.42
C THR C 393 -23.50 -2.04 4.27
N GLN C 394 -24.36 -1.78 3.28
CA GLN C 394 -24.54 -2.64 2.13
C GLN C 394 -23.27 -2.78 1.33
N GLU C 395 -22.62 -1.65 1.04
CA GLU C 395 -21.39 -1.68 0.26
C GLU C 395 -20.25 -2.38 1.00
N ALA C 396 -20.13 -2.12 2.31
CA ALA C 396 -19.09 -2.73 3.15
C ALA C 396 -19.17 -4.25 3.14
N VAL C 397 -20.38 -4.78 3.27
CA VAL C 397 -20.64 -6.21 3.27
C VAL C 397 -20.39 -6.82 1.89
N ALA C 398 -20.77 -6.11 0.83
CA ALA C 398 -20.49 -6.56 -0.54
C ALA C 398 -18.97 -6.70 -0.74
N ARG C 399 -18.26 -5.64 -0.37
CA ARG C 399 -16.81 -5.61 -0.32
C ARG C 399 -16.18 -6.74 0.53
N ALA C 400 -16.72 -6.99 1.72
CA ALA C 400 -16.20 -8.06 2.58
C ALA C 400 -16.40 -9.42 1.92
N ALA C 401 -17.53 -9.57 1.22
CA ALA C 401 -17.89 -10.78 0.49
C ALA C 401 -16.88 -11.13 -0.60
N VAL C 402 -16.55 -10.15 -1.44
CA VAL C 402 -15.54 -10.30 -2.49
C VAL C 402 -14.18 -10.70 -1.90
N GLU C 403 -13.72 -9.95 -0.89
CA GLU C 403 -12.52 -10.26 -0.11
C GLU C 403 -12.50 -11.66 0.46
N THR C 404 -13.61 -12.03 1.11
CA THR C 404 -13.71 -13.34 1.77
C THR C 404 -13.75 -14.47 0.76
N ALA C 405 -14.50 -14.25 -0.34
CA ALA C 405 -14.58 -15.22 -1.45
C ALA C 405 -13.19 -15.55 -1.96
N GLU C 406 -12.40 -14.52 -2.18
CA GLU C 406 -11.00 -14.66 -2.59
C GLU C 406 -10.17 -15.36 -1.50
N CYS C 407 -10.39 -14.97 -0.25
CA CYS C 407 -9.62 -15.50 0.86
C CYS C 407 -9.82 -17.01 1.06
N VAL C 408 -11.06 -17.48 0.93
CA VAL C 408 -11.40 -18.90 1.16
C VAL C 408 -11.54 -19.73 -0.12
N ASN C 409 -11.14 -19.15 -1.26
CA ASN C 409 -11.17 -19.83 -2.57
C ASN C 409 -12.55 -20.39 -2.90
N ALA C 410 -13.57 -19.55 -2.75
CA ALA C 410 -14.96 -19.93 -2.98
C ALA C 410 -15.24 -20.13 -4.46
N ALA C 411 -16.10 -21.10 -4.78
CA ALA C 411 -16.41 -21.44 -6.15
C ALA C 411 -17.38 -20.41 -6.75
N ILE C 412 -18.32 -19.95 -5.93
CA ILE C 412 -19.26 -18.91 -6.38
C ILE C 412 -19.70 -17.99 -5.24
N ILE C 413 -20.25 -16.83 -5.63
CA ILE C 413 -20.88 -15.90 -4.71
C ILE C 413 -22.39 -15.92 -4.98
N LEU C 414 -23.17 -16.11 -3.94
CA LEU C 414 -24.61 -16.07 -4.09
C LEU C 414 -25.05 -14.69 -3.62
N ALA C 415 -25.76 -13.98 -4.49
CA ALA C 415 -26.32 -12.67 -4.15
C ALA C 415 -27.82 -12.81 -4.06
N LEU C 416 -28.35 -12.86 -2.85
CA LEU C 416 -29.79 -12.93 -2.66
C LEU C 416 -30.31 -11.50 -2.67
N THR C 417 -31.30 -11.23 -3.51
CA THR C 417 -31.64 -9.84 -3.79
C THR C 417 -33.09 -9.60 -4.22
N GLU C 418 -33.71 -8.57 -3.66
CA GLU C 418 -35.05 -8.21 -4.03
C GLU C 418 -35.00 -7.16 -5.12
N THR C 419 -34.29 -6.07 -4.85
CA THR C 419 -34.24 -4.91 -5.76
C THR C 419 -33.10 -4.98 -6.76
N GLY C 420 -32.18 -5.93 -6.57
CA GLY C 420 -30.99 -6.01 -7.40
C GLY C 420 -29.75 -5.37 -6.77
N GLN C 421 -29.96 -4.54 -5.75
CA GLN C 421 -28.87 -3.76 -5.16
C GLN C 421 -27.67 -4.62 -4.75
N THR C 422 -27.95 -5.70 -4.01
CA THR C 422 -26.93 -6.59 -3.48
C THR C 422 -26.08 -7.21 -4.58
N ALA C 423 -26.72 -7.69 -5.64
CA ALA C 423 -26.01 -8.23 -6.79
C ALA C 423 -25.11 -7.19 -7.46
N ARG C 424 -25.65 -5.99 -7.65
CA ARG C 424 -24.91 -4.89 -8.27
C ARG C 424 -23.70 -4.42 -7.43
N LEU C 425 -23.88 -4.34 -6.11
CA LEU C 425 -22.78 -3.94 -5.23
C LEU C 425 -21.61 -4.92 -5.28
N ILE C 426 -21.89 -6.22 -5.37
CA ILE C 426 -20.83 -7.24 -5.47
C ILE C 426 -20.18 -7.19 -6.85
N ALA C 427 -21.02 -7.12 -7.89
CA ALA C 427 -20.54 -7.05 -9.27
C ALA C 427 -19.56 -5.88 -9.44
N LYS C 428 -19.93 -4.73 -8.86
CA LYS C 428 -19.10 -3.52 -8.81
C LYS C 428 -17.63 -3.81 -8.47
N TYR C 429 -17.40 -4.82 -7.63
CA TYR C 429 -16.05 -5.17 -7.18
C TYR C 429 -15.35 -6.17 -8.08
N ARG C 430 -16.01 -6.54 -9.19
CA ARG C 430 -15.45 -7.45 -10.20
C ARG C 430 -14.77 -8.68 -9.54
N PRO C 431 -15.55 -9.54 -8.87
CA PRO C 431 -14.92 -10.72 -8.29
C PRO C 431 -14.59 -11.72 -9.38
N MET C 432 -13.49 -12.43 -9.19
CA MET C 432 -13.08 -13.52 -10.06
C MET C 432 -14.12 -14.64 -10.05
N GLN C 433 -14.81 -14.82 -8.93
CA GLN C 433 -15.86 -15.83 -8.81
C GLN C 433 -17.13 -15.38 -9.52
N PRO C 434 -17.84 -16.33 -10.17
CA PRO C 434 -19.16 -16.08 -10.71
C PRO C 434 -20.13 -15.61 -9.63
N ILE C 435 -21.05 -14.72 -9.98
CA ILE C 435 -22.11 -14.28 -9.07
C ILE C 435 -23.42 -14.88 -9.53
N LEU C 436 -24.11 -15.60 -8.64
CA LEU C 436 -25.46 -16.06 -8.92
C LEU C 436 -26.43 -15.24 -8.09
N ALA C 437 -27.14 -14.35 -8.76
CA ALA C 437 -28.15 -13.52 -8.15
C ALA C 437 -29.47 -14.30 -8.04
N LEU C 438 -29.99 -14.41 -6.81
CA LEU C 438 -31.26 -15.11 -6.54
C LEU C 438 -32.32 -14.12 -6.12
N SER C 439 -33.48 -14.18 -6.76
CA SER C 439 -34.50 -13.16 -6.59
C SER C 439 -35.90 -13.72 -6.85
N ALA C 440 -36.89 -13.23 -6.11
CA ALA C 440 -38.25 -13.65 -6.39
C ALA C 440 -38.90 -12.70 -7.38
N SER C 441 -38.23 -11.56 -7.61
CA SER C 441 -38.79 -10.50 -8.44
C SER C 441 -38.37 -10.63 -9.90
N GLU C 442 -39.37 -10.84 -10.76
CA GLU C 442 -39.14 -11.02 -12.20
C GLU C 442 -38.45 -9.83 -12.89
N SER C 443 -38.88 -8.61 -12.57
CA SER C 443 -38.27 -7.43 -13.18
C SER C 443 -36.83 -7.25 -12.71
N THR C 444 -36.55 -7.52 -11.43
CA THR C 444 -35.17 -7.51 -10.94
C THR C 444 -34.28 -8.52 -11.69
N ILE C 445 -34.75 -9.75 -11.84
CA ILE C 445 -34.01 -10.74 -12.63
C ILE C 445 -33.69 -10.25 -14.06
N LYS C 446 -34.65 -9.57 -14.69
CA LYS C 446 -34.48 -8.98 -16.01
C LYS C 446 -33.48 -7.80 -16.02
N HIS C 447 -33.56 -6.93 -15.02
CA HIS C 447 -32.65 -5.78 -14.91
C HIS C 447 -31.19 -6.21 -14.75
N LEU C 448 -31.00 -7.37 -14.15
CA LEU C 448 -29.68 -7.89 -13.83
C LEU C 448 -28.96 -8.49 -15.04
N GLN C 449 -29.64 -8.57 -16.16
CA GLN C 449 -29.06 -9.17 -17.37
C GLN C 449 -28.04 -8.23 -18.00
N VAL C 450 -27.92 -7.06 -17.38
CA VAL C 450 -27.11 -5.95 -17.87
C VAL C 450 -25.84 -5.75 -16.99
N ILE C 451 -25.67 -6.63 -16.00
CA ILE C 451 -24.58 -6.55 -15.00
C ILE C 451 -23.47 -7.58 -15.31
N ARG C 452 -22.24 -7.12 -15.59
CA ARG C 452 -21.11 -8.01 -15.80
C ARG C 452 -20.86 -8.93 -14.58
N GLY C 453 -20.72 -10.22 -14.83
CA GLY C 453 -20.28 -11.15 -13.82
C GLY C 453 -21.42 -11.83 -13.11
N VAL C 454 -22.63 -11.37 -13.41
CA VAL C 454 -23.85 -11.90 -12.81
C VAL C 454 -24.56 -12.87 -13.76
N THR C 455 -24.92 -14.06 -13.27
CA THR C 455 -26.02 -14.81 -13.87
C THR C 455 -27.15 -14.92 -12.85
N THR C 456 -28.29 -15.38 -13.29
CA THR C 456 -29.50 -15.10 -12.59
C THR C 456 -30.27 -16.40 -12.40
N MET C 457 -30.94 -16.55 -11.25
CA MET C 457 -31.89 -17.64 -11.03
C MET C 457 -33.12 -17.08 -10.28
N GLN C 458 -34.28 -17.08 -10.95
CA GLN C 458 -35.53 -16.70 -10.26
C GLN C 458 -35.93 -17.74 -9.24
N VAL C 459 -36.48 -17.28 -8.13
CA VAL C 459 -36.75 -18.12 -6.98
C VAL C 459 -38.20 -17.79 -6.53
N PRO C 460 -38.94 -18.76 -5.95
CA PRO C 460 -40.31 -18.42 -5.53
C PRO C 460 -40.41 -17.35 -4.43
N SER C 461 -41.59 -16.75 -4.29
CA SER C 461 -41.83 -15.72 -3.28
C SER C 461 -41.87 -16.28 -1.86
N PHE C 462 -41.65 -15.40 -0.87
CA PHE C 462 -41.83 -15.69 0.57
C PHE C 462 -40.95 -16.84 1.08
N GLN C 463 -39.76 -16.94 0.50
CA GLN C 463 -38.86 -18.03 0.74
C GLN C 463 -37.80 -17.59 1.77
N GLY C 464 -37.54 -18.45 2.76
CA GLY C 464 -36.52 -18.18 3.77
C GLY C 464 -35.10 -18.15 3.22
N THR C 465 -34.25 -17.34 3.84
CA THR C 465 -32.86 -17.13 3.43
C THR C 465 -32.04 -18.43 3.28
N ASP C 466 -32.00 -19.22 4.35
CA ASP C 466 -31.29 -20.50 4.40
C ASP C 466 -31.77 -21.45 3.33
N HIS C 467 -33.10 -21.62 3.24
CA HIS C 467 -33.72 -22.44 2.20
C HIS C 467 -33.28 -22.05 0.79
N VAL C 468 -33.35 -20.74 0.49
CA VAL C 468 -32.96 -20.23 -0.83
C VAL C 468 -31.49 -20.56 -1.10
N ILE C 469 -30.62 -20.29 -0.13
CA ILE C 469 -29.20 -20.68 -0.20
C ILE C 469 -28.99 -22.20 -0.36
N ARG C 470 -29.69 -23.01 0.45
CA ARG C 470 -29.62 -24.46 0.31
C ARG C 470 -29.98 -24.91 -1.11
N ASN C 471 -31.05 -24.32 -1.64
CA ASN C 471 -31.56 -24.71 -2.95
C ASN C 471 -30.59 -24.37 -4.08
N ALA C 472 -30.00 -23.18 -3.99
CA ALA C 472 -29.08 -22.70 -4.99
C ALA C 472 -27.85 -23.61 -5.09
N ILE C 473 -27.31 -24.01 -3.93
CA ILE C 473 -26.08 -24.82 -3.87
C ILE C 473 -26.30 -26.23 -4.41
N VAL C 474 -27.41 -26.86 -4.02
CA VAL C 474 -27.74 -28.19 -4.49
C VAL C 474 -28.08 -28.17 -5.99
N VAL C 475 -28.80 -27.13 -6.43
CA VAL C 475 -29.03 -26.97 -7.87
C VAL C 475 -27.69 -26.82 -8.60
N ALA C 476 -26.83 -25.92 -8.12
CA ALA C 476 -25.50 -25.72 -8.68
C ALA C 476 -24.68 -27.01 -8.74
N LYS C 477 -24.79 -27.83 -7.70
CA LYS C 477 -24.05 -29.11 -7.61
C LYS C 477 -24.59 -30.17 -8.59
N GLU C 478 -25.90 -30.09 -8.86
CA GLU C 478 -26.54 -31.00 -9.82
C GLU C 478 -26.20 -30.62 -11.27
N ARG C 479 -25.97 -29.33 -11.50
CA ARG C 479 -25.56 -28.79 -12.80
C ARG C 479 -24.03 -28.79 -12.99
N GLU C 480 -23.33 -29.44 -12.07
CA GLU C 480 -21.87 -29.58 -12.07
C GLU C 480 -21.11 -28.25 -12.11
N LEU C 481 -21.70 -27.23 -11.51
CA LEU C 481 -21.08 -25.90 -11.37
C LEU C 481 -20.20 -25.84 -10.12
N VAL C 482 -20.65 -26.49 -9.05
CA VAL C 482 -19.86 -26.60 -7.83
C VAL C 482 -19.73 -28.07 -7.45
N THR C 483 -18.65 -28.42 -6.77
CA THR C 483 -18.44 -29.79 -6.31
C THR C 483 -18.41 -29.88 -4.78
N GLU C 484 -18.80 -31.04 -4.27
CA GLU C 484 -18.74 -31.40 -2.85
C GLU C 484 -17.45 -30.87 -2.21
N GLY C 485 -17.57 -30.08 -1.14
CA GLY C 485 -16.40 -29.63 -0.37
C GLY C 485 -15.91 -28.21 -0.65
N GLU C 486 -16.34 -27.62 -1.76
CA GLU C 486 -15.91 -26.28 -2.12
C GLU C 486 -16.63 -25.26 -1.26
N SER C 487 -15.97 -24.14 -0.99
CA SER C 487 -16.61 -23.07 -0.24
C SER C 487 -17.55 -22.24 -1.12
N ILE C 488 -18.57 -21.68 -0.50
CA ILE C 488 -19.53 -20.80 -1.15
C ILE C 488 -19.75 -19.58 -0.25
N VAL C 489 -19.84 -18.41 -0.86
CA VAL C 489 -20.12 -17.18 -0.11
C VAL C 489 -21.52 -16.70 -0.49
N ALA C 490 -22.39 -16.52 0.50
CA ALA C 490 -23.73 -16.02 0.27
C ALA C 490 -23.88 -14.66 0.95
N VAL C 491 -24.46 -13.71 0.21
CA VAL C 491 -24.75 -12.39 0.75
C VAL C 491 -26.26 -12.15 0.67
N HIS C 492 -26.84 -11.72 1.79
CA HIS C 492 -28.23 -11.32 1.79
C HIS C 492 -28.33 -9.89 2.28
N GLY C 493 -28.65 -8.99 1.36
CA GLY C 493 -29.14 -7.66 1.70
C GLY C 493 -30.64 -7.75 2.02
N MET C 494 -31.02 -7.29 3.21
CA MET C 494 -32.41 -7.30 3.64
C MET C 494 -32.92 -5.87 3.77
N LYS C 495 -34.16 -5.65 3.36
CA LYS C 495 -34.75 -4.30 3.26
C LYS C 495 -33.79 -3.35 2.54
N GLU C 496 -33.34 -3.78 1.36
CA GLU C 496 -32.21 -3.19 0.63
C GLU C 496 -32.15 -1.67 0.56
N GLU C 497 -33.28 -1.04 0.22
CA GLU C 497 -33.30 0.40 0.01
C GLU C 497 -34.24 1.16 0.96
N VAL C 498 -34.59 0.50 2.07
CA VAL C 498 -35.39 1.12 3.13
C VAL C 498 -34.60 1.10 4.46
N SER C 501 -32.43 -1.45 7.03
CA SER C 501 -31.47 -2.29 6.33
C SER C 501 -30.63 -3.14 7.30
N SER C 502 -30.24 -4.31 6.81
CA SER C 502 -29.56 -5.34 7.57
C SER C 502 -28.90 -6.25 6.54
N ASN C 503 -27.65 -6.63 6.79
CA ASN C 503 -26.85 -7.28 5.75
C ASN C 503 -26.03 -8.47 6.24
N LEU C 504 -26.18 -9.59 5.55
CA LEU C 504 -25.62 -10.87 5.97
C LEU C 504 -24.53 -11.34 5.04
N LEU C 505 -23.57 -12.07 5.58
CA LEU C 505 -22.57 -12.72 4.78
C LEU C 505 -22.32 -14.06 5.44
N LYS C 506 -22.58 -15.13 4.69
CA LYS C 506 -22.37 -16.48 5.17
C LYS C 506 -21.31 -17.18 4.33
N VAL C 507 -20.45 -17.96 4.97
CA VAL C 507 -19.58 -18.84 4.23
C VAL C 507 -19.99 -20.27 4.56
N LEU C 508 -20.27 -21.04 3.52
CA LEU C 508 -20.74 -22.41 3.71
C LEU C 508 -20.08 -23.37 2.72
N THR C 509 -20.03 -24.65 3.09
CA THR C 509 -19.36 -25.66 2.30
C THR C 509 -20.36 -26.60 1.63
N VAL C 510 -20.18 -26.84 0.34
CA VAL C 510 -21.01 -27.79 -0.41
C VAL C 510 -20.86 -29.20 0.17
N GLU C 511 -22.00 -29.84 0.43
CA GLU C 511 -22.01 -31.17 1.06
C GLU C 511 -22.22 -32.27 0.01
N ARG D 20 13.14 -14.77 17.16
CA ARG D 20 14.45 -15.46 16.94
C ARG D 20 15.01 -16.02 18.24
N MET D 21 14.74 -17.30 18.50
CA MET D 21 15.11 -17.96 19.75
C MET D 21 16.62 -17.99 19.98
N SER D 22 17.38 -18.27 18.93
CA SER D 22 18.85 -18.29 19.03
C SER D 22 19.47 -16.90 19.29
N GLN D 23 18.67 -15.84 19.08
CA GLN D 23 19.11 -14.48 19.40
C GLN D 23 19.04 -14.21 20.91
N ILE D 24 18.17 -14.94 21.60
CA ILE D 24 18.07 -14.85 23.06
C ILE D 24 19.19 -15.67 23.73
N LEU D 25 19.72 -16.66 23.00
CA LEU D 25 20.72 -17.57 23.57
C LEU D 25 22.17 -17.17 23.29
N GLU D 26 22.57 -17.08 22.02
CA GLU D 26 23.97 -16.80 21.65
C GLU D 26 24.50 -15.45 22.15
N PRO D 27 25.63 -15.48 22.91
CA PRO D 27 26.27 -14.26 23.43
C PRO D 27 26.90 -13.36 22.36
N ARG D 28 26.50 -12.08 22.35
CA ARG D 28 26.96 -11.09 21.37
C ARG D 28 28.47 -10.83 21.46
N SER D 29 29.20 -11.26 20.44
CA SER D 29 30.66 -11.16 20.39
C SER D 29 31.15 -9.72 20.46
N GLU D 30 32.42 -9.54 20.83
CA GLU D 30 33.01 -8.21 21.00
C GLU D 30 32.70 -7.25 19.85
N GLU D 31 33.25 -7.54 18.67
CA GLU D 31 33.06 -6.68 17.48
C GLU D 31 31.60 -6.31 17.20
N ASP D 32 30.68 -7.18 17.61
CA ASP D 32 29.26 -6.95 17.42
C ASP D 32 28.74 -5.68 18.11
N TRP D 33 28.64 -5.72 19.44
CA TRP D 33 28.04 -4.62 20.21
C TRP D 33 28.75 -3.28 20.03
N THR D 34 30.07 -3.32 19.87
CA THR D 34 30.89 -2.16 19.50
C THR D 34 30.30 -1.36 18.33
N ALA D 35 29.51 -2.02 17.48
CA ALA D 35 28.92 -1.40 16.29
C ALA D 35 27.46 -0.95 16.45
N HIS D 36 26.97 -0.86 17.68
CA HIS D 36 25.65 -0.27 17.99
C HIS D 36 25.49 1.08 17.30
N ARG D 37 24.27 1.43 16.91
CA ARG D 37 24.04 2.67 16.16
C ARG D 37 23.72 3.86 17.07
N THR D 38 23.00 3.59 18.16
CA THR D 38 22.58 4.60 19.12
C THR D 38 23.80 5.22 19.81
N ARG D 39 23.73 6.53 20.08
CA ARG D 39 24.84 7.24 20.72
C ARG D 39 24.70 7.23 22.23
N ILE D 40 25.84 7.21 22.92
CA ILE D 40 25.84 7.14 24.37
C ILE D 40 26.47 8.38 25.00
N VAL D 41 25.66 9.08 25.79
CA VAL D 41 26.08 10.27 26.50
C VAL D 41 26.42 9.88 27.94
N CYS D 42 27.66 10.14 28.38
CA CYS D 42 28.03 9.84 29.77
C CYS D 42 28.26 11.10 30.60
N THR D 43 27.66 11.12 31.79
CA THR D 43 27.86 12.20 32.74
C THR D 43 29.20 12.05 33.48
N MET D 44 29.97 13.14 33.53
CA MET D 44 31.27 13.17 34.16
C MET D 44 31.13 13.34 35.68
N GLY D 45 32.04 12.72 36.43
CA GLY D 45 32.11 12.92 37.89
C GLY D 45 33.17 12.09 38.56
N PRO D 46 33.13 12.00 39.91
CA PRO D 46 34.22 11.33 40.63
C PRO D 46 34.49 9.90 40.17
N ALA D 47 33.44 9.13 39.87
CA ALA D 47 33.60 7.72 39.49
C ALA D 47 34.38 7.48 38.17
N CYS D 48 34.36 8.48 37.28
CA CYS D 48 35.14 8.42 36.05
C CYS D 48 36.04 9.65 35.95
N TRP D 49 36.57 10.03 37.10
CA TRP D 49 37.48 11.15 37.26
C TRP D 49 38.74 11.05 36.38
N ASN D 50 39.41 9.91 36.40
CA ASN D 50 40.73 9.81 35.79
C ASN D 50 40.77 9.33 34.34
N VAL D 51 41.89 9.65 33.69
CA VAL D 51 42.10 9.48 32.26
C VAL D 51 41.95 8.01 31.83
N ASP D 52 42.46 7.08 32.63
CA ASP D 52 42.40 5.66 32.28
C ASP D 52 40.94 5.13 32.30
N THR D 53 40.12 5.60 33.22
CA THR D 53 38.71 5.24 33.25
C THR D 53 37.95 5.82 32.05
N LEU D 54 38.22 7.08 31.71
CA LEU D 54 37.59 7.71 30.54
C LEU D 54 37.98 7.01 29.23
N VAL D 55 39.27 6.73 29.06
CA VAL D 55 39.77 5.91 27.94
C VAL D 55 39.00 4.58 27.80
N LYS D 56 38.75 3.91 28.93
CA LYS D 56 37.99 2.67 28.95
C LYS D 56 36.54 2.90 28.58
N MET D 57 35.99 4.03 29.01
CA MET D 57 34.63 4.40 28.62
C MET D 57 34.51 4.71 27.13
N ILE D 58 35.58 5.19 26.50
CA ILE D 58 35.62 5.42 25.05
C ILE D 58 35.50 4.09 24.33
N ASP D 59 36.39 3.14 24.64
CA ASP D 59 36.28 1.76 24.16
C ASP D 59 34.90 1.15 24.40
N ALA D 60 34.31 1.42 25.57
CA ALA D 60 33.00 0.84 25.92
C ALA D 60 31.86 1.43 25.09
N GLY D 61 32.09 2.62 24.52
CA GLY D 61 31.15 3.25 23.60
C GLY D 61 30.72 4.68 23.91
N MET D 62 31.45 5.37 24.78
CA MET D 62 31.11 6.76 25.12
C MET D 62 31.33 7.66 23.92
N ASN D 63 30.33 8.48 23.60
CA ASN D 63 30.37 9.37 22.42
C ASN D 63 30.34 10.83 22.84
N VAL D 64 29.67 11.11 23.94
CA VAL D 64 29.47 12.47 24.42
C VAL D 64 29.76 12.51 25.93
N CYS D 65 30.50 13.54 26.35
CA CYS D 65 30.75 13.80 27.78
C CYS D 65 29.88 14.95 28.31
N ARG D 66 28.99 14.64 29.25
CA ARG D 66 28.17 15.67 29.87
C ARG D 66 28.75 16.21 31.18
N LEU D 67 28.89 17.54 31.26
CA LEU D 67 29.29 18.22 32.47
C LEU D 67 28.04 18.78 33.12
N ASN D 68 27.77 18.30 34.30
CA ASN D 68 26.55 18.70 35.01
C ASN D 68 26.86 19.92 35.87
N PHE D 69 26.51 21.09 35.38
CA PHE D 69 26.80 22.33 36.10
C PHE D 69 25.85 22.62 37.29
N SER D 70 25.01 21.64 37.66
CA SER D 70 24.27 21.74 38.91
C SER D 70 25.21 21.67 40.10
N HIS D 71 26.39 21.09 39.89
CA HIS D 71 27.46 21.04 40.89
C HIS D 71 28.80 21.45 40.26
N GLY D 72 29.79 21.67 41.10
CA GLY D 72 31.11 22.08 40.61
C GLY D 72 31.20 23.54 40.20
N ASP D 73 32.37 23.95 39.72
CA ASP D 73 32.64 25.31 39.29
C ASP D 73 33.57 25.31 38.06
N HIS D 74 34.07 26.48 37.69
CA HIS D 74 34.83 26.64 36.46
C HIS D 74 36.22 25.97 36.51
N GLU D 75 36.89 26.08 37.65
CA GLU D 75 38.11 25.30 37.93
C GLU D 75 37.92 23.79 37.93
N THR D 76 36.87 23.35 38.61
CA THR D 76 36.55 21.95 38.83
C THR D 76 36.16 21.24 37.51
N HIS D 77 35.28 21.87 36.74
CA HIS D 77 34.89 21.37 35.44
C HIS D 77 35.98 21.52 34.40
N ALA D 78 36.88 22.48 34.60
CA ALA D 78 38.04 22.66 33.74
C ALA D 78 39.02 21.50 33.90
N ARG D 79 39.20 21.03 35.13
CA ARG D 79 39.97 19.81 35.35
C ARG D 79 39.40 18.64 34.54
N THR D 80 38.06 18.51 34.56
CA THR D 80 37.40 17.43 33.86
C THR D 80 37.68 17.47 32.36
N VAL D 81 37.63 18.66 31.79
CA VAL D 81 37.89 18.87 30.37
C VAL D 81 39.32 18.49 30.04
N GLN D 82 40.25 18.91 30.91
CA GLN D 82 41.67 18.56 30.74
C GLN D 82 41.85 17.04 30.64
N ASN D 83 41.14 16.32 31.52
CA ASN D 83 41.20 14.85 31.60
C ASN D 83 40.53 14.18 30.40
N ILE D 84 39.53 14.84 29.83
CA ILE D 84 38.92 14.44 28.56
C ILE D 84 39.89 14.66 27.40
N GLN D 85 40.41 15.89 27.28
CA GLN D 85 41.39 16.25 26.24
C GLN D 85 42.52 15.22 26.23
N GLU D 86 42.98 14.84 27.42
CA GLU D 86 44.05 13.87 27.62
C GLU D 86 43.62 12.43 27.27
N ALA D 87 42.38 12.06 27.62
CA ALA D 87 41.85 10.73 27.27
C ALA D 87 41.76 10.54 25.74
N MET D 88 41.26 11.57 25.06
CA MET D 88 41.28 11.62 23.59
C MET D 88 42.68 11.51 22.95
N LYS D 89 43.73 11.92 23.67
CA LYS D 89 45.10 11.80 23.14
C LYS D 89 45.53 10.34 23.05
N GLN D 90 44.95 9.51 23.91
CA GLN D 90 45.21 8.08 23.90
C GLN D 90 44.29 7.35 22.92
N ARG D 91 43.24 8.04 22.50
CA ARG D 91 42.31 7.50 21.49
C ARG D 91 42.12 8.55 20.37
N PRO D 92 43.12 8.70 19.49
CA PRO D 92 43.15 9.82 18.53
C PRO D 92 42.01 9.78 17.50
N GLU D 93 41.45 8.60 17.26
CA GLU D 93 40.32 8.44 16.36
C GLU D 93 39.01 8.88 16.98
N ALA D 94 38.94 8.86 18.31
CA ALA D 94 37.73 9.29 19.04
C ALA D 94 37.63 10.80 19.05
N ARG D 95 36.42 11.30 18.85
CA ARG D 95 36.15 12.73 18.87
C ARG D 95 34.95 12.85 19.75
N LEU D 96 35.17 13.24 21.00
CA LEU D 96 34.10 13.29 21.98
C LEU D 96 33.44 14.67 21.96
N ALA D 97 32.11 14.70 21.91
CA ALA D 97 31.42 15.98 22.07
C ALA D 97 31.38 16.29 23.56
N ILE D 98 31.60 17.54 23.93
CA ILE D 98 31.40 17.94 25.31
C ILE D 98 30.12 18.77 25.40
N LEU D 99 29.31 18.45 26.39
CA LEU D 99 28.00 19.05 26.55
C LEU D 99 27.92 19.66 27.94
N LEU D 100 27.50 20.93 28.02
CA LEU D 100 27.31 21.64 29.30
C LEU D 100 25.83 21.62 29.72
N ASP D 101 25.55 21.02 30.86
CA ASP D 101 24.17 20.89 31.36
C ASP D 101 24.01 21.93 32.46
N THR D 102 23.20 22.95 32.19
CA THR D 102 23.03 24.06 33.13
C THR D 102 22.28 23.58 34.39
N LYS D 103 22.53 24.25 35.50
CA LYS D 103 21.82 24.04 36.77
C LYS D 103 20.37 24.47 36.56
N GLY D 104 20.20 25.72 36.13
CA GLY D 104 18.89 26.26 35.91
C GLY D 104 18.15 26.53 37.21
N PRO D 105 16.85 26.81 37.12
CA PRO D 105 16.10 27.21 38.32
C PRO D 105 15.78 26.03 39.24
N GLU D 106 15.70 26.30 40.54
CA GLU D 106 15.38 25.26 41.52
C GLU D 106 14.43 25.74 42.61
N ILE D 107 13.65 24.79 43.14
CA ILE D 107 12.81 25.05 44.29
C ILE D 107 13.15 24.07 45.42
N ARG D 108 13.43 24.62 46.61
CA ARG D 108 13.74 23.81 47.78
C ARG D 108 12.96 24.18 49.04
N THR D 109 12.73 23.16 49.85
CA THR D 109 12.23 23.34 51.20
C THR D 109 13.29 24.09 52.01
N GLY D 110 12.88 24.63 53.16
CA GLY D 110 13.81 25.31 54.06
C GLY D 110 14.45 24.37 55.07
N PHE D 111 14.93 24.96 56.16
CA PHE D 111 15.60 24.24 57.22
C PHE D 111 14.61 23.73 58.27
N LEU D 112 15.07 22.80 59.10
CA LEU D 112 14.20 22.18 60.09
C LEU D 112 14.79 22.31 61.48
N LYS D 113 13.94 22.38 62.50
CA LYS D 113 14.41 22.40 63.88
C LYS D 113 15.44 21.29 64.13
N ASP D 114 16.54 21.65 64.79
CA ASP D 114 17.63 20.71 65.11
C ASP D 114 18.12 19.88 63.93
N HIS D 115 17.87 20.38 62.70
CA HIS D 115 18.22 19.68 61.45
C HIS D 115 17.66 18.26 61.36
N LYS D 116 16.63 17.99 62.16
CA LYS D 116 16.04 16.66 62.30
C LYS D 116 14.87 16.44 61.34
N PRO D 117 14.95 15.39 60.50
CA PRO D 117 13.91 15.12 59.52
C PRO D 117 12.56 14.89 60.19
N ILE D 118 11.50 15.27 59.46
CA ILE D 118 10.15 15.22 59.98
C ILE D 118 9.35 14.16 59.23
N THR D 119 8.46 13.49 59.97
CA THR D 119 7.58 12.46 59.43
C THR D 119 6.16 13.00 59.43
N LEU D 120 5.58 13.06 58.23
CA LEU D 120 4.18 13.43 58.06
C LEU D 120 3.32 12.17 57.86
N GLN D 121 2.27 12.02 58.66
CA GLN D 121 1.26 10.97 58.47
C GLN D 121 0.28 11.38 57.36
N GLN D 122 -0.14 10.40 56.54
CA GLN D 122 -1.18 10.63 55.54
C GLN D 122 -2.35 11.36 56.17
N GLY D 123 -2.79 12.42 55.51
CA GLY D 123 -3.90 13.23 56.01
C GLY D 123 -3.49 14.37 56.91
N ALA D 124 -2.19 14.46 57.22
CA ALA D 124 -1.68 15.53 58.10
C ALA D 124 -1.66 16.89 57.38
N THR D 125 -1.93 17.97 58.12
CA THR D 125 -1.83 19.31 57.52
C THR D 125 -0.45 19.99 57.68
N LEU D 126 0.09 20.47 56.56
CA LEU D 126 1.38 21.13 56.49
C LEU D 126 1.24 22.51 55.84
N LYS D 127 1.53 23.55 56.61
CA LYS D 127 1.62 24.91 56.08
C LYS D 127 2.98 25.07 55.44
N ILE D 128 3.01 25.67 54.25
CA ILE D 128 4.27 26.02 53.59
C ILE D 128 4.35 27.55 53.42
N VAL D 129 5.42 28.11 53.97
CA VAL D 129 5.60 29.57 54.04
C VAL D 129 6.63 30.08 53.03
N THR D 130 6.60 31.38 52.80
CA THR D 130 7.47 32.09 51.85
C THR D 130 8.71 32.69 52.56
N ASP D 131 8.61 32.85 53.87
CA ASP D 131 9.73 33.32 54.68
C ASP D 131 10.77 32.21 54.80
N TYR D 132 11.82 32.30 53.97
CA TYR D 132 12.83 31.26 53.88
C TYR D 132 13.78 31.23 55.08
N ASN D 133 13.59 32.18 55.99
CA ASN D 133 14.32 32.18 57.25
C ASN D 133 13.63 31.34 58.33
N LEU D 134 12.37 30.92 58.11
CA LEU D 134 11.63 30.13 59.12
C LEU D 134 12.28 28.77 59.30
N ILE D 135 12.54 28.42 60.56
CA ILE D 135 12.99 27.08 60.95
C ILE D 135 11.76 26.20 61.14
N GLY D 136 11.60 25.23 60.24
CA GLY D 136 10.37 24.47 60.13
C GLY D 136 10.13 23.36 61.12
N ASP D 137 8.96 22.74 60.95
CA ASP D 137 8.29 21.87 61.90
C ASP D 137 7.54 20.78 61.19
N GLU D 138 7.21 19.73 61.95
CA GLU D 138 6.13 18.82 61.54
C GLU D 138 4.94 19.61 60.98
N THR D 139 4.63 20.77 61.58
CA THR D 139 3.45 21.56 61.20
C THR D 139 3.67 22.54 60.04
N THR D 140 4.90 23.03 59.89
CA THR D 140 5.20 24.08 58.93
C THR D 140 6.66 24.12 58.45
N ILE D 141 6.83 24.27 57.13
CA ILE D 141 8.15 24.42 56.49
C ILE D 141 8.16 25.64 55.56
N ALA D 142 9.36 26.13 55.22
CA ALA D 142 9.50 27.15 54.19
C ALA D 142 9.81 26.57 52.80
N CYS D 143 9.56 27.41 51.79
CA CYS D 143 9.88 27.11 50.40
C CYS D 143 10.66 28.28 49.78
N SER D 144 11.67 27.97 48.99
CA SER D 144 12.60 28.97 48.43
C SER D 144 11.98 29.86 47.36
N TYR D 145 10.85 29.42 46.82
CA TYR D 145 10.16 30.09 45.72
C TYR D 145 9.12 31.06 46.28
N GLY D 146 9.46 32.34 46.27
CA GLY D 146 8.67 33.37 46.94
C GLY D 146 7.27 33.50 46.38
N ALA D 147 7.13 33.14 45.10
CA ALA D 147 5.88 33.25 44.39
C ALA D 147 5.09 31.96 44.44
N LEU D 148 5.33 31.12 45.45
CA LEU D 148 4.60 29.86 45.56
C LEU D 148 3.09 30.06 45.70
N PRO D 149 2.63 30.89 46.68
CA PRO D 149 1.17 31.02 46.89
C PRO D 149 0.41 31.61 45.69
N GLN D 150 1.06 32.47 44.91
CA GLN D 150 0.38 33.06 43.74
C GLN D 150 0.41 32.16 42.53
N SER D 151 1.30 31.16 42.55
CA SER D 151 1.44 30.18 41.48
C SER D 151 0.42 29.04 41.55
N VAL D 152 -0.05 28.75 42.76
CA VAL D 152 -0.79 27.54 43.07
C VAL D 152 -2.19 27.92 43.60
N LYS D 153 -3.18 27.04 43.45
CA LYS D 153 -4.50 27.20 44.06
C LYS D 153 -5.02 25.90 44.71
N PRO D 154 -6.10 25.98 45.54
CA PRO D 154 -6.69 24.77 46.13
C PRO D 154 -6.89 23.69 45.07
N GLY D 155 -6.44 22.47 45.36
CA GLY D 155 -6.53 21.36 44.40
C GLY D 155 -5.22 21.03 43.72
N ASN D 156 -4.30 21.98 43.65
CA ASN D 156 -2.96 21.71 43.14
C ASN D 156 -2.21 20.73 44.02
N THR D 157 -1.37 19.90 43.40
CA THR D 157 -0.50 18.98 44.13
C THR D 157 0.90 19.58 44.19
N ILE D 158 1.54 19.47 45.35
CA ILE D 158 2.94 19.87 45.51
C ILE D 158 3.73 18.63 45.91
N LEU D 159 4.81 18.35 45.17
CA LEU D 159 5.67 17.19 45.42
C LEU D 159 6.96 17.58 46.13
N ILE D 160 7.32 16.86 47.20
CA ILE D 160 8.52 17.18 47.97
C ILE D 160 9.47 15.98 48.07
N ALA D 161 10.76 16.27 47.89
CA ALA D 161 11.86 15.29 48.00
C ALA D 161 11.73 14.15 46.99
N ASP D 162 12.04 14.45 45.73
CA ASP D 162 11.81 13.52 44.61
C ASP D 162 10.45 12.84 44.70
N GLY D 163 9.44 13.60 45.09
CA GLY D 163 8.07 13.10 45.11
C GLY D 163 7.80 12.00 46.13
N SER D 164 8.65 11.89 47.15
CA SER D 164 8.42 10.93 48.23
C SER D 164 7.24 11.37 49.08
N LEU D 165 7.00 12.69 49.09
CA LEU D 165 5.84 13.26 49.77
C LEU D 165 5.02 14.07 48.76
N SER D 166 3.74 13.72 48.63
CA SER D 166 2.81 14.53 47.88
C SER D 166 1.83 15.17 48.85
N VAL D 167 1.59 16.46 48.64
CA VAL D 167 0.58 17.20 49.39
C VAL D 167 -0.37 17.92 48.42
N LYS D 168 -1.63 18.01 48.83
CA LYS D 168 -2.66 18.68 48.04
C LYS D 168 -2.92 20.05 48.67
N VAL D 169 -2.91 21.10 47.86
CA VAL D 169 -3.13 22.46 48.34
C VAL D 169 -4.59 22.62 48.77
N VAL D 170 -4.81 23.23 49.93
CA VAL D 170 -6.15 23.42 50.46
C VAL D 170 -6.54 24.89 50.61
N GLU D 171 -5.58 25.73 50.99
CA GLU D 171 -5.83 27.16 51.20
C GLU D 171 -4.58 27.94 50.78
N VAL D 172 -4.77 29.08 50.10
CA VAL D 172 -3.65 29.95 49.73
C VAL D 172 -3.77 31.34 50.36
N GLY D 173 -2.70 31.79 50.98
CA GLY D 173 -2.61 33.15 51.50
C GLY D 173 -1.62 33.95 50.68
N SER D 174 -1.30 35.15 51.15
CA SER D 174 -0.34 36.02 50.46
C SER D 174 1.06 35.45 50.60
N ASP D 175 1.37 34.92 51.78
CA ASP D 175 2.72 34.46 52.12
C ASP D 175 2.80 33.03 52.70
N TYR D 176 1.81 32.21 52.37
CA TYR D 176 1.77 30.81 52.81
C TYR D 176 0.74 30.05 51.98
N VAL D 177 0.84 28.74 52.06
CA VAL D 177 -0.17 27.83 51.52
C VAL D 177 -0.45 26.77 52.60
N ILE D 178 -1.71 26.33 52.76
CA ILE D 178 -2.05 25.24 53.67
C ILE D 178 -2.26 23.98 52.85
N THR D 179 -1.64 22.88 53.27
CA THR D 179 -1.74 21.64 52.52
C THR D 179 -2.17 20.44 53.38
N GLN D 180 -2.49 19.33 52.71
CA GLN D 180 -2.76 18.04 53.38
C GLN D 180 -1.97 16.93 52.70
N ALA D 181 -1.19 16.19 53.49
CA ALA D 181 -0.37 15.08 52.95
C ALA D 181 -1.27 13.98 52.37
N GLN D 182 -0.89 13.49 51.19
CA GLN D 182 -1.64 12.45 50.50
C GLN D 182 -1.04 11.08 50.83
N ASN D 183 0.17 11.12 51.36
CA ASN D 183 0.84 9.92 51.87
C ASN D 183 1.70 10.19 53.11
N THR D 184 2.26 9.12 53.65
CA THR D 184 3.13 9.18 54.81
C THR D 184 4.56 9.18 54.30
N ALA D 185 5.31 10.17 54.74
CA ALA D 185 6.70 10.28 54.36
C ALA D 185 7.48 10.99 55.43
N THR D 186 8.77 10.70 55.46
CA THR D 186 9.75 11.41 56.26
C THR D 186 10.59 12.22 55.28
N ILE D 187 10.75 13.52 55.56
CA ILE D 187 11.52 14.40 54.69
C ILE D 187 12.57 15.17 55.49
N GLY D 188 13.69 15.47 54.82
CA GLY D 188 14.80 16.20 55.44
C GLY D 188 14.78 17.67 55.09
N GLU D 189 15.88 18.36 55.36
CA GLU D 189 16.02 19.77 55.06
C GLU D 189 16.46 19.99 53.62
N ARG D 190 16.06 21.12 53.05
CA ARG D 190 16.56 21.61 51.77
C ARG D 190 16.40 20.61 50.64
N LYS D 191 15.23 19.98 50.58
CA LYS D 191 14.90 18.99 49.57
C LYS D 191 14.16 19.65 48.39
N ASN D 192 14.34 19.08 47.19
CA ASN D 192 13.68 19.62 46.02
C ASN D 192 12.14 19.58 46.12
N MET D 193 11.49 20.35 45.26
CA MET D 193 10.04 20.46 45.23
C MET D 193 9.62 20.59 43.78
N ASN D 194 8.50 19.98 43.42
CA ASN D 194 7.93 20.09 42.09
C ASN D 194 6.51 20.62 42.17
N LEU D 195 6.11 21.36 41.15
CA LEU D 195 4.76 21.91 41.07
C LEU D 195 4.08 21.37 39.81
N PRO D 196 3.43 20.19 39.89
CA PRO D 196 2.68 19.65 38.74
C PRO D 196 1.70 20.66 38.13
N ASN D 197 1.71 20.75 36.79
CA ASN D 197 0.81 21.63 36.01
C ASN D 197 0.87 23.12 36.40
N VAL D 198 2.03 23.55 36.90
CA VAL D 198 2.22 24.97 37.25
C VAL D 198 3.51 25.50 36.59
N LYS D 199 3.38 26.65 35.94
CA LYS D 199 4.57 27.36 35.44
C LYS D 199 5.38 27.96 36.58
N VAL D 200 6.67 27.62 36.61
CA VAL D 200 7.60 28.19 37.57
C VAL D 200 8.14 29.52 37.04
N GLN D 201 7.85 30.58 37.77
CA GLN D 201 8.22 31.93 37.39
C GLN D 201 9.59 32.24 37.99
N LEU D 202 10.59 31.56 37.46
CA LEU D 202 11.99 31.74 37.82
C LEU D 202 12.78 31.62 36.52
N PRO D 203 13.89 32.39 36.41
CA PRO D 203 14.62 32.39 35.14
C PRO D 203 15.19 31.02 34.83
N VAL D 204 14.96 30.58 33.60
CA VAL D 204 15.54 29.34 33.11
C VAL D 204 17.05 29.51 32.96
N ILE D 205 17.46 30.68 32.50
CA ILE D 205 18.87 31.05 32.42
C ILE D 205 19.09 32.22 33.38
N GLY D 206 19.51 31.89 34.60
CA GLY D 206 19.84 32.93 35.59
C GLY D 206 21.23 33.50 35.33
N GLU D 207 21.66 34.40 36.19
CA GLU D 207 22.99 34.97 36.12
C GLU D 207 24.11 33.93 36.20
N LYS D 208 23.90 32.92 37.06
CA LYS D 208 24.80 31.78 37.19
C LYS D 208 24.87 30.99 35.88
N ASP D 209 23.72 30.66 35.30
CA ASP D 209 23.65 29.94 34.01
C ASP D 209 24.25 30.74 32.85
N LYS D 210 24.02 32.05 32.85
CA LYS D 210 24.61 32.93 31.84
C LYS D 210 26.14 32.96 31.94
N HIS D 211 26.65 33.11 33.17
CA HIS D 211 28.07 33.01 33.47
C HIS D 211 28.69 31.68 33.00
N ASP D 212 28.01 30.56 33.28
CA ASP D 212 28.52 29.25 32.83
C ASP D 212 28.56 29.12 31.30
N ILE D 213 27.51 29.61 30.64
CA ILE D 213 27.45 29.53 29.19
C ILE D 213 28.55 30.40 28.51
N LEU D 214 28.66 31.66 28.96
CA LEU D 214 29.60 32.61 28.33
C LEU D 214 31.05 32.40 28.71
N ASN D 215 31.29 32.14 30.00
CA ASN D 215 32.65 32.16 30.53
C ASN D 215 33.31 30.79 30.70
N PHE D 216 32.52 29.74 30.50
CA PHE D 216 33.03 28.37 30.43
C PHE D 216 32.67 27.74 29.09
N GLY D 217 31.37 27.65 28.82
CA GLY D 217 30.85 27.08 27.57
C GLY D 217 31.63 27.47 26.34
N ILE D 218 31.66 28.76 26.03
CA ILE D 218 32.40 29.24 24.85
C ILE D 218 33.92 28.95 24.92
N PRO D 219 34.66 29.58 25.88
CA PRO D 219 36.14 29.46 25.81
C PRO D 219 36.69 28.04 26.06
N MET D 220 35.93 27.19 26.74
CA MET D 220 36.33 25.79 27.03
C MET D 220 35.99 24.78 25.93
N GLY D 221 35.35 25.25 24.86
CA GLY D 221 35.14 24.41 23.70
C GLY D 221 34.00 23.42 23.81
N CYS D 222 33.06 23.65 24.73
CA CYS D 222 31.84 22.85 24.76
C CYS D 222 31.10 22.97 23.43
N ASN D 223 30.45 21.89 23.02
CA ASN D 223 29.82 21.78 21.70
C ASN D 223 28.32 21.91 21.78
N PHE D 224 27.76 21.56 22.94
CA PHE D 224 26.34 21.65 23.21
C PHE D 224 26.10 22.34 24.55
N ILE D 225 24.96 23.03 24.63
CA ILE D 225 24.38 23.43 25.90
C ILE D 225 23.07 22.68 26.05
N ALA D 226 22.98 21.87 27.10
CA ALA D 226 21.71 21.30 27.50
C ALA D 226 21.12 22.25 28.53
N ALA D 227 20.04 22.93 28.15
CA ALA D 227 19.39 23.88 29.04
C ALA D 227 18.35 23.17 29.90
N SER D 228 18.62 23.02 31.20
CA SER D 228 17.65 22.47 32.15
C SER D 228 16.35 23.28 32.22
N PHE D 229 15.23 22.59 32.32
CA PHE D 229 13.95 23.23 32.63
C PHE D 229 13.48 24.31 31.66
N VAL D 230 13.63 24.05 30.37
CA VAL D 230 13.09 24.93 29.36
C VAL D 230 11.56 24.85 29.39
N GLN D 231 10.93 26.02 29.52
CA GLN D 231 9.47 26.13 29.57
C GLN D 231 8.92 26.81 28.32
N SER D 232 9.78 27.50 27.58
CA SER D 232 9.35 28.37 26.48
C SER D 232 10.35 28.37 25.34
N ALA D 233 9.87 28.58 24.11
CA ALA D 233 10.75 28.81 22.96
C ALA D 233 11.60 30.08 23.10
N ASP D 234 11.08 31.09 23.80
CA ASP D 234 11.85 32.27 24.17
C ASP D 234 13.15 31.94 24.93
N ASP D 235 13.14 30.86 25.69
CA ASP D 235 14.35 30.42 26.42
C ASP D 235 15.48 30.01 25.45
N VAL D 236 15.08 29.31 24.39
CA VAL D 236 16.02 28.91 23.33
C VAL D 236 16.56 30.12 22.58
N ARG D 237 15.66 31.02 22.19
CA ARG D 237 16.04 32.27 21.54
C ARG D 237 16.96 33.12 22.43
N TYR D 238 16.65 33.17 23.72
CA TYR D 238 17.53 33.88 24.67
C TYR D 238 18.95 33.29 24.71
N ILE D 239 19.04 31.97 24.85
CA ILE D 239 20.33 31.27 24.82
C ILE D 239 21.11 31.52 23.53
N ARG D 240 20.42 31.45 22.39
CA ARG D 240 21.05 31.66 21.10
C ARG D 240 21.52 33.09 20.96
N GLY D 241 20.71 34.03 21.45
CA GLY D 241 21.10 35.43 21.56
C GLY D 241 22.36 35.57 22.40
N LEU D 242 22.40 34.88 23.55
CA LEU D 242 23.58 34.82 24.42
C LEU D 242 24.86 34.38 23.73
N LEU D 243 24.81 33.20 23.11
CA LEU D 243 25.96 32.65 22.39
C LEU D 243 26.46 33.62 21.32
N GLY D 244 25.53 34.17 20.53
CA GLY D 244 25.84 35.17 19.51
C GLY D 244 26.89 34.71 18.50
N PRO D 245 27.59 35.67 17.86
CA PRO D 245 28.60 35.31 16.88
C PRO D 245 29.71 34.44 17.47
N ARG D 246 30.14 34.74 18.70
CA ARG D 246 31.24 34.05 19.32
C ARG D 246 30.92 32.58 19.66
N GLY D 247 29.65 32.30 19.98
CA GLY D 247 29.17 30.92 20.21
C GLY D 247 28.35 30.29 19.10
N ARG D 248 28.66 30.64 17.85
CA ARG D 248 28.01 30.10 16.63
C ARG D 248 28.10 28.59 16.49
N HIS D 249 29.24 28.05 16.89
CA HIS D 249 29.60 26.63 16.78
C HIS D 249 28.98 25.76 17.88
N ILE D 250 28.13 26.37 18.71
CA ILE D 250 27.54 25.67 19.85
C ILE D 250 26.05 25.45 19.63
N ARG D 251 25.60 24.24 19.92
CA ARG D 251 24.24 23.86 19.62
C ARG D 251 23.43 23.74 20.92
N ILE D 252 22.14 24.08 20.86
CA ILE D 252 21.29 24.17 22.03
C ILE D 252 20.33 22.99 22.11
N ILE D 253 20.40 22.24 23.22
CA ILE D 253 19.52 21.11 23.51
C ILE D 253 18.63 21.40 24.73
N PRO D 254 17.44 22.00 24.51
CA PRO D 254 16.55 22.18 25.66
C PRO D 254 16.23 20.84 26.34
N LYS D 255 16.10 20.86 27.67
CA LYS D 255 15.62 19.72 28.42
C LYS D 255 14.16 19.90 28.75
N ILE D 256 13.31 18.93 28.42
CA ILE D 256 11.86 19.06 28.69
C ILE D 256 11.50 18.33 29.98
N GLU D 257 11.05 19.10 30.97
CA GLU D 257 10.98 18.63 32.37
C GLU D 257 9.64 18.80 33.06
N ASN D 258 8.74 19.60 32.47
CA ASN D 258 7.46 19.85 33.12
C ASN D 258 6.35 20.08 32.10
N VAL D 259 5.13 20.38 32.58
CA VAL D 259 3.98 20.63 31.68
C VAL D 259 4.26 21.75 30.65
N GLU D 260 4.94 22.81 31.07
CA GLU D 260 5.19 23.97 30.20
C GLU D 260 6.09 23.62 29.03
N GLY D 261 7.09 22.77 29.28
CA GLY D 261 7.95 22.28 28.21
C GLY D 261 7.18 21.41 27.24
N LEU D 262 6.21 20.65 27.76
CA LEU D 262 5.36 19.81 26.93
C LEU D 262 4.34 20.61 26.11
N VAL D 263 3.67 21.58 26.74
CA VAL D 263 2.73 22.42 26.01
C VAL D 263 3.41 23.16 24.84
N ASN D 264 4.61 23.68 25.09
CA ASN D 264 5.31 24.50 24.13
C ASN D 264 6.33 23.73 23.32
N PHE D 265 6.18 22.41 23.27
CA PHE D 265 7.22 21.57 22.70
C PHE D 265 7.50 21.83 21.22
N ASP D 266 6.43 21.96 20.42
CA ASP D 266 6.59 22.16 18.99
C ASP D 266 7.42 23.42 18.69
N GLU D 267 7.07 24.52 19.37
CA GLU D 267 7.82 25.79 19.31
C GLU D 267 9.26 25.66 19.85
N ILE D 268 9.42 25.00 21.00
CA ILE D 268 10.76 24.73 21.55
C ILE D 268 11.62 23.93 20.56
N LEU D 269 11.10 22.82 20.04
CA LEU D 269 11.84 22.04 19.03
C LEU D 269 12.18 22.80 17.71
N ALA D 270 11.27 23.68 17.28
CA ALA D 270 11.49 24.50 16.09
C ALA D 270 12.73 25.38 16.22
N GLU D 271 12.97 25.90 17.42
CA GLU D 271 14.12 26.74 17.68
C GLU D 271 15.37 25.93 18.00
N ALA D 272 15.17 24.78 18.63
CA ALA D 272 16.25 23.95 19.14
C ALA D 272 17.08 23.25 18.06
N ASP D 273 18.29 22.86 18.44
CA ASP D 273 19.13 21.98 17.62
C ASP D 273 18.90 20.49 17.95
N GLY D 274 18.21 20.21 19.05
CA GLY D 274 17.93 18.85 19.50
C GLY D 274 17.17 18.89 20.82
N ILE D 275 16.81 17.73 21.36
CA ILE D 275 16.02 17.65 22.59
C ILE D 275 16.53 16.60 23.57
N MET D 276 16.53 16.94 24.86
CA MET D 276 16.74 15.96 25.92
C MET D 276 15.43 15.78 26.68
N ILE D 277 15.04 14.52 26.85
CA ILE D 277 13.80 14.15 27.52
C ILE D 277 14.17 13.70 28.92
N ALA D 278 13.80 14.49 29.93
CA ALA D 278 14.11 14.18 31.32
C ALA D 278 12.93 13.47 31.99
N ARG D 279 12.84 12.15 31.80
CA ARG D 279 11.67 11.34 32.19
C ARG D 279 11.36 11.39 33.68
N GLY D 280 12.42 11.27 34.50
CA GLY D 280 12.31 11.29 35.95
C GLY D 280 11.66 12.55 36.46
N ASP D 281 12.06 13.66 35.87
CA ASP D 281 11.49 14.98 36.18
C ASP D 281 10.04 15.11 35.71
N LEU D 282 9.76 14.68 34.48
CA LEU D 282 8.39 14.70 33.95
C LEU D 282 7.41 13.93 34.86
N GLY D 283 7.85 12.78 35.35
CA GLY D 283 7.07 11.97 36.29
C GLY D 283 6.78 12.63 37.62
N MET D 284 7.34 13.82 37.82
CA MET D 284 7.07 14.65 39.00
C MET D 284 6.16 15.82 38.64
N GLU D 285 5.75 15.90 37.38
CA GLU D 285 5.04 17.05 36.86
C GLU D 285 3.72 16.65 36.21
N ILE D 286 3.67 15.41 35.75
CA ILE D 286 2.46 14.82 35.14
C ILE D 286 2.29 13.41 35.69
N PRO D 287 1.05 12.88 35.69
CA PRO D 287 0.85 11.49 36.10
C PRO D 287 1.89 10.56 35.49
N PRO D 288 2.43 9.60 36.29
CA PRO D 288 3.46 8.66 35.81
C PRO D 288 3.00 7.85 34.60
N GLU D 289 1.71 7.55 34.53
CA GLU D 289 1.13 6.82 33.42
C GLU D 289 0.99 7.64 32.14
N LYS D 290 1.44 8.90 32.15
CA LYS D 290 1.38 9.73 30.96
C LYS D 290 2.77 10.05 30.42
N VAL D 291 3.79 9.74 31.20
CA VAL D 291 5.17 10.00 30.79
C VAL D 291 5.60 9.19 29.57
N PHE D 292 5.21 7.91 29.49
CA PHE D 292 5.62 7.09 28.35
C PHE D 292 5.03 7.66 27.04
N LEU D 293 3.82 8.22 27.14
CA LEU D 293 3.16 8.86 26.01
C LEU D 293 3.98 10.06 25.56
N ALA D 294 4.36 10.88 26.53
CA ALA D 294 5.10 12.10 26.29
C ALA D 294 6.43 11.80 25.63
N GLN D 295 7.12 10.77 26.16
CA GLN D 295 8.41 10.34 25.61
C GLN D 295 8.30 9.89 24.16
N LYS D 296 7.34 8.98 23.90
CA LYS D 296 7.11 8.45 22.55
C LYS D 296 6.78 9.58 21.58
N MET D 297 5.90 10.48 22.02
CA MET D 297 5.45 11.61 21.21
C MET D 297 6.63 12.53 20.88
N MET D 298 7.46 12.85 21.87
CA MET D 298 8.59 13.76 21.68
C MET D 298 9.67 13.21 20.78
N ILE D 299 10.02 11.93 20.95
CA ILE D 299 10.96 11.25 20.05
C ILE D 299 10.48 11.19 18.59
N ALA D 300 9.22 10.81 18.37
CA ALA D 300 8.71 10.70 17.01
C ALA D 300 8.81 12.06 16.29
N LYS D 301 8.45 13.13 17.02
CA LYS D 301 8.47 14.50 16.49
C LYS D 301 9.88 14.96 16.15
N CYS D 302 10.85 14.57 16.97
CA CYS D 302 12.26 14.88 16.71
C CYS D 302 12.73 14.11 15.47
N ASN D 303 12.37 12.82 15.42
CA ASN D 303 12.66 11.95 14.27
C ASN D 303 12.17 12.54 12.93
N VAL D 304 10.94 13.06 12.91
CA VAL D 304 10.29 13.60 11.71
C VAL D 304 11.03 14.80 11.12
N VAL D 305 11.55 15.63 12.02
CA VAL D 305 12.17 16.87 11.65
C VAL D 305 13.69 16.73 11.70
N GLY D 306 14.17 15.50 11.95
CA GLY D 306 15.58 15.16 11.81
C GLY D 306 16.51 15.80 12.82
N LYS D 307 15.97 16.14 13.99
CA LYS D 307 16.75 16.71 15.08
C LYS D 307 17.01 15.63 16.13
N PRO D 308 18.27 15.56 16.62
CA PRO D 308 18.67 14.57 17.63
C PRO D 308 17.85 14.63 18.91
N VAL D 309 17.52 13.47 19.46
CA VAL D 309 16.85 13.39 20.75
C VAL D 309 17.62 12.45 21.66
N ILE D 310 17.85 12.90 22.89
CA ILE D 310 18.50 12.15 23.98
C ILE D 310 17.44 11.70 25.01
N THR D 311 17.39 10.40 25.31
CA THR D 311 16.53 9.89 26.37
C THR D 311 17.35 9.87 27.68
N ALA D 312 16.85 10.53 28.71
CA ALA D 312 17.69 10.78 29.89
C ALA D 312 16.98 10.50 31.21
N THR D 313 17.80 10.24 32.22
CA THR D 313 17.37 9.96 33.62
C THR D 313 16.71 8.61 33.79
N GLN D 314 16.94 8.01 34.96
CA GLN D 314 16.30 6.74 35.33
C GLN D 314 16.49 5.68 34.25
N MET D 315 17.70 5.63 33.70
CA MET D 315 18.05 4.67 32.66
C MET D 315 18.51 3.33 33.24
N LEU D 316 19.66 3.33 33.91
CA LEU D 316 20.25 2.12 34.48
C LEU D 316 20.66 2.36 35.94
N GLU D 317 19.89 3.19 36.64
CA GLU D 317 20.17 3.63 38.01
C GLU D 317 20.69 2.56 38.99
N SER D 318 20.19 1.34 38.88
CA SER D 318 20.53 0.32 39.85
C SER D 318 21.97 -0.12 39.66
N MET D 319 22.55 0.26 38.52
CA MET D 319 23.95 -0.08 38.22
C MET D 319 24.95 0.89 38.89
N ILE D 320 24.43 1.91 39.56
CA ILE D 320 25.25 2.72 40.47
C ILE D 320 25.89 1.81 41.53
N LYS D 321 25.16 0.77 41.95
CA LYS D 321 25.62 -0.12 43.01
C LYS D 321 25.80 -1.58 42.56
N ASN D 322 25.30 -1.94 41.39
CA ASN D 322 25.28 -3.34 40.91
C ASN D 322 25.96 -3.59 39.57
N PRO D 323 26.66 -4.74 39.42
CA PRO D 323 27.29 -5.01 38.12
C PRO D 323 26.33 -5.47 36.98
N ARG D 324 25.03 -5.61 37.28
CA ARG D 324 23.99 -5.92 36.28
C ARG D 324 22.76 -5.05 36.55
N PRO D 325 22.05 -4.64 35.49
CA PRO D 325 20.83 -3.84 35.66
C PRO D 325 19.65 -4.75 35.91
N THR D 326 18.50 -4.18 36.25
CA THR D 326 17.30 -4.99 36.42
C THR D 326 16.69 -5.31 35.06
N ARG D 327 15.78 -6.28 35.04
CA ARG D 327 15.03 -6.66 33.86
C ARG D 327 14.28 -5.43 33.31
N ALA D 328 13.55 -4.76 34.20
CA ALA D 328 12.82 -3.53 33.88
C ALA D 328 13.69 -2.42 33.30
N GLU D 329 14.85 -2.17 33.90
CA GLU D 329 15.77 -1.14 33.41
C GLU D 329 16.23 -1.42 32.00
N ALA D 330 16.71 -2.64 31.76
CA ALA D 330 17.18 -3.05 30.43
C ALA D 330 16.12 -2.83 29.35
N ALA D 331 14.89 -3.28 29.63
CA ALA D 331 13.73 -3.14 28.74
C ALA D 331 13.34 -1.70 28.46
N ASP D 332 13.44 -0.85 29.47
CA ASP D 332 13.21 0.60 29.33
C ASP D 332 14.22 1.26 28.37
N VAL D 333 15.48 0.89 28.51
CA VAL D 333 16.53 1.43 27.63
C VAL D 333 16.27 0.96 26.20
N ALA D 334 15.97 -0.34 26.06
CA ALA D 334 15.66 -0.97 24.77
C ALA D 334 14.47 -0.34 24.08
N ASN D 335 13.39 -0.11 24.83
CA ASN D 335 12.21 0.53 24.27
C ASN D 335 12.46 1.97 23.84
N ALA D 336 13.31 2.70 24.54
CA ALA D 336 13.70 4.05 24.09
C ALA D 336 14.37 3.98 22.71
N VAL D 337 15.25 2.99 22.54
CA VAL D 337 15.92 2.73 21.27
C VAL D 337 14.89 2.40 20.19
N LEU D 338 13.92 1.56 20.52
CA LEU D 338 12.84 1.24 19.59
C LEU D 338 11.85 2.39 19.37
N ASP D 339 11.69 3.29 20.34
CA ASP D 339 10.87 4.48 20.14
C ASP D 339 11.53 5.33 19.05
N GLY D 340 12.86 5.23 18.94
CA GLY D 340 13.65 5.92 17.92
C GLY D 340 14.63 6.96 18.46
N THR D 341 14.97 6.89 19.76
CA THR D 341 15.96 7.82 20.35
C THR D 341 17.28 7.78 19.57
N ASP D 342 17.92 8.94 19.42
CA ASP D 342 19.28 9.03 18.85
C ASP D 342 20.34 8.67 19.88
N CYS D 343 20.18 9.21 21.08
CA CYS D 343 21.08 8.93 22.20
C CYS D 343 20.36 8.45 23.44
N VAL D 344 21.10 7.77 24.29
CA VAL D 344 20.67 7.43 25.63
C VAL D 344 21.74 7.97 26.56
N MET D 345 21.31 8.51 27.71
CA MET D 345 22.22 9.18 28.62
C MET D 345 22.39 8.45 29.94
N LEU D 346 23.63 8.40 30.43
CA LEU D 346 23.91 7.92 31.77
C LEU D 346 24.21 9.10 32.68
N SER D 347 23.68 9.04 33.90
CA SER D 347 23.85 10.10 34.87
C SER D 347 24.68 9.58 36.04
N GLY D 348 24.02 9.27 37.15
CA GLY D 348 24.71 8.82 38.34
C GLY D 348 25.50 7.55 38.11
N GLU D 349 25.10 6.76 37.11
CA GLU D 349 25.72 5.48 36.80
C GLU D 349 27.21 5.66 36.44
N THR D 350 27.55 6.73 35.72
CA THR D 350 28.97 7.01 35.39
C THR D 350 29.58 8.12 36.27
N ALA D 351 28.73 9.03 36.73
CA ALA D 351 29.20 10.11 37.58
C ALA D 351 29.58 9.58 38.97
N ASN D 352 28.67 8.81 39.58
CA ASN D 352 28.77 8.42 40.98
C ASN D 352 28.64 6.91 41.26
N GLY D 353 28.89 6.07 40.27
CA GLY D 353 28.65 4.64 40.46
C GLY D 353 29.90 3.79 40.57
N GLU D 354 29.73 2.57 41.06
CA GLU D 354 30.84 1.61 41.18
C GLU D 354 31.31 0.97 39.88
N PHE D 355 30.45 0.97 38.86
CA PHE D 355 30.74 0.25 37.62
C PHE D 355 30.56 1.13 36.36
N PRO D 356 31.27 2.28 36.31
CA PRO D 356 31.08 3.26 35.23
C PRO D 356 31.41 2.69 33.84
N VAL D 357 32.42 1.84 33.76
CA VAL D 357 32.81 1.22 32.48
C VAL D 357 31.83 0.10 32.09
N ILE D 358 31.58 -0.80 33.03
CA ILE D 358 30.62 -1.88 32.84
C ILE D 358 29.24 -1.33 32.48
N THR D 359 28.86 -0.21 33.08
CA THR D 359 27.59 0.43 32.72
C THR D 359 27.53 0.92 31.25
N VAL D 360 28.52 1.67 30.80
CA VAL D 360 28.59 2.08 29.38
C VAL D 360 28.48 0.83 28.49
N GLU D 361 29.24 -0.21 28.87
CA GLU D 361 29.36 -1.43 28.11
C GLU D 361 28.04 -2.16 28.00
N THR D 362 27.33 -2.34 29.12
CA THR D 362 26.07 -3.06 29.08
C THR D 362 25.00 -2.21 28.38
N MET D 363 25.15 -0.90 28.46
CA MET D 363 24.31 0.04 27.72
C MET D 363 24.48 -0.12 26.21
N ALA D 364 25.75 -0.23 25.77
CA ALA D 364 26.06 -0.47 24.36
C ALA D 364 25.49 -1.78 23.84
N ARG D 365 25.54 -2.82 24.66
CA ARG D 365 25.04 -4.16 24.30
C ARG D 365 23.52 -4.18 24.28
N ILE D 366 22.89 -3.45 25.19
CA ILE D 366 21.44 -3.28 25.18
C ILE D 366 21.00 -2.56 23.89
N CYS D 367 21.75 -1.52 23.51
CA CYS D 367 21.48 -0.78 22.27
C CYS D 367 21.62 -1.68 21.04
N TYR D 368 22.73 -2.40 20.93
CA TYR D 368 22.93 -3.34 19.83
C TYR D 368 21.81 -4.34 19.72
N GLU D 369 21.37 -4.89 20.84
CA GLU D 369 20.31 -5.89 20.86
C GLU D 369 18.93 -5.35 20.47
N ALA D 370 18.58 -4.16 20.96
CA ALA D 370 17.30 -3.53 20.62
C ALA D 370 17.23 -3.08 19.14
N GLU D 371 18.37 -2.76 18.55
CA GLU D 371 18.46 -2.34 17.15
C GLU D 371 18.29 -3.49 16.15
N THR D 372 18.42 -4.72 16.64
CA THR D 372 18.16 -5.93 15.86
C THR D 372 16.65 -6.19 15.72
N CYS D 373 15.87 -5.61 16.63
CA CYS D 373 14.41 -5.66 16.59
C CYS D 373 13.82 -4.64 15.62
N VAL D 374 14.66 -3.71 15.15
CA VAL D 374 14.21 -2.58 14.33
C VAL D 374 13.87 -3.01 12.90
N ASP D 375 12.63 -2.74 12.51
CA ASP D 375 12.15 -2.99 11.16
C ASP D 375 12.49 -1.75 10.33
N TYR D 376 13.66 -1.79 9.69
CA TYR D 376 14.21 -0.66 8.93
C TYR D 376 13.34 -0.20 7.73
N PRO D 377 12.93 -1.14 6.85
CA PRO D 377 12.04 -0.78 5.73
C PRO D 377 10.72 -0.13 6.17
N ALA D 378 10.21 -0.54 7.33
CA ALA D 378 9.00 0.07 7.91
C ALA D 378 9.24 1.50 8.41
N LEU D 379 10.45 1.78 8.89
CA LEU D 379 10.83 3.13 9.35
C LEU D 379 10.91 4.15 8.22
N TYR D 380 11.55 3.77 7.11
CA TYR D 380 11.64 4.60 5.91
C TYR D 380 10.26 4.85 5.33
N ARG D 381 9.43 3.80 5.28
CA ARG D 381 8.06 3.91 4.80
C ARG D 381 7.22 4.86 5.65
N ALA D 382 7.34 4.74 6.98
CA ALA D 382 6.63 5.63 7.91
C ALA D 382 7.18 7.05 7.90
N MET D 383 8.45 7.20 7.55
CA MET D 383 9.12 8.50 7.49
C MET D 383 8.72 9.31 6.25
N CYS D 384 8.47 8.62 5.14
CA CYS D 384 8.02 9.26 3.91
C CYS D 384 6.60 9.83 4.03
N LEU D 385 5.76 9.14 4.78
CA LEU D 385 4.35 9.53 4.95
C LEU D 385 4.17 10.65 5.98
N ALA D 386 5.04 10.68 7.00
CA ALA D 386 4.96 11.67 8.08
C ALA D 386 5.60 13.02 7.70
N VAL D 387 6.75 12.97 7.04
CA VAL D 387 7.46 14.18 6.61
C VAL D 387 7.01 14.62 5.20
N PRO D 390 5.76 20.48 1.81
CA PRO D 390 6.40 19.37 1.12
C PRO D 390 7.84 19.18 1.59
N ILE D 391 8.64 18.42 0.82
CA ILE D 391 10.05 18.17 1.18
C ILE D 391 11.05 18.73 0.17
N SER D 392 12.17 19.21 0.71
CA SER D 392 13.20 19.89 -0.06
C SER D 392 14.06 18.98 -0.94
N THR D 393 14.82 19.63 -1.82
CA THR D 393 15.81 19.00 -2.69
C THR D 393 16.84 18.14 -1.94
N GLN D 394 17.42 18.72 -0.88
CA GLN D 394 18.41 18.06 -0.03
C GLN D 394 17.86 16.81 0.66
N GLU D 395 16.64 16.89 1.16
CA GLU D 395 15.97 15.74 1.79
C GLU D 395 15.51 14.68 0.77
N ALA D 396 15.27 15.11 -0.46
CA ALA D 396 14.91 14.17 -1.52
C ALA D 396 16.11 13.29 -1.89
N VAL D 397 17.27 13.91 -2.06
CA VAL D 397 18.53 13.20 -2.37
C VAL D 397 19.00 12.32 -1.20
N ALA D 398 18.80 12.78 0.03
CA ALA D 398 19.12 11.98 1.21
C ALA D 398 18.27 10.71 1.21
N ARG D 399 16.96 10.87 1.03
CA ARG D 399 16.02 9.75 0.96
C ARG D 399 16.33 8.82 -0.22
N ALA D 400 16.69 9.39 -1.35
CA ALA D 400 17.04 8.61 -2.55
C ALA D 400 18.30 7.78 -2.33
N ALA D 401 19.19 8.26 -1.46
CA ALA D 401 20.42 7.55 -1.12
C ALA D 401 20.13 6.34 -0.23
N VAL D 402 19.25 6.53 0.74
CA VAL D 402 18.86 5.43 1.62
C VAL D 402 18.19 4.30 0.82
N GLU D 403 17.22 4.68 -0.02
CA GLU D 403 16.55 3.75 -0.93
C GLU D 403 17.52 3.01 -1.85
N THR D 404 18.46 3.73 -2.45
CA THR D 404 19.41 3.16 -3.41
C THR D 404 20.36 2.18 -2.73
N ALA D 405 20.76 2.52 -1.51
CA ALA D 405 21.64 1.66 -0.72
C ALA D 405 21.00 0.31 -0.43
N GLU D 406 19.71 0.32 -0.04
CA GLU D 406 18.95 -0.91 0.16
C GLU D 406 18.89 -1.68 -1.15
N CYS D 407 18.48 -0.96 -2.19
CA CYS D 407 18.28 -1.50 -3.52
C CYS D 407 19.51 -2.21 -4.05
N VAL D 408 20.66 -1.59 -3.83
CA VAL D 408 21.93 -2.03 -4.40
C VAL D 408 22.72 -2.94 -3.41
N ASN D 409 22.22 -3.02 -2.19
CA ASN D 409 22.85 -3.79 -1.09
C ASN D 409 24.24 -3.24 -0.77
N ALA D 410 24.33 -1.92 -0.62
CA ALA D 410 25.59 -1.23 -0.33
C ALA D 410 26.13 -1.52 1.07
N ALA D 411 27.46 -1.57 1.18
CA ALA D 411 28.14 -1.75 2.47
C ALA D 411 28.01 -0.52 3.37
N ILE D 412 28.25 0.66 2.79
CA ILE D 412 28.19 1.93 3.53
C ILE D 412 27.58 3.08 2.73
N ILE D 413 27.07 4.07 3.46
CA ILE D 413 26.73 5.36 2.88
C ILE D 413 27.75 6.40 3.35
N LEU D 414 28.43 7.03 2.40
CA LEU D 414 29.33 8.13 2.70
C LEU D 414 28.57 9.45 2.61
N ALA D 415 28.63 10.24 3.68
CA ALA D 415 28.00 11.55 3.73
C ALA D 415 29.06 12.64 3.85
N LEU D 416 29.31 13.34 2.74
CA LEU D 416 30.19 14.49 2.72
C LEU D 416 29.42 15.72 3.18
N THR D 417 29.93 16.38 4.21
CA THR D 417 29.17 17.43 4.86
C THR D 417 30.06 18.46 5.53
N GLU D 418 29.64 19.73 5.47
CA GLU D 418 30.37 20.77 6.17
C GLU D 418 29.61 21.24 7.40
N THR D 419 28.28 21.30 7.29
CA THR D 419 27.43 21.76 8.39
C THR D 419 26.82 20.59 9.15
N GLY D 420 27.03 19.37 8.67
CA GLY D 420 26.39 18.20 9.26
C GLY D 420 25.10 17.79 8.57
N GLN D 421 24.44 18.75 7.90
CA GLN D 421 23.08 18.59 7.38
C GLN D 421 22.86 17.34 6.54
N THR D 422 23.81 17.03 5.67
CA THR D 422 23.73 15.86 4.78
C THR D 422 23.67 14.56 5.59
N ALA D 423 24.56 14.45 6.60
CA ALA D 423 24.61 13.26 7.45
C ALA D 423 23.34 13.06 8.28
N ARG D 424 22.83 14.15 8.85
CA ARG D 424 21.58 14.14 9.61
C ARG D 424 20.34 13.78 8.78
N LEU D 425 20.32 14.17 7.51
CA LEU D 425 19.15 13.88 6.67
C LEU D 425 19.12 12.43 6.24
N ILE D 426 20.28 11.85 5.98
CA ILE D 426 20.39 10.42 5.71
C ILE D 426 20.03 9.60 6.94
N ALA D 427 20.57 9.99 8.09
CA ALA D 427 20.36 9.28 9.34
C ALA D 427 18.90 9.28 9.84
N LYS D 428 18.15 10.34 9.58
CA LYS D 428 16.74 10.36 9.98
C LYS D 428 15.90 9.31 9.24
N TYR D 429 16.41 8.84 8.10
CA TYR D 429 15.77 7.75 7.35
C TYR D 429 16.26 6.39 7.86
N ARG D 430 17.20 6.42 8.81
CA ARG D 430 17.65 5.23 9.52
C ARG D 430 18.05 4.08 8.58
N PRO D 431 19.08 4.28 7.73
CA PRO D 431 19.51 3.16 6.87
C PRO D 431 20.12 2.00 7.67
N MET D 432 19.99 0.79 7.15
CA MET D 432 20.54 -0.41 7.78
C MET D 432 22.06 -0.42 7.74
N GLN D 433 22.60 0.26 6.72
CA GLN D 433 24.05 0.42 6.55
C GLN D 433 24.61 1.57 7.37
N PRO D 434 25.89 1.45 7.77
CA PRO D 434 26.61 2.53 8.43
C PRO D 434 26.70 3.78 7.54
N ILE D 435 26.62 4.96 8.18
CA ILE D 435 26.80 6.24 7.51
C ILE D 435 28.15 6.78 7.96
N LEU D 436 29.12 6.84 7.05
CA LEU D 436 30.43 7.38 7.37
C LEU D 436 30.44 8.82 6.89
N ALA D 437 30.39 9.74 7.85
CA ALA D 437 30.37 11.16 7.54
C ALA D 437 31.78 11.72 7.45
N LEU D 438 32.03 12.47 6.38
CA LEU D 438 33.34 13.05 6.09
C LEU D 438 33.25 14.56 6.09
N SER D 439 34.04 15.22 6.94
CA SER D 439 33.96 16.67 7.07
C SER D 439 35.30 17.30 7.38
N ALA D 440 35.53 18.48 6.81
CA ALA D 440 36.70 19.30 7.15
C ALA D 440 36.48 20.08 8.46
N SER D 441 35.23 20.14 8.91
CA SER D 441 34.83 20.95 10.07
C SER D 441 34.88 20.15 11.38
N GLU D 442 35.84 20.51 12.22
CA GLU D 442 36.05 19.87 13.51
C GLU D 442 34.80 19.91 14.41
N SER D 443 34.11 21.05 14.44
CA SER D 443 32.94 21.17 15.30
C SER D 443 31.71 20.41 14.75
N THR D 444 31.56 20.39 13.42
CA THR D 444 30.54 19.53 12.78
C THR D 444 30.77 18.07 13.15
N ILE D 445 32.05 17.66 13.14
CA ILE D 445 32.40 16.31 13.57
C ILE D 445 31.97 16.08 15.01
N LYS D 446 32.20 17.07 15.88
CA LYS D 446 31.73 16.99 17.27
C LYS D 446 30.20 16.96 17.35
N HIS D 447 29.52 17.84 16.62
CA HIS D 447 28.04 17.85 16.64
C HIS D 447 27.42 16.50 16.23
N LEU D 448 28.08 15.82 15.31
CA LEU D 448 27.60 14.56 14.76
C LEU D 448 27.69 13.37 15.75
N GLN D 449 28.33 13.60 16.90
CA GLN D 449 28.50 12.55 17.94
C GLN D 449 27.16 12.17 18.57
N VAL D 450 26.13 12.93 18.23
CA VAL D 450 24.82 12.87 18.86
C VAL D 450 23.76 12.27 17.88
N ILE D 451 24.19 11.99 16.64
CA ILE D 451 23.31 11.49 15.58
C ILE D 451 23.38 9.97 15.43
N ARG D 452 22.23 9.29 15.62
CA ARG D 452 22.21 7.82 15.56
C ARG D 452 22.63 7.28 14.19
N GLY D 453 23.51 6.28 14.19
CA GLY D 453 23.89 5.57 12.97
C GLY D 453 25.01 6.20 12.18
N VAL D 454 25.51 7.35 12.64
CA VAL D 454 26.61 8.05 11.97
C VAL D 454 27.95 7.75 12.66
N THR D 455 28.97 7.42 11.89
CA THR D 455 30.34 7.49 12.37
C THR D 455 31.10 8.55 11.58
N THR D 456 32.19 8.99 12.14
CA THR D 456 32.74 10.28 11.80
C THR D 456 34.19 10.14 11.40
N MET D 457 34.59 10.85 10.34
CA MET D 457 36.00 10.95 9.97
C MET D 457 36.33 12.38 9.56
N GLN D 458 37.31 12.97 10.23
CA GLN D 458 37.80 14.30 9.90
C GLN D 458 38.70 14.25 8.69
N VAL D 459 38.54 15.26 7.83
CA VAL D 459 39.14 15.28 6.51
C VAL D 459 39.84 16.64 6.28
N PRO D 460 40.90 16.68 5.44
CA PRO D 460 41.51 17.97 5.06
C PRO D 460 40.57 18.93 4.31
N SER D 461 40.98 20.20 4.20
CA SER D 461 40.13 21.25 3.65
C SER D 461 40.26 21.44 2.12
N PHE D 462 39.79 20.44 1.38
CA PHE D 462 39.70 20.51 -0.10
C PHE D 462 38.31 20.04 -0.57
N GLY D 464 38.81 19.19 -4.25
CA GLY D 464 37.91 18.27 -4.95
C GLY D 464 37.20 17.32 -4.01
N THR D 465 36.02 16.87 -4.43
CA THR D 465 35.18 15.99 -3.60
C THR D 465 35.28 14.50 -4.00
N ASP D 466 35.63 14.24 -5.27
CA ASP D 466 35.89 12.88 -5.75
C ASP D 466 37.19 12.34 -5.14
N HIS D 467 38.05 13.25 -4.70
CA HIS D 467 39.32 12.94 -4.02
C HIS D 467 39.09 12.42 -2.59
N VAL D 468 38.23 13.13 -1.84
CA VAL D 468 37.88 12.76 -0.46
C VAL D 468 37.23 11.37 -0.36
N ILE D 469 36.44 11.00 -1.38
CA ILE D 469 35.82 9.68 -1.45
C ILE D 469 36.85 8.56 -1.62
N ARG D 470 37.85 8.79 -2.48
CA ARG D 470 38.92 7.82 -2.71
C ARG D 470 39.72 7.54 -1.43
N ASN D 471 39.98 8.58 -0.64
CA ASN D 471 40.70 8.46 0.63
C ASN D 471 39.86 7.77 1.72
N ALA D 472 38.54 7.87 1.59
CA ALA D 472 37.61 7.22 2.50
C ALA D 472 37.36 5.75 2.15
N ILE D 473 37.46 5.42 0.86
CA ILE D 473 37.42 4.02 0.40
C ILE D 473 38.76 3.29 0.63
N VAL D 474 39.86 4.05 0.66
CA VAL D 474 41.20 3.46 0.90
C VAL D 474 41.53 3.37 2.39
N VAL D 475 40.58 3.73 3.24
CA VAL D 475 40.72 3.62 4.69
C VAL D 475 39.67 2.64 5.24
N ALA D 476 38.47 2.68 4.66
CA ALA D 476 37.41 1.73 5.00
C ALA D 476 37.88 0.29 4.74
N LYS D 477 38.60 0.11 3.62
CA LYS D 477 39.29 -1.14 3.33
C LYS D 477 40.10 -1.62 4.54
N GLU D 478 40.88 -0.71 5.12
CA GLU D 478 41.67 -1.01 6.31
C GLU D 478 40.79 -1.35 7.52
N ARG D 479 40.10 -0.26 8.08
CA ARG D 479 39.18 -0.47 9.22
C ARG D 479 37.94 -1.26 8.78
N LEU D 481 35.45 -2.52 7.06
CA LEU D 481 34.20 -1.82 6.69
C LEU D 481 33.70 -2.24 5.31
N VAL D 482 34.47 -1.92 4.27
CA VAL D 482 34.17 -2.37 2.90
C VAL D 482 35.25 -3.31 2.39
N THR D 483 34.88 -4.16 1.43
CA THR D 483 35.86 -4.96 0.70
C THR D 483 35.65 -4.81 -0.80
N GLU D 484 36.76 -4.78 -1.53
CA GLU D 484 36.78 -4.64 -2.99
C GLU D 484 35.63 -5.38 -3.67
N GLY D 485 34.84 -4.66 -4.46
CA GLY D 485 33.72 -5.25 -5.19
C GLY D 485 32.37 -4.88 -4.61
N GLU D 486 32.36 -4.45 -3.36
CA GLU D 486 31.12 -4.02 -2.71
C GLU D 486 30.69 -2.63 -3.17
N SER D 487 29.41 -2.36 -3.08
CA SER D 487 28.86 -1.08 -3.50
C SER D 487 28.85 -0.05 -2.37
N ILE D 488 29.17 1.19 -2.73
CA ILE D 488 29.12 2.32 -1.81
C ILE D 488 28.22 3.39 -2.43
N VAL D 489 27.40 4.02 -1.60
CA VAL D 489 26.66 5.20 -2.00
C VAL D 489 27.30 6.40 -1.30
N ALA D 490 27.71 7.40 -2.08
CA ALA D 490 28.23 8.67 -1.55
C ALA D 490 27.25 9.81 -1.81
N VAL D 491 27.15 10.76 -0.87
CA VAL D 491 26.24 11.90 -0.98
C VAL D 491 26.93 13.23 -0.65
N HIS D 492 26.64 14.29 -1.40
CA HIS D 492 27.18 15.62 -1.15
C HIS D 492 26.16 16.74 -1.34
N GLY D 493 26.18 17.74 -0.46
CA GLY D 493 25.28 18.92 -0.55
C GLY D 493 25.99 20.26 -0.78
N MET D 494 25.28 21.38 -0.53
CA MET D 494 25.86 22.75 -0.61
C MET D 494 25.25 23.77 0.41
N LYS D 495 25.00 23.29 1.63
CA LYS D 495 24.06 23.93 2.57
C LYS D 495 24.63 25.06 3.39
N SER D 501 20.87 25.78 -4.01
CA SER D 501 22.03 24.96 -3.68
C SER D 501 21.80 23.53 -4.17
N SER D 502 22.75 23.01 -4.96
CA SER D 502 22.61 21.68 -5.57
C SER D 502 23.06 20.53 -4.65
N ASN D 503 22.58 19.32 -4.96
CA ASN D 503 22.90 18.09 -4.24
C ASN D 503 23.25 16.92 -5.17
N LEU D 504 24.17 16.05 -4.75
CA LEU D 504 24.68 14.93 -5.58
C LEU D 504 24.60 13.58 -4.87
N LEU D 505 24.60 12.53 -5.66
CA LEU D 505 24.54 11.15 -5.15
C LEU D 505 25.30 10.27 -6.12
N LYS D 506 26.37 9.64 -5.64
CA LYS D 506 27.14 8.72 -6.47
C LYS D 506 27.01 7.29 -5.99
N VAL D 507 26.82 6.36 -6.92
CA VAL D 507 26.99 4.94 -6.60
C VAL D 507 28.26 4.43 -7.29
N LEU D 508 29.22 4.01 -6.47
CA LEU D 508 30.49 3.44 -6.99
C LEU D 508 30.75 2.04 -6.44
N THR D 509 31.64 1.31 -7.11
CA THR D 509 31.99 -0.04 -6.70
C THR D 509 33.46 -0.09 -6.26
N VAL D 510 33.69 -0.42 -4.99
CA VAL D 510 35.01 -0.39 -4.36
C VAL D 510 36.12 -1.09 -5.18
N GLU D 511 37.28 -0.45 -5.22
CA GLU D 511 38.47 -0.96 -5.88
C GLU D 511 38.93 -2.28 -5.27
#